data_9M1J
#
_entry.id   9M1J
#
loop_
_entity.id
_entity.type
_entity.pdbx_description
1 polymer 'Tubulin-specific chaperone D'
2 polymer 'Tubulin-specific chaperone E'
3 polymer 'ADP-ribosylation factor-like protein 2'
4 polymer 'Tubulin beta chain'
5 non-polymer "GUANOSINE-5'-TRIPHOSPHATE"
6 non-polymer 'MAGNESIUM ION'
#
loop_
_entity_poly.entity_id
_entity_poly.type
_entity_poly.pdbx_seq_one_letter_code
_entity_poly.pdbx_strand_id
1 'polypeptide(L)'
;ETLAFGAALEAFGESAETRALLGRLREVHGGGAEREVALERFRVIMDKYQEQPHLLDPHLEWMMNLLLDIVQDQTSPASL
VHLAFKFLYIITKVRGYKTFLRLFPHEVADVEPVLDLVTIQNPKDHEAWETRYMLLLWLSVTCLIPFDFSRLDGNLLTQP
GQARMSIMDRILQIAESYLIVSDKARDAAAVLVSRFITRPDVKQSKMAEFLDWSLCNLARSSFQTMQGVITMDGTLQALA
QIFKHGKREDCLPYAATVLRCLDGCRLPESNQTLLRKLGVKLVQRLGLTFLKPKVAAWRYQRGCRSLAANLQLLTQGQSE
QKPLILTEDDDEDDDVPEGVERVIEQLLVGLKDKDTVVRWSAAKGIGRMAGRLPRALADDVVGSVLDCFSFQETDKAWHG
GCLALAELGRRGLLLPSRLVDVVAVILKALTYDEKRGACSVGTNVRDAACYVCWAFARAYEPQELKPFVTAISSALVIAA
VFDRDINCRRAASAAFQENVGRQGTFPHGIDILTTADYFAVGNRSNCFLVISVFIAGFPEYTQPMIDHLVTMKISHWDGV
IRELAARALHNLAQQAPEFSATQVFPRLLSMTLSPDLHMRHGSILACAEVAYALYKLAAQENRPVTDHLDEQAVQGLKQI
HQQLYDRQLYRGLGGQLMRQAVCVLIEKLSLSKMPFRGDTVIDGWQWLINDTLRHLHLISSHSRQQMKDAAVSALAALCS
EYYMKEPGEADPAIQEELITQYLAELRNPEEMTRCGFSLALGALPGFLLKGRLQQVLTGLRAVTHTSPEDVSFAESRRDG
LKAIARICQTVGVKAGAPDEAVCGENVSQIYCALLGCMDDYTTDSRGDVGTWVRKAAMTSLMDLTLLLARSQPELIEAHT
CERIMCCVAQQASEKIDRFRAHAASVFLTLLHFDSPPIPHVPHRGELEKLFPRSDVASVNWSAPSQAFPRITQLLGLPTY
RYHVLLGLVVSLGGLTESTIRHSTQSLFEYMKGIQSDPQALGSFSGTLLQIFEDNLLNERVSVPLLKTLDHVLTHGCFDI
FTTEEDHPFAVKLLALCKKEIKNSKDIQKLLSGIAVFCEMVQFPGDVRRQALLQLCLLLCHRFPLIRKTTASQVYETLLT
YSDVVGADVLDEVVTVLSDTAWDAELAVVREQRNRLCDLLGVPRPQLV
;
D
2 'polypeptide(L)'
;LQEVSLRNCAVSCAGEKGGVAEACPNIRKVDLSKNLLSSWDEVIHIADQLRHLEVLNVSENKLKFPSGSVLTGTLSVLKV
LVLNQTGITWAEVLRCVAGCPGLEELYLESNNIFISERPTDVLQTVKLLDLSSNQLIDENQLYLIAHLPRLEQLILSDTG
ISSLHFPDAGIGCKTSMFPSLKYLVVNDNQISQWSFFNELEKLPSLRALSCLRNPLTKEDKEAETARLLIIASIGQLKTL
NKCEILPEERRRAELDYRKAFGNEWKQAGGHKDPEKNRLSEEFLTAHPRYQFLCLKYGAPEDWELKTQQPLMLKNQLLTL
KIKYPHQLDQKVLEKQLPGSMTIQKVKGLLSRLLKVPVSDLLLSYESPKKPGREIELENDLKSLQFYSVENGDCLLVRW
;
E
3 'polypeptide(L)'
;MGLLTILKKMKQKERELRLLMLGLDNAGKTTILKKFNGEDIDTISPTLGFNIKTLEHRGFKLNIWDVGGQKSLRSYWRNY
FESTDGLIWVVDSADRQRMQDCQRELQSLLVEERLAGATLLIFANKQDLPGALSSNAIREVLELDSIRSHHWCIQGCSAV
TGENLLPGIDWLLDDISSRIFTAD
;
G
4 'polypeptide(L)'
;MREIVHIQAGQCGNQIGAKFWEVISDEHGIDPTGTYHGDSDLQLDRISVYYNEATGGKYVPRAILVDLEPGTMDSVRSGP
FGQIFRPDNFVFGQSGAGNNWAKGHYTEGAELVDSVLDVVRKEAESCDCLQGFQLTHSLGGGTGSGMGTLLISKIREEYP
DRIMNTFSVVPSPKVSDTVVEPYNATLSVHQLVENTDETYCIDNEALYDICFRTLKLTTPTYGDLNHLVSATMSGVTTCL
RFPGQLNADLRKLAVNMVPFPRLHFFMPGFAPLTSRGSQQYRALTVPELTQQVFDAKNMMAACDPRHGRYLTVAAVFRGR
MSMKEVDEQMLNVQNKNSSYFVEWIPNNVKTAVCDIPPRGLKMAVTFIGNSTAIQELFKRISEQFTAMFRRKAFLHWYTG
EGMDEMEFTEAESNMNDLVSEYQQYQDATAE
;
b
#
loop_
_chem_comp.id
_chem_comp.type
_chem_comp.name
_chem_comp.formula
GTP non-polymer GUANOSINE-5'-TRIPHOSPHATE 'C10 H16 N5 O14 P3'
MG non-polymer 'MAGNESIUM ION' 'Mg 2'
#
# COMPACT_ATOMS: atom_id res chain seq x y z
N GLU A 1 -16.62 -29.79 -55.56
CA GLU A 1 -15.62 -28.74 -55.59
C GLU A 1 -16.26 -27.36 -55.66
N THR A 2 -17.36 -27.19 -54.93
CA THR A 2 -18.07 -25.92 -54.91
C THR A 2 -18.43 -25.53 -53.48
N LEU A 3 -19.20 -26.37 -52.79
CA LEU A 3 -19.60 -26.12 -51.41
C LEU A 3 -18.54 -26.73 -50.49
N ALA A 4 -17.85 -25.87 -49.74
CA ALA A 4 -16.81 -26.29 -48.83
C ALA A 4 -17.04 -25.66 -47.45
N PHE A 5 -17.19 -26.50 -46.43
CA PHE A 5 -17.48 -25.96 -45.07
C PHE A 5 -16.20 -25.99 -44.22
N GLY A 6 -15.91 -24.88 -43.53
CA GLY A 6 -14.71 -24.81 -42.66
C GLY A 6 -14.84 -25.73 -41.46
N ALA A 7 -13.72 -26.20 -40.91
CA ALA A 7 -13.74 -27.12 -39.75
C ALA A 7 -14.42 -26.45 -38.56
N ALA A 8 -15.21 -27.21 -37.79
CA ALA A 8 -15.95 -26.62 -36.65
C ALA A 8 -15.38 -27.14 -35.33
N LEU A 9 -15.51 -26.35 -34.26
CA LEU A 9 -15.00 -26.76 -32.93
C LEU A 9 -16.12 -26.59 -31.88
N GLU A 10 -16.21 -27.52 -30.93
CA GLU A 10 -17.27 -27.45 -29.89
C GLU A 10 -17.02 -26.24 -28.99
N ALA A 11 -18.07 -25.46 -28.71
CA ALA A 11 -17.94 -24.30 -27.80
C ALA A 11 -17.54 -24.79 -26.41
N PHE A 12 -18.43 -25.53 -25.74
CA PHE A 12 -18.11 -26.09 -24.40
C PHE A 12 -16.93 -27.06 -24.52
N GLY A 13 -15.95 -26.95 -23.64
CA GLY A 13 -14.75 -27.80 -23.72
C GLY A 13 -14.49 -28.57 -22.43
N GLU A 14 -15.41 -28.48 -21.47
CA GLU A 14 -15.23 -29.16 -20.15
C GLU A 14 -16.18 -30.36 -20.06
N SER A 15 -16.82 -30.73 -21.17
CA SER A 15 -17.82 -31.84 -21.14
C SER A 15 -17.24 -33.03 -20.36
N ALA A 16 -16.03 -33.46 -20.70
CA ALA A 16 -15.40 -34.62 -20.02
C ALA A 16 -15.14 -34.28 -18.55
N GLU A 17 -14.19 -33.38 -18.28
CA GLU A 17 -13.90 -32.96 -16.91
C GLU A 17 -15.19 -32.75 -16.12
N THR A 18 -16.17 -32.06 -16.72
CA THR A 18 -17.44 -31.84 -16.04
C THR A 18 -18.18 -33.15 -15.81
N ARG A 19 -18.13 -34.06 -16.79
CA ARG A 19 -18.78 -35.36 -16.63
C ARG A 19 -18.14 -36.15 -15.49
N ALA A 20 -16.82 -36.13 -15.40
CA ALA A 20 -16.14 -36.84 -14.32
C ALA A 20 -16.44 -36.20 -12.98
N LEU A 21 -16.50 -34.88 -12.92
CA LEU A 21 -16.81 -34.19 -11.67
C LEU A 21 -18.23 -34.48 -11.21
N LEU A 22 -19.18 -34.61 -12.16
CA LEU A 22 -20.55 -34.93 -11.79
C LEU A 22 -20.71 -36.40 -11.45
N GLY A 23 -19.87 -37.27 -12.02
CA GLY A 23 -19.96 -38.69 -11.70
C GLY A 23 -19.29 -39.07 -10.41
N ARG A 24 -18.24 -38.35 -10.02
CA ARG A 24 -17.52 -38.64 -8.79
C ARG A 24 -18.11 -37.95 -7.57
N LEU A 25 -19.35 -37.43 -7.68
CA LEU A 25 -19.97 -36.74 -6.56
C LEU A 25 -20.28 -37.68 -5.40
N ARG A 26 -20.35 -38.99 -5.64
CA ARG A 26 -20.65 -39.93 -4.57
C ARG A 26 -19.44 -40.22 -3.68
N GLU A 27 -18.25 -39.77 -4.08
CA GLU A 27 -17.03 -39.97 -3.30
C GLU A 27 -16.35 -38.65 -2.95
N VAL A 28 -17.14 -37.58 -2.83
CA VAL A 28 -16.61 -36.26 -2.52
C VAL A 28 -17.36 -35.70 -1.31
N HIS A 29 -18.64 -36.04 -1.18
CA HIS A 29 -19.44 -35.52 -0.09
C HIS A 29 -18.96 -36.02 1.27
N GLY A 30 -18.16 -37.09 1.29
CA GLY A 30 -17.63 -37.58 2.55
C GLY A 30 -16.60 -36.65 3.16
N GLY A 31 -15.74 -36.06 2.33
CA GLY A 31 -14.72 -35.16 2.79
C GLY A 31 -15.20 -33.72 2.79
N GLY A 32 -14.49 -32.87 3.52
CA GLY A 32 -14.88 -31.47 3.59
C GLY A 32 -14.13 -30.60 2.59
N ALA A 33 -12.83 -30.83 2.46
CA ALA A 33 -12.02 -30.04 1.53
C ALA A 33 -12.33 -30.43 0.09
N GLU A 34 -12.62 -31.72 -0.14
CA GLU A 34 -12.96 -32.17 -1.49
C GLU A 34 -14.23 -31.51 -1.99
N ARG A 35 -15.22 -31.36 -1.10
CA ARG A 35 -16.46 -30.67 -1.47
C ARG A 35 -16.17 -29.24 -1.89
N GLU A 36 -15.34 -28.53 -1.14
CA GLU A 36 -15.03 -27.14 -1.47
C GLU A 36 -14.27 -27.05 -2.78
N VAL A 37 -13.33 -27.96 -3.01
CA VAL A 37 -12.56 -27.95 -4.25
C VAL A 37 -13.47 -28.21 -5.44
N ALA A 38 -14.37 -29.20 -5.31
CA ALA A 38 -15.29 -29.50 -6.40
C ALA A 38 -16.23 -28.33 -6.65
N LEU A 39 -16.70 -27.68 -5.59
CA LEU A 39 -17.58 -26.52 -5.73
C LEU A 39 -16.87 -25.39 -6.47
N GLU A 40 -15.63 -25.11 -6.07
CA GLU A 40 -14.85 -24.03 -6.72
C GLU A 40 -14.65 -24.35 -8.20
N ARG A 41 -14.12 -25.54 -8.50
CA ARG A 41 -13.84 -25.91 -9.91
C ARG A 41 -15.13 -25.89 -10.71
N PHE A 42 -16.20 -26.48 -10.18
CA PHE A 42 -17.49 -26.54 -10.92
C PHE A 42 -17.94 -25.12 -11.26
N ARG A 43 -17.84 -24.20 -10.30
CA ARG A 43 -18.28 -22.80 -10.53
C ARG A 43 -17.36 -22.14 -11.56
N VAL A 44 -16.05 -22.19 -11.34
CA VAL A 44 -15.10 -21.49 -12.26
C VAL A 44 -15.44 -21.84 -13.70
N ILE A 45 -15.66 -23.13 -13.99
CA ILE A 45 -15.93 -23.57 -15.40
C ILE A 45 -17.21 -22.89 -15.89
N MET A 46 -18.25 -22.86 -15.03
CA MET A 46 -19.55 -22.25 -15.43
C MET A 46 -19.33 -20.76 -15.72
N ASP A 47 -18.55 -20.08 -14.88
CA ASP A 47 -18.30 -18.63 -15.05
C ASP A 47 -17.58 -18.38 -16.38
N LYS A 48 -16.96 -19.41 -16.95
CA LYS A 48 -16.20 -19.26 -18.22
C LYS A 48 -17.17 -18.92 -19.36
N TYR A 49 -18.37 -19.51 -19.36
CA TYR A 49 -19.35 -19.29 -20.46
C TYR A 49 -20.44 -18.33 -19.98
N GLN A 50 -20.13 -17.48 -19.00
CA GLN A 50 -21.16 -16.56 -18.43
C GLN A 50 -21.58 -15.54 -19.49
N GLU A 51 -20.63 -14.96 -20.24
CA GLU A 51 -20.98 -13.91 -21.18
C GLU A 51 -21.94 -14.44 -22.25
N GLN A 52 -21.71 -15.67 -22.73
CA GLN A 52 -22.54 -16.31 -23.74
C GLN A 52 -23.01 -17.67 -23.22
N PRO A 53 -24.06 -17.70 -22.40
CA PRO A 53 -24.54 -18.99 -21.89
C PRO A 53 -25.34 -19.78 -22.90
N HIS A 54 -25.57 -19.24 -24.10
CA HIS A 54 -26.35 -19.97 -25.10
C HIS A 54 -25.54 -21.10 -25.73
N LEU A 55 -24.21 -21.05 -25.61
CA LEU A 55 -23.37 -22.10 -26.19
C LEU A 55 -23.47 -23.41 -25.41
N LEU A 56 -23.97 -23.37 -24.17
CA LEU A 56 -24.11 -24.56 -23.35
C LEU A 56 -25.51 -25.17 -23.45
N ASP A 57 -26.28 -24.83 -24.49
CA ASP A 57 -27.62 -25.38 -24.62
C ASP A 57 -27.63 -26.89 -24.86
N PRO A 58 -26.83 -27.45 -25.77
CA PRO A 58 -26.84 -28.92 -25.92
C PRO A 58 -26.26 -29.64 -24.72
N HIS A 59 -25.47 -28.96 -23.89
CA HIS A 59 -24.87 -29.55 -22.71
C HIS A 59 -25.68 -29.32 -21.43
N LEU A 60 -27.00 -29.22 -21.55
CA LEU A 60 -27.87 -29.01 -20.41
C LEU A 60 -28.88 -30.13 -20.17
N GLU A 61 -28.74 -31.25 -20.88
CA GLU A 61 -29.65 -32.38 -20.71
C GLU A 61 -28.99 -33.53 -19.96
N TRP A 62 -27.78 -33.90 -20.37
CA TRP A 62 -27.08 -34.99 -19.69
C TRP A 62 -26.67 -34.61 -18.27
N MET A 63 -26.43 -33.33 -18.02
CA MET A 63 -26.12 -32.90 -16.66
C MET A 63 -27.36 -33.00 -15.77
N MET A 64 -28.52 -32.57 -16.28
CA MET A 64 -29.74 -32.69 -15.50
C MET A 64 -30.13 -34.15 -15.28
N ASN A 65 -29.94 -34.99 -16.29
CA ASN A 65 -30.24 -36.41 -16.17
C ASN A 65 -29.34 -37.12 -15.16
N LEU A 66 -28.16 -36.57 -14.87
CA LEU A 66 -27.29 -37.14 -13.85
C LEU A 66 -27.50 -36.50 -12.49
N LEU A 67 -27.97 -35.26 -12.46
CA LEU A 67 -28.20 -34.57 -11.19
C LEU A 67 -29.53 -34.98 -10.55
N LEU A 68 -30.61 -34.95 -11.33
CA LEU A 68 -31.92 -35.29 -10.78
C LEU A 68 -32.01 -36.79 -10.47
N ASP A 69 -31.17 -37.59 -11.12
CA ASP A 69 -31.10 -39.01 -10.76
C ASP A 69 -30.51 -39.20 -9.37
N ILE A 70 -29.55 -38.34 -8.99
CA ILE A 70 -29.00 -38.39 -7.65
C ILE A 70 -29.95 -37.77 -6.64
N VAL A 71 -30.62 -36.68 -7.02
CA VAL A 71 -31.59 -36.05 -6.13
C VAL A 71 -32.75 -36.98 -5.81
N GLN A 72 -33.24 -37.72 -6.80
CA GLN A 72 -34.36 -38.63 -6.61
C GLN A 72 -33.96 -39.96 -6.00
N ASP A 73 -32.77 -40.05 -5.41
CA ASP A 73 -32.34 -41.31 -4.79
C ASP A 73 -32.96 -41.44 -3.40
N GLN A 74 -33.59 -42.58 -3.15
CA GLN A 74 -34.24 -42.85 -1.87
C GLN A 74 -33.26 -43.27 -0.79
N THR A 75 -32.00 -43.53 -1.15
CA THR A 75 -30.99 -43.94 -0.19
C THR A 75 -29.90 -42.89 0.03
N SER A 76 -29.89 -41.83 -0.76
CA SER A 76 -28.86 -40.80 -0.60
C SER A 76 -29.19 -39.92 0.61
N PRO A 77 -28.20 -39.52 1.39
CA PRO A 77 -28.48 -38.67 2.56
C PRO A 77 -28.84 -37.25 2.14
N ALA A 78 -29.14 -36.41 3.14
CA ALA A 78 -29.54 -35.04 2.86
C ALA A 78 -28.36 -34.21 2.39
N SER A 79 -27.13 -34.59 2.77
CA SER A 79 -25.95 -33.83 2.36
C SER A 79 -25.74 -33.89 0.86
N LEU A 80 -25.84 -35.09 0.27
CA LEU A 80 -25.68 -35.21 -1.17
C LEU A 80 -26.81 -34.51 -1.92
N VAL A 81 -28.03 -34.57 -1.37
CA VAL A 81 -29.15 -33.86 -1.98
C VAL A 81 -28.90 -32.36 -1.98
N HIS A 82 -28.40 -31.82 -0.87
CA HIS A 82 -28.09 -30.39 -0.82
C HIS A 82 -26.95 -30.04 -1.77
N LEU A 83 -25.95 -30.91 -1.86
CA LEU A 83 -24.83 -30.66 -2.77
C LEU A 83 -25.31 -30.62 -4.22
N ALA A 84 -26.23 -31.51 -4.59
CA ALA A 84 -26.76 -31.51 -5.95
C ALA A 84 -27.67 -30.31 -6.19
N PHE A 85 -28.42 -29.91 -5.16
CA PHE A 85 -29.28 -28.74 -5.30
C PHE A 85 -28.46 -27.46 -5.47
N LYS A 86 -27.30 -27.38 -4.82
CA LYS A 86 -26.42 -26.24 -5.01
C LYS A 86 -25.90 -26.17 -6.45
N PHE A 87 -25.52 -27.33 -7.00
CA PHE A 87 -25.09 -27.37 -8.39
C PHE A 87 -26.22 -26.96 -9.33
N LEU A 88 -27.43 -27.43 -9.06
CA LEU A 88 -28.57 -27.06 -9.88
C LEU A 88 -28.85 -25.57 -9.79
N TYR A 89 -28.72 -24.99 -8.60
CA TYR A 89 -28.93 -23.55 -8.44
C TYR A 89 -27.87 -22.75 -9.19
N ILE A 90 -26.61 -23.22 -9.15
CA ILE A 90 -25.55 -22.53 -9.87
C ILE A 90 -25.81 -22.61 -11.38
N ILE A 91 -26.26 -23.76 -11.87
CA ILE A 91 -26.58 -23.90 -13.28
C ILE A 91 -27.73 -22.97 -13.67
N THR A 92 -28.74 -22.87 -12.80
CA THR A 92 -29.86 -21.97 -13.07
C THR A 92 -29.41 -20.51 -13.08
N LYS A 93 -28.52 -20.14 -12.17
CA LYS A 93 -28.03 -18.76 -12.12
C LYS A 93 -27.19 -18.43 -13.36
N VAL A 94 -26.39 -19.40 -13.83
CA VAL A 94 -25.54 -19.15 -14.99
C VAL A 94 -26.37 -19.05 -16.25
N ARG A 95 -27.22 -20.04 -16.54
CA ARG A 95 -28.04 -20.04 -17.74
C ARG A 95 -29.28 -19.18 -17.55
N GLY A 96 -30.30 -19.73 -16.89
CA GLY A 96 -31.53 -19.02 -16.67
C GLY A 96 -32.66 -19.90 -16.17
N TYR A 97 -33.61 -19.33 -15.45
CA TYR A 97 -34.73 -20.09 -14.91
C TYR A 97 -35.95 -20.08 -15.82
N LYS A 98 -35.86 -19.48 -17.01
CA LYS A 98 -36.98 -19.41 -17.93
C LYS A 98 -36.83 -20.35 -19.11
N THR A 99 -35.79 -21.19 -19.12
CA THR A 99 -35.56 -22.11 -20.23
C THR A 99 -35.00 -23.44 -19.74
N PHE A 100 -34.04 -23.39 -18.81
CA PHE A 100 -33.41 -24.61 -18.32
C PHE A 100 -34.38 -25.44 -17.48
N LEU A 101 -35.28 -24.78 -16.75
CA LEU A 101 -36.22 -25.51 -15.90
C LEU A 101 -37.36 -26.14 -16.71
N ARG A 102 -37.44 -25.79 -18.00
CA ARG A 102 -38.48 -26.37 -18.88
C ARG A 102 -38.21 -27.87 -19.05
N LEU A 103 -37.05 -28.33 -18.57
CA LEU A 103 -36.67 -29.77 -18.70
C LEU A 103 -37.01 -30.49 -17.39
N PHE A 104 -37.12 -29.75 -16.30
CA PHE A 104 -37.42 -30.36 -14.98
C PHE A 104 -38.71 -31.18 -15.10
N PRO A 105 -38.75 -32.42 -14.55
CA PRO A 105 -39.92 -33.29 -14.70
C PRO A 105 -41.22 -32.59 -14.29
N HIS A 106 -42.22 -32.61 -15.19
CA HIS A 106 -43.54 -32.01 -14.87
C HIS A 106 -44.63 -33.02 -15.22
N GLU A 107 -44.79 -34.05 -14.38
CA GLU A 107 -45.86 -35.07 -14.58
C GLU A 107 -46.73 -35.10 -13.33
N VAL A 108 -48.03 -35.39 -13.47
CA VAL A 108 -48.95 -35.35 -12.30
C VAL A 108 -48.29 -36.01 -11.09
N ALA A 109 -47.93 -37.29 -11.21
CA ALA A 109 -47.35 -38.03 -10.07
C ALA A 109 -46.13 -37.27 -9.52
N ASP A 110 -45.37 -36.55 -10.35
CA ASP A 110 -44.13 -35.90 -9.83
C ASP A 110 -44.46 -34.77 -8.84
N VAL A 111 -45.57 -34.06 -9.03
CA VAL A 111 -45.90 -32.88 -8.17
C VAL A 111 -45.91 -33.29 -6.68
N GLU A 112 -46.42 -34.49 -6.39
CA GLU A 112 -46.53 -34.93 -4.97
C GLU A 112 -45.12 -35.00 -4.36
N PRO A 113 -44.17 -35.75 -4.95
CA PRO A 113 -42.79 -35.77 -4.44
C PRO A 113 -42.22 -34.35 -4.36
N VAL A 114 -42.49 -33.53 -5.39
CA VAL A 114 -41.92 -32.15 -5.42
C VAL A 114 -42.35 -31.39 -4.15
N LEU A 115 -43.64 -31.45 -3.78
CA LEU A 115 -44.15 -30.68 -2.61
C LEU A 115 -43.75 -31.36 -1.29
N ASP A 116 -43.67 -32.69 -1.26
CA ASP A 116 -43.30 -33.47 -0.05
C ASP A 116 -41.92 -33.01 0.42
N LEU A 117 -40.94 -32.95 -0.50
CA LEU A 117 -39.59 -32.47 -0.14
C LEU A 117 -39.71 -31.03 0.35
N VAL A 118 -40.78 -30.35 -0.05
CA VAL A 118 -40.95 -28.95 0.32
C VAL A 118 -41.41 -28.81 1.77
N THR A 119 -42.36 -29.65 2.16
CA THR A 119 -42.92 -29.57 3.55
C THR A 119 -41.84 -29.97 4.56
N ILE A 120 -40.75 -30.58 4.10
CA ILE A 120 -39.69 -31.07 5.03
C ILE A 120 -38.54 -30.05 5.07
N GLN A 121 -38.71 -28.89 4.43
CA GLN A 121 -37.63 -27.87 4.38
C GLN A 121 -37.59 -27.09 5.69
N ASN A 122 -36.38 -26.84 6.23
CA ASN A 122 -36.24 -26.06 7.49
C ASN A 122 -35.83 -24.63 7.14
N PRO A 123 -36.74 -23.64 7.22
CA PRO A 123 -36.42 -22.25 6.85
C PRO A 123 -35.27 -21.66 7.66
N LYS A 124 -35.06 -22.12 8.89
CA LYS A 124 -34.00 -21.60 9.74
C LYS A 124 -32.72 -22.41 9.51
N ASP A 125 -32.20 -22.28 8.29
CA ASP A 125 -30.97 -22.98 7.91
C ASP A 125 -30.32 -22.18 6.77
N HIS A 126 -29.32 -21.38 7.13
CA HIS A 126 -28.63 -20.57 6.13
C HIS A 126 -27.64 -21.36 5.29
N GLU A 127 -27.39 -22.62 5.66
CA GLU A 127 -26.47 -23.47 4.92
C GLU A 127 -27.14 -24.23 3.77
N ALA A 128 -28.47 -24.15 3.65
CA ALA A 128 -29.16 -24.87 2.58
C ALA A 128 -30.37 -24.09 2.07
N TRP A 129 -30.17 -22.84 1.65
CA TRP A 129 -31.27 -22.07 1.11
C TRP A 129 -31.49 -22.34 -0.38
N GLU A 130 -30.48 -22.89 -1.05
CA GLU A 130 -30.61 -23.20 -2.46
C GLU A 130 -31.67 -24.28 -2.69
N THR A 131 -31.76 -25.24 -1.77
CA THR A 131 -32.79 -26.26 -1.88
C THR A 131 -34.19 -25.66 -1.82
N ARG A 132 -34.45 -24.79 -0.84
CA ARG A 132 -35.74 -24.12 -0.73
C ARG A 132 -36.00 -23.17 -1.89
N TYR A 133 -34.97 -22.56 -2.46
CA TYR A 133 -35.13 -21.68 -3.61
C TYR A 133 -35.49 -22.44 -4.88
N MET A 134 -34.86 -23.60 -5.10
CA MET A 134 -35.12 -24.39 -6.29
C MET A 134 -36.38 -25.24 -6.19
N LEU A 135 -36.80 -25.58 -4.97
CA LEU A 135 -37.97 -26.44 -4.80
C LEU A 135 -39.25 -25.74 -5.26
N LEU A 136 -39.40 -24.46 -4.90
CA LEU A 136 -40.58 -23.72 -5.32
C LEU A 136 -40.57 -23.50 -6.83
N LEU A 137 -39.38 -23.26 -7.40
CA LEU A 137 -39.28 -23.07 -8.84
C LEU A 137 -39.61 -24.36 -9.60
N TRP A 138 -39.24 -25.50 -9.02
CA TRP A 138 -39.59 -26.78 -9.64
C TRP A 138 -41.08 -27.08 -9.47
N LEU A 139 -41.65 -26.72 -8.32
CA LEU A 139 -43.07 -26.92 -8.10
C LEU A 139 -43.90 -26.05 -9.04
N SER A 140 -43.39 -24.87 -9.39
CA SER A 140 -44.09 -24.04 -10.36
C SER A 140 -44.13 -24.70 -11.73
N VAL A 141 -43.01 -25.27 -12.15
CA VAL A 141 -42.94 -25.99 -13.46
C VAL A 141 -44.04 -27.04 -13.52
N THR A 142 -44.27 -27.77 -12.41
CA THR A 142 -45.26 -28.87 -12.40
C THR A 142 -46.69 -28.31 -12.51
N CYS A 143 -46.96 -27.15 -11.92
CA CYS A 143 -48.34 -26.58 -11.90
C CYS A 143 -48.87 -26.42 -13.34
N LEU A 144 -47.99 -26.28 -14.32
CA LEU A 144 -48.42 -26.02 -15.72
C LEU A 144 -49.25 -27.19 -16.27
N ILE A 145 -48.89 -28.43 -15.90
CA ILE A 145 -49.58 -29.63 -16.46
C ILE A 145 -51.11 -29.42 -16.46
N PRO A 146 -51.83 -29.78 -17.55
CA PRO A 146 -53.29 -29.67 -17.60
C PRO A 146 -53.98 -30.91 -17.01
N PHE A 147 -54.19 -30.92 -15.69
CA PHE A 147 -54.85 -32.06 -15.01
C PHE A 147 -55.52 -31.55 -13.74
N ASP A 148 -56.74 -32.03 -13.45
CA ASP A 148 -57.49 -31.55 -12.26
C ASP A 148 -56.69 -31.89 -10.99
N PHE A 149 -56.44 -30.89 -10.14
CA PHE A 149 -55.75 -31.17 -8.85
C PHE A 149 -56.60 -32.19 -8.08
N SER A 150 -57.92 -32.02 -8.13
CA SER A 150 -58.84 -32.94 -7.41
C SER A 150 -58.49 -34.40 -7.75
N ARG A 151 -58.06 -34.65 -8.99
CA ARG A 151 -57.80 -36.04 -9.37
C ARG A 151 -56.85 -36.72 -8.40
N LEU A 152 -55.97 -35.95 -7.76
CA LEU A 152 -55.03 -36.52 -6.81
C LEU A 152 -55.65 -36.71 -5.43
N ASP A 153 -56.71 -35.97 -5.13
CA ASP A 153 -57.39 -36.07 -3.84
C ASP A 153 -58.26 -37.31 -3.78
N ARG A 164 -54.36 -27.37 4.51
CA ARG A 164 -54.39 -28.18 5.72
C ARG A 164 -54.55 -29.66 5.38
N MET A 165 -55.59 -29.98 4.61
CA MET A 165 -55.88 -31.36 4.21
C MET A 165 -55.70 -31.56 2.71
N SER A 166 -56.29 -30.69 1.89
CA SER A 166 -56.17 -30.83 0.45
C SER A 166 -54.80 -30.34 -0.02
N ILE A 167 -54.42 -30.78 -1.23
CA ILE A 167 -53.12 -30.40 -1.77
C ILE A 167 -53.10 -28.92 -2.13
N MET A 168 -54.21 -28.40 -2.67
CA MET A 168 -54.26 -26.99 -3.05
C MET A 168 -54.14 -26.09 -1.81
N ASP A 169 -54.79 -26.46 -0.71
CA ASP A 169 -54.69 -25.67 0.50
C ASP A 169 -53.27 -25.68 1.06
N ARG A 170 -52.61 -26.85 1.01
CA ARG A 170 -51.22 -26.93 1.46
C ARG A 170 -50.30 -26.07 0.59
N ILE A 171 -50.53 -26.09 -0.73
CA ILE A 171 -49.72 -25.28 -1.63
C ILE A 171 -49.93 -23.80 -1.35
N LEU A 172 -51.18 -23.40 -1.12
CA LEU A 172 -51.47 -22.00 -0.81
C LEU A 172 -50.83 -21.58 0.51
N GLN A 173 -50.88 -22.46 1.52
CA GLN A 173 -50.26 -22.14 2.80
C GLN A 173 -48.75 -22.03 2.67
N ILE A 174 -48.13 -22.92 1.90
CA ILE A 174 -46.68 -22.85 1.69
C ILE A 174 -46.32 -21.56 0.96
N ALA A 175 -47.12 -21.17 -0.04
CA ALA A 175 -46.85 -19.94 -0.76
C ALA A 175 -46.99 -18.73 0.15
N GLU A 176 -48.03 -18.72 0.99
CA GLU A 176 -48.23 -17.59 1.90
C GLU A 176 -47.12 -17.52 2.95
N SER A 177 -46.59 -18.67 3.36
CA SER A 177 -45.52 -18.67 4.35
C SER A 177 -44.18 -18.32 3.73
N TYR A 178 -43.99 -18.60 2.44
CA TYR A 178 -42.73 -18.30 1.77
C TYR A 178 -42.71 -16.91 1.14
N LEU A 179 -43.87 -16.27 0.97
CA LEU A 179 -43.92 -14.92 0.44
C LEU A 179 -43.55 -13.86 1.47
N ILE A 180 -43.26 -14.24 2.70
CA ILE A 180 -42.88 -13.30 3.75
C ILE A 180 -41.50 -13.55 4.31
N VAL A 181 -40.70 -14.41 3.66
CA VAL A 181 -39.34 -14.71 4.12
C VAL A 181 -38.41 -13.58 3.67
N SER A 182 -37.15 -13.64 4.09
CA SER A 182 -36.18 -12.60 3.79
C SER A 182 -35.09 -13.03 2.81
N ASP A 183 -34.92 -14.35 2.62
CA ASP A 183 -33.85 -14.86 1.73
C ASP A 183 -34.24 -14.70 0.26
N LYS A 184 -33.65 -15.52 -0.63
CA LYS A 184 -33.93 -15.42 -2.08
C LYS A 184 -35.19 -16.24 -2.43
N ALA A 185 -35.64 -17.10 -1.52
CA ALA A 185 -36.82 -17.97 -1.80
C ALA A 185 -38.02 -17.11 -2.19
N ARG A 186 -38.11 -15.89 -1.65
CA ARG A 186 -39.26 -15.00 -1.93
C ARG A 186 -39.57 -15.02 -3.43
N ASP A 187 -38.57 -14.72 -4.28
CA ASP A 187 -38.78 -14.71 -5.72
C ASP A 187 -39.39 -16.02 -6.21
N ALA A 188 -38.91 -17.15 -5.67
CA ALA A 188 -39.48 -18.43 -6.04
C ALA A 188 -40.92 -18.57 -5.57
N ALA A 189 -41.22 -18.04 -4.38
CA ALA A 189 -42.60 -18.07 -3.89
C ALA A 189 -43.51 -17.21 -4.77
N ALA A 190 -43.01 -16.05 -5.22
CA ALA A 190 -43.78 -15.23 -6.13
C ALA A 190 -44.02 -15.92 -7.47
N VAL A 191 -42.99 -16.59 -8.00
CA VAL A 191 -43.15 -17.34 -9.25
C VAL A 191 -44.18 -18.45 -9.08
N LEU A 192 -44.13 -19.15 -7.95
CA LEU A 192 -45.10 -20.23 -7.70
C LEU A 192 -46.51 -19.69 -7.57
N VAL A 193 -46.68 -18.59 -6.83
CA VAL A 193 -48.02 -18.03 -6.63
C VAL A 193 -48.53 -17.33 -7.88
N SER A 194 -47.65 -17.04 -8.83
CA SER A 194 -48.09 -16.52 -10.12
C SER A 194 -48.40 -17.61 -11.13
N ARG A 195 -47.70 -18.74 -11.08
CA ARG A 195 -47.94 -19.83 -12.01
C ARG A 195 -48.95 -20.86 -11.51
N PHE A 196 -49.37 -20.79 -10.25
CA PHE A 196 -50.34 -21.73 -9.70
C PHE A 196 -51.72 -21.12 -9.50
N ILE A 197 -51.79 -19.86 -9.07
CA ILE A 197 -53.08 -19.23 -8.83
C ILE A 197 -53.83 -19.03 -10.13
N THR A 198 -53.13 -18.68 -11.21
CA THR A 198 -53.75 -18.44 -12.51
C THR A 198 -54.05 -19.74 -13.25
N ARG A 199 -54.61 -20.74 -12.58
CA ARG A 199 -54.98 -22.00 -13.17
C ARG A 199 -56.49 -22.10 -13.32
N PRO A 200 -56.97 -22.88 -14.29
CA PRO A 200 -58.43 -22.94 -14.52
C PRO A 200 -59.22 -23.44 -13.32
N ASP A 201 -58.69 -24.43 -12.59
CA ASP A 201 -59.40 -24.98 -11.44
C ASP A 201 -59.01 -24.34 -10.12
N VAL A 202 -58.11 -23.35 -10.13
CA VAL A 202 -57.71 -22.68 -8.90
C VAL A 202 -58.25 -21.27 -8.80
N LYS A 203 -58.48 -20.59 -9.93
CA LYS A 203 -58.97 -19.22 -9.95
C LYS A 203 -60.44 -19.10 -9.55
N GLN A 204 -61.05 -20.16 -9.03
CA GLN A 204 -62.46 -20.14 -8.66
C GLN A 204 -62.70 -20.11 -7.16
N SER A 205 -61.66 -20.28 -6.33
CA SER A 205 -61.88 -20.27 -4.88
C SER A 205 -60.64 -19.86 -4.10
N LYS A 206 -59.65 -19.28 -4.77
CA LYS A 206 -58.38 -18.90 -4.09
C LYS A 206 -57.91 -17.52 -4.56
N MET A 207 -58.18 -17.17 -5.83
CA MET A 207 -57.70 -15.88 -6.39
C MET A 207 -58.13 -14.71 -5.51
N ALA A 208 -59.45 -14.52 -5.34
CA ALA A 208 -59.97 -13.40 -4.52
C ALA A 208 -59.49 -13.57 -3.08
N GLU A 209 -59.45 -14.81 -2.59
CA GLU A 209 -59.00 -15.08 -1.21
C GLU A 209 -57.60 -14.48 -1.02
N PHE A 210 -56.70 -14.74 -1.97
CA PHE A 210 -55.32 -14.18 -1.90
C PHE A 210 -55.37 -12.66 -2.02
N LEU A 211 -56.28 -12.12 -2.85
CA LEU A 211 -56.38 -10.69 -3.03
C LEU A 211 -56.67 -9.98 -1.70
N ASP A 212 -57.58 -10.55 -0.89
CA ASP A 212 -57.86 -9.97 0.41
C ASP A 212 -56.63 -10.04 1.32
N TRP A 213 -55.89 -11.15 1.25
CA TRP A 213 -54.67 -11.26 2.05
C TRP A 213 -53.64 -10.22 1.63
N SER A 214 -53.50 -10.00 0.32
CA SER A 214 -52.55 -9.01 -0.17
C SER A 214 -52.98 -7.60 0.25
N LEU A 215 -54.28 -7.32 0.20
CA LEU A 215 -54.77 -6.02 0.66
C LEU A 215 -54.49 -5.82 2.14
N CYS A 216 -54.72 -6.87 2.95
CA CYS A 216 -54.43 -6.77 4.38
C CYS A 216 -52.95 -6.55 4.63
N ASN A 217 -52.09 -7.23 3.85
CA ASN A 217 -50.66 -7.05 4.02
C ASN A 217 -50.22 -5.64 3.65
N LEU A 218 -50.77 -5.09 2.56
CA LEU A 218 -50.43 -3.73 2.16
C LEU A 218 -51.00 -2.69 3.11
N ALA A 219 -52.10 -3.01 3.82
CA ALA A 219 -52.71 -2.08 4.74
C ALA A 219 -52.10 -2.11 6.14
N ARG A 220 -51.56 -3.25 6.56
CA ARG A 220 -51.02 -3.39 7.91
C ARG A 220 -49.52 -3.16 7.97
N SER A 221 -48.78 -3.46 6.90
CA SER A 221 -47.34 -3.27 6.91
C SER A 221 -46.98 -1.79 6.85
N SER A 222 -45.83 -1.45 7.41
CA SER A 222 -45.34 -0.07 7.46
C SER A 222 -43.97 0.00 6.82
N PHE A 223 -43.41 1.21 6.75
CA PHE A 223 -42.10 1.39 6.12
C PHE A 223 -40.99 1.54 7.14
N GLN A 224 -41.31 1.62 8.43
CA GLN A 224 -40.28 1.79 9.44
C GLN A 224 -39.70 0.44 9.87
N THR A 225 -40.56 -0.56 10.06
CA THR A 225 -40.09 -1.88 10.47
C THR A 225 -39.40 -2.58 9.32
N MET A 226 -38.55 -3.56 9.66
CA MET A 226 -37.81 -4.28 8.64
C MET A 226 -38.66 -5.39 8.02
N GLN A 227 -39.60 -5.94 8.79
CA GLN A 227 -40.45 -7.01 8.28
C GLN A 227 -41.48 -6.46 7.30
N GLY A 228 -42.04 -5.28 7.60
CA GLY A 228 -43.04 -4.68 6.76
C GLY A 228 -42.55 -4.37 5.36
N VAL A 229 -41.30 -3.90 5.24
CA VAL A 229 -40.75 -3.58 3.94
C VAL A 229 -40.65 -4.84 3.09
N ILE A 230 -40.16 -5.93 3.68
CA ILE A 230 -40.02 -7.19 2.94
C ILE A 230 -41.38 -7.75 2.57
N THR A 231 -42.36 -7.60 3.47
CA THR A 231 -43.72 -8.05 3.20
C THR A 231 -44.31 -7.30 2.02
N MET A 232 -44.14 -5.97 2.02
CA MET A 232 -44.65 -5.16 0.91
C MET A 232 -43.94 -5.49 -0.39
N ASP A 233 -42.63 -5.75 -0.31
CA ASP A 233 -41.88 -6.17 -1.50
C ASP A 233 -42.46 -7.45 -2.08
N GLY A 234 -42.64 -8.47 -1.23
CA GLY A 234 -43.20 -9.72 -1.70
C GLY A 234 -44.60 -9.57 -2.26
N THR A 235 -45.43 -8.77 -1.59
CA THR A 235 -46.80 -8.57 -2.06
C THR A 235 -46.82 -7.88 -3.42
N LEU A 236 -45.97 -6.85 -3.59
CA LEU A 236 -45.91 -6.15 -4.87
C LEU A 236 -45.40 -7.07 -5.98
N GLN A 237 -44.37 -7.87 -5.69
CA GLN A 237 -43.85 -8.79 -6.69
C GLN A 237 -44.91 -9.82 -7.09
N ALA A 238 -45.63 -10.36 -6.11
CA ALA A 238 -46.68 -11.34 -6.40
C ALA A 238 -47.79 -10.72 -7.24
N LEU A 239 -48.24 -9.52 -6.85
CA LEU A 239 -49.31 -8.87 -7.61
C LEU A 239 -48.87 -8.55 -9.03
N ALA A 240 -47.63 -8.07 -9.20
CA ALA A 240 -47.14 -7.75 -10.53
C ALA A 240 -47.05 -9.00 -11.40
N GLN A 241 -46.52 -10.09 -10.84
CA GLN A 241 -46.39 -11.32 -11.61
C GLN A 241 -47.76 -11.91 -11.96
N ILE A 242 -48.73 -11.78 -11.04
CA ILE A 242 -50.07 -12.29 -11.33
C ILE A 242 -50.74 -11.45 -12.41
N PHE A 243 -50.60 -10.13 -12.35
CA PHE A 243 -51.20 -9.27 -13.37
C PHE A 243 -50.50 -9.43 -14.71
N LYS A 244 -49.22 -9.83 -14.71
CA LYS A 244 -48.52 -10.05 -15.97
C LYS A 244 -48.91 -11.38 -16.60
N HIS A 245 -48.90 -12.46 -15.81
CA HIS A 245 -49.25 -13.79 -16.31
C HIS A 245 -50.71 -14.12 -15.97
N GLY A 246 -51.61 -13.29 -16.47
CA GLY A 246 -53.03 -13.48 -16.24
C GLY A 246 -53.84 -12.94 -17.39
N LYS A 247 -55.09 -13.42 -17.46
CA LYS A 247 -56.01 -13.00 -18.50
C LYS A 247 -56.56 -11.61 -18.20
N ARG A 248 -57.26 -11.04 -19.19
CA ARG A 248 -57.83 -9.71 -19.02
C ARG A 248 -59.22 -9.76 -18.38
N GLU A 249 -59.98 -10.83 -18.66
CA GLU A 249 -61.32 -10.93 -18.11
C GLU A 249 -61.30 -11.30 -16.63
N ASP A 250 -60.24 -11.78 -16.10
CA ASP A 250 -60.20 -12.23 -14.68
C ASP A 250 -59.83 -11.05 -13.76
N CYS A 251 -58.79 -10.29 -14.10
CA CYS A 251 -58.33 -9.18 -13.23
C CYS A 251 -59.25 -7.97 -13.39
N LEU A 252 -60.11 -7.98 -14.41
CA LEU A 252 -60.98 -6.80 -14.68
C LEU A 252 -61.84 -6.46 -13.45
N PRO A 253 -62.61 -7.41 -12.87
CA PRO A 253 -63.50 -7.10 -11.74
C PRO A 253 -62.70 -6.72 -10.50
N TYR A 254 -61.36 -6.68 -10.61
CA TYR A 254 -60.51 -6.38 -9.46
C TYR A 254 -59.30 -5.54 -9.84
N ALA A 255 -59.46 -4.62 -10.80
CA ALA A 255 -58.36 -3.76 -11.21
C ALA A 255 -58.42 -2.37 -10.59
N ALA A 256 -59.54 -2.02 -9.95
CA ALA A 256 -59.68 -0.72 -9.31
C ALA A 256 -59.40 -0.77 -7.82
N THR A 257 -59.72 -1.89 -7.16
CA THR A 257 -59.47 -1.99 -5.72
C THR A 257 -57.97 -1.98 -5.42
N VAL A 258 -57.18 -2.64 -6.27
CA VAL A 258 -55.73 -2.65 -6.08
C VAL A 258 -55.16 -1.23 -6.21
N LEU A 259 -55.65 -0.48 -7.20
CA LEU A 259 -55.18 0.89 -7.37
C LEU A 259 -55.62 1.78 -6.21
N ARG A 260 -56.84 1.58 -5.73
CA ARG A 260 -57.32 2.39 -4.60
C ARG A 260 -56.53 2.08 -3.33
N CYS A 261 -56.12 0.82 -3.16
CA CYS A 261 -55.32 0.46 -1.98
C CYS A 261 -53.88 0.95 -2.13
N LEU A 262 -53.34 0.96 -3.35
CA LEU A 262 -51.98 1.42 -3.55
C LEU A 262 -51.87 2.94 -3.46
N ASP A 263 -52.96 3.65 -3.77
CA ASP A 263 -52.93 5.12 -3.68
C ASP A 263 -52.83 5.58 -2.23
N GLY A 264 -53.37 4.81 -1.29
CA GLY A 264 -53.32 5.17 0.11
C GLY A 264 -52.04 4.77 0.83
N CYS A 265 -51.14 4.05 0.15
CA CYS A 265 -49.91 3.61 0.77
C CYS A 265 -48.81 4.67 0.70
N ARG A 266 -48.96 5.66 -0.18
CA ARG A 266 -47.98 6.74 -0.35
C ARG A 266 -46.60 6.17 -0.70
N LEU A 267 -46.51 5.60 -1.91
CA LEU A 267 -45.24 5.01 -2.34
C LEU A 267 -44.24 6.06 -2.81
N PRO A 268 -44.59 7.03 -3.66
CA PRO A 268 -43.59 8.04 -4.05
C PRO A 268 -43.07 8.87 -2.89
N GLU A 269 -43.85 9.02 -1.83
CA GLU A 269 -43.43 9.80 -0.66
C GLU A 269 -42.82 8.88 0.40
N SER A 270 -41.76 8.18 -0.01
CA SER A 270 -41.05 7.27 0.88
C SER A 270 -39.56 7.37 0.60
N ASN A 271 -38.80 6.41 1.13
CA ASN A 271 -37.35 6.37 0.96
C ASN A 271 -36.88 5.11 0.25
N GLN A 272 -37.74 4.08 0.17
CA GLN A 272 -37.39 2.81 -0.46
C GLN A 272 -37.46 2.98 -1.98
N THR A 273 -36.38 2.59 -2.66
CA THR A 273 -36.34 2.68 -4.12
C THR A 273 -36.96 1.46 -4.78
N LEU A 274 -36.69 0.27 -4.23
CA LEU A 274 -37.24 -0.96 -4.80
C LEU A 274 -38.77 -0.95 -4.75
N LEU A 275 -39.33 -0.52 -3.62
CA LEU A 275 -40.79 -0.46 -3.50
C LEU A 275 -41.38 0.56 -4.46
N ARG A 276 -40.69 1.70 -4.66
CA ARG A 276 -41.17 2.70 -5.61
C ARG A 276 -41.16 2.15 -7.03
N LYS A 277 -40.08 1.48 -7.43
CA LYS A 277 -40.01 0.89 -8.76
C LYS A 277 -41.07 -0.20 -8.93
N LEU A 278 -41.32 -0.98 -7.88
CA LEU A 278 -42.32 -2.03 -7.96
C LEU A 278 -43.72 -1.44 -8.10
N GLY A 279 -44.01 -0.37 -7.36
CA GLY A 279 -45.30 0.29 -7.51
C GLY A 279 -45.47 0.92 -8.88
N VAL A 280 -44.39 1.47 -9.43
CA VAL A 280 -44.45 2.04 -10.78
C VAL A 280 -44.74 0.93 -11.80
N LYS A 281 -44.06 -0.21 -11.68
CA LYS A 281 -44.32 -1.31 -12.59
C LYS A 281 -45.73 -1.85 -12.43
N LEU A 282 -46.23 -1.90 -11.19
CA LEU A 282 -47.57 -2.42 -10.95
C LEU A 282 -48.63 -1.50 -11.55
N VAL A 283 -48.48 -0.18 -11.37
CA VAL A 283 -49.46 0.74 -11.94
C VAL A 283 -49.35 0.77 -13.45
N GLN A 284 -48.14 0.57 -13.99
CA GLN A 284 -47.99 0.49 -15.44
C GLN A 284 -48.72 -0.74 -16.00
N ARG A 285 -48.55 -1.89 -15.35
CA ARG A 285 -49.23 -3.09 -15.81
C ARG A 285 -50.74 -2.98 -15.63
N LEU A 286 -51.19 -2.31 -14.56
CA LEU A 286 -52.62 -2.10 -14.37
C LEU A 286 -53.19 -1.21 -15.48
N GLY A 287 -52.48 -0.14 -15.82
CA GLY A 287 -52.93 0.71 -16.90
C GLY A 287 -52.93 0.00 -18.25
N LEU A 288 -51.95 -0.88 -18.47
CA LEU A 288 -51.92 -1.65 -19.70
C LEU A 288 -53.07 -2.65 -19.76
N THR A 289 -53.43 -3.23 -18.61
CA THR A 289 -54.55 -4.16 -18.57
C THR A 289 -55.89 -3.44 -18.73
N PHE A 290 -55.98 -2.20 -18.25
CA PHE A 290 -57.23 -1.45 -18.36
C PHE A 290 -57.62 -1.23 -19.81
N LEU A 291 -56.66 -0.83 -20.65
CA LEU A 291 -56.96 -0.57 -22.05
C LEU A 291 -57.16 -1.87 -22.81
N LYS A 292 -57.98 -1.80 -23.86
CA LYS A 292 -58.28 -2.97 -24.66
C LYS A 292 -57.12 -3.29 -25.60
N PRO A 293 -56.80 -4.57 -25.77
CA PRO A 293 -55.70 -5.00 -26.66
C PRO A 293 -56.03 -4.79 -28.13
N VAL A 336 -59.02 6.09 -21.39
CA VAL A 336 -60.45 6.34 -21.77
C VAL A 336 -61.36 5.86 -20.63
N PRO A 337 -61.30 4.58 -20.21
CA PRO A 337 -62.11 4.12 -19.08
C PRO A 337 -61.65 4.80 -17.77
N GLU A 338 -62.55 4.89 -16.79
CA GLU A 338 -62.22 5.59 -15.52
C GLU A 338 -60.93 4.99 -14.94
N GLY A 339 -60.03 5.84 -14.44
CA GLY A 339 -58.76 5.36 -13.84
C GLY A 339 -57.59 5.52 -14.79
N VAL A 340 -57.78 5.44 -16.10
CA VAL A 340 -56.58 5.49 -17.00
C VAL A 340 -55.78 6.79 -16.75
N GLU A 341 -56.47 7.93 -16.61
CA GLU A 341 -55.78 9.23 -16.42
C GLU A 341 -54.81 9.14 -15.24
N ARG A 342 -55.33 8.85 -14.03
CA ARG A 342 -54.46 8.84 -12.82
C ARG A 342 -53.24 7.96 -13.08
N VAL A 343 -53.45 6.75 -13.62
CA VAL A 343 -52.31 5.84 -13.94
C VAL A 343 -51.27 6.65 -14.72
N ILE A 344 -51.68 7.26 -15.84
CA ILE A 344 -50.72 8.03 -16.70
C ILE A 344 -50.08 9.13 -15.87
N GLU A 345 -50.86 9.79 -15.00
CA GLU A 345 -50.32 10.88 -14.14
C GLU A 345 -49.21 10.32 -13.26
N GLN A 346 -49.45 9.17 -12.62
CA GLN A 346 -48.43 8.53 -11.75
C GLN A 346 -47.20 8.19 -12.60
N LEU A 347 -47.42 7.67 -13.81
CA LEU A 347 -46.29 7.32 -14.71
C LEU A 347 -45.44 8.57 -14.95
N LEU A 348 -46.07 9.71 -15.27
CA LEU A 348 -45.34 10.97 -15.53
C LEU A 348 -44.59 11.40 -14.27
N VAL A 349 -45.30 11.58 -13.16
CA VAL A 349 -44.66 11.97 -11.89
C VAL A 349 -43.39 11.14 -11.67
N GLY A 350 -43.49 9.83 -11.88
CA GLY A 350 -42.34 8.95 -11.73
C GLY A 350 -41.23 9.19 -12.74
N LEU A 351 -41.55 9.78 -13.90
CA LEU A 351 -40.53 10.11 -14.88
C LEU A 351 -39.47 11.05 -14.33
N LYS A 352 -39.82 11.87 -13.34
CA LYS A 352 -38.88 12.80 -12.73
C LYS A 352 -38.34 12.30 -11.40
N ASP A 353 -38.12 10.99 -11.26
CA ASP A 353 -37.61 10.45 -10.02
C ASP A 353 -36.09 10.62 -9.95
N LYS A 354 -35.56 10.65 -8.73
CA LYS A 354 -34.12 10.86 -8.55
C LYS A 354 -33.32 9.70 -9.11
N ASP A 355 -33.72 8.47 -8.80
CA ASP A 355 -33.02 7.29 -9.30
C ASP A 355 -33.31 7.09 -10.79
N THR A 356 -32.56 6.17 -11.39
CA THR A 356 -32.66 5.93 -12.82
C THR A 356 -33.55 4.74 -13.17
N VAL A 357 -33.69 3.77 -12.26
CA VAL A 357 -34.52 2.61 -12.54
C VAL A 357 -35.99 3.01 -12.59
N VAL A 358 -36.42 3.90 -11.69
CA VAL A 358 -37.80 4.36 -11.70
C VAL A 358 -38.08 5.17 -12.97
N ARG A 359 -37.11 5.99 -13.39
CA ARG A 359 -37.27 6.75 -14.62
C ARG A 359 -37.38 5.83 -15.83
N TRP A 360 -36.54 4.78 -15.88
CA TRP A 360 -36.62 3.83 -16.98
C TRP A 360 -37.95 3.10 -16.99
N SER A 361 -38.43 2.69 -15.82
CA SER A 361 -39.72 2.01 -15.74
C SER A 361 -40.85 2.93 -16.18
N ALA A 362 -40.82 4.19 -15.77
CA ALA A 362 -41.87 5.12 -16.16
C ALA A 362 -41.82 5.41 -17.66
N ALA A 363 -40.62 5.50 -18.23
CA ALA A 363 -40.51 5.71 -19.67
C ALA A 363 -41.03 4.51 -20.45
N LYS A 364 -40.71 3.30 -20.00
CA LYS A 364 -41.23 2.11 -20.65
C LYS A 364 -42.76 2.04 -20.53
N GLY A 365 -43.29 2.41 -19.37
CA GLY A 365 -44.73 2.43 -19.20
C GLY A 365 -45.41 3.44 -20.11
N ILE A 366 -44.83 4.63 -20.24
CA ILE A 366 -45.38 5.64 -21.14
C ILE A 366 -45.33 5.16 -22.58
N GLY A 367 -44.21 4.55 -22.98
CA GLY A 367 -44.10 4.05 -24.34
C GLY A 367 -45.06 2.91 -24.64
N ARG A 368 -45.36 2.09 -23.63
CA ARG A 368 -46.30 0.99 -23.85
C ARG A 368 -47.74 1.46 -23.76
N MET A 369 -48.00 2.55 -23.05
CA MET A 369 -49.36 3.07 -22.94
C MET A 369 -49.73 3.97 -24.11
N ALA A 370 -48.74 4.59 -24.76
CA ALA A 370 -49.04 5.47 -25.88
C ALA A 370 -49.54 4.69 -27.09
N GLY A 371 -49.32 3.37 -27.10
CA GLY A 371 -49.76 2.57 -28.23
C GLY A 371 -51.24 2.23 -28.16
N ARG A 372 -51.75 2.00 -26.95
CA ARG A 372 -53.14 1.64 -26.74
C ARG A 372 -54.04 2.82 -26.39
N LEU A 373 -53.70 4.01 -26.86
CA LEU A 373 -54.46 5.23 -26.61
C LEU A 373 -54.94 5.84 -27.92
N PRO A 374 -56.06 6.57 -27.90
CA PRO A 374 -56.53 7.23 -29.11
C PRO A 374 -55.57 8.32 -29.57
N ARG A 375 -55.92 8.94 -30.70
CA ARG A 375 -55.04 9.94 -31.29
C ARG A 375 -54.97 11.20 -30.43
N ALA A 376 -56.11 11.68 -29.95
CA ALA A 376 -56.12 12.90 -29.14
C ALA A 376 -55.38 12.71 -27.83
N LEU A 377 -55.64 11.58 -27.14
CA LEU A 377 -54.96 11.31 -25.88
C LEU A 377 -53.46 11.12 -26.08
N ALA A 378 -53.06 10.43 -27.15
CA ALA A 378 -51.63 10.27 -27.44
C ALA A 378 -50.98 11.62 -27.72
N ASP A 379 -51.65 12.48 -28.47
CA ASP A 379 -51.12 13.81 -28.77
C ASP A 379 -50.97 14.63 -27.49
N ASP A 380 -51.98 14.56 -26.61
CA ASP A 380 -51.90 15.28 -25.35
C ASP A 380 -50.77 14.76 -24.46
N VAL A 381 -50.58 13.44 -24.43
CA VAL A 381 -49.49 12.87 -23.63
C VAL A 381 -48.14 13.29 -24.20
N VAL A 382 -48.01 13.27 -25.52
CA VAL A 382 -46.76 13.69 -26.15
C VAL A 382 -46.48 15.16 -25.84
N GLY A 383 -47.51 16.00 -25.89
CA GLY A 383 -47.33 17.40 -25.55
C GLY A 383 -46.94 17.60 -24.09
N SER A 384 -47.57 16.86 -23.19
CA SER A 384 -47.24 16.97 -21.77
C SER A 384 -45.81 16.49 -21.49
N VAL A 385 -45.35 15.50 -22.25
CA VAL A 385 -43.98 15.03 -22.10
C VAL A 385 -43.00 16.07 -22.64
N LEU A 386 -43.32 16.66 -23.79
CA LEU A 386 -42.44 17.67 -24.37
C LEU A 386 -42.39 18.94 -23.53
N ASP A 387 -43.47 19.25 -22.81
CA ASP A 387 -43.49 20.44 -21.96
C ASP A 387 -42.64 20.28 -20.71
N CYS A 388 -42.06 19.10 -20.47
CA CYS A 388 -41.21 18.90 -19.30
C CYS A 388 -39.84 19.53 -19.44
N PHE A 389 -39.48 20.02 -20.63
CA PHE A 389 -38.17 20.65 -20.86
C PHE A 389 -38.24 22.14 -20.51
N SER A 390 -38.26 22.41 -19.21
CA SER A 390 -38.31 23.77 -18.70
C SER A 390 -37.00 24.14 -18.02
N PHE A 391 -36.81 25.46 -17.84
CA PHE A 391 -35.59 25.95 -17.21
C PHE A 391 -35.59 25.70 -15.71
N GLN A 392 -36.77 25.64 -15.09
CA GLN A 392 -36.86 25.40 -13.66
C GLN A 392 -36.75 23.93 -13.29
N GLU A 393 -36.58 23.04 -14.26
CA GLU A 393 -36.47 21.61 -14.01
C GLU A 393 -35.01 21.21 -13.81
N THR A 394 -34.82 20.02 -13.23
CA THR A 394 -33.50 19.48 -12.98
C THR A 394 -33.07 18.57 -14.12
N ASP A 395 -31.92 17.93 -13.96
CA ASP A 395 -31.42 17.04 -14.99
C ASP A 395 -32.19 15.72 -15.01
N LYS A 396 -32.76 15.31 -13.87
CA LYS A 396 -33.52 14.08 -13.82
C LYS A 396 -34.80 14.18 -14.65
N ALA A 397 -35.48 15.32 -14.58
CA ALA A 397 -36.69 15.51 -15.39
C ALA A 397 -36.35 15.54 -16.87
N TRP A 398 -35.23 16.17 -17.23
CA TRP A 398 -34.81 16.19 -18.62
C TRP A 398 -34.47 14.79 -19.13
N HIS A 399 -33.79 14.00 -18.30
CA HIS A 399 -33.46 12.63 -18.68
C HIS A 399 -34.73 11.79 -18.83
N GLY A 400 -35.69 11.97 -17.93
CA GLY A 400 -36.95 11.25 -18.04
C GLY A 400 -37.72 11.62 -19.30
N GLY A 401 -37.75 12.92 -19.62
CA GLY A 401 -38.41 13.35 -20.85
C GLY A 401 -37.72 12.82 -22.09
N CYS A 402 -36.39 12.79 -22.07
CA CYS A 402 -35.64 12.24 -23.20
C CYS A 402 -35.91 10.75 -23.37
N LEU A 403 -35.95 10.01 -22.26
CA LEU A 403 -36.25 8.58 -22.35
C LEU A 403 -37.68 8.34 -22.83
N ALA A 404 -38.62 9.18 -22.39
CA ALA A 404 -39.99 9.05 -22.88
C ALA A 404 -40.08 9.34 -24.37
N LEU A 405 -39.37 10.37 -24.84
CA LEU A 405 -39.36 10.67 -26.27
C LEU A 405 -38.72 9.54 -27.07
N ALA A 406 -37.67 8.92 -26.52
CA ALA A 406 -37.05 7.79 -27.19
C ALA A 406 -38.01 6.60 -27.28
N GLU A 407 -38.73 6.33 -26.19
CA GLU A 407 -39.70 5.24 -26.20
C GLU A 407 -40.84 5.53 -27.16
N LEU A 408 -41.22 6.80 -27.31
CA LEU A 408 -42.25 7.16 -28.27
C LEU A 408 -41.76 6.99 -29.70
N GLY A 409 -40.52 7.40 -29.97
CA GLY A 409 -39.99 7.30 -31.32
C GLY A 409 -39.63 5.88 -31.72
N ARG A 410 -39.38 5.00 -30.75
CA ARG A 410 -39.05 3.62 -31.07
C ARG A 410 -40.22 2.89 -31.69
N ARG A 411 -41.45 3.23 -31.29
CA ARG A 411 -42.64 2.59 -31.84
C ARG A 411 -43.25 3.37 -32.99
N GLY A 412 -42.79 4.59 -33.26
CA GLY A 412 -43.34 5.38 -34.34
C GLY A 412 -44.68 6.01 -34.04
N LEU A 413 -44.90 6.44 -32.81
CA LEU A 413 -46.16 7.05 -32.39
C LEU A 413 -45.98 8.55 -32.10
N LEU A 414 -45.19 9.22 -32.94
CA LEU A 414 -44.92 10.64 -32.79
C LEU A 414 -45.33 11.37 -34.07
N LEU A 415 -46.22 12.36 -33.92
CA LEU A 415 -46.72 13.06 -35.08
C LEU A 415 -45.63 13.93 -35.71
N PRO A 416 -45.66 14.10 -37.03
CA PRO A 416 -44.64 14.95 -37.68
C PRO A 416 -44.68 16.40 -37.25
N SER A 417 -45.81 16.87 -36.73
CA SER A 417 -45.91 18.25 -36.27
C SER A 417 -45.15 18.45 -34.97
N ARG A 418 -44.97 17.37 -34.20
CA ARG A 418 -44.23 17.48 -32.95
C ARG A 418 -42.72 17.43 -33.19
N LEU A 419 -42.31 17.10 -34.42
CA LEU A 419 -40.88 17.05 -34.73
C LEU A 419 -40.23 18.42 -34.65
N VAL A 420 -41.00 19.49 -34.88
CA VAL A 420 -40.47 20.84 -34.77
C VAL A 420 -39.96 21.10 -33.36
N ASP A 421 -40.76 20.68 -32.36
CA ASP A 421 -40.32 20.81 -30.97
C ASP A 421 -39.32 19.72 -30.58
N VAL A 422 -39.36 18.57 -31.25
CA VAL A 422 -38.37 17.52 -30.96
C VAL A 422 -36.97 18.00 -31.32
N VAL A 423 -36.82 18.65 -32.47
CA VAL A 423 -35.52 19.19 -32.86
C VAL A 423 -35.04 20.21 -31.82
N ALA A 424 -35.95 21.05 -31.34
CA ALA A 424 -35.61 22.08 -30.36
C ALA A 424 -35.15 21.46 -29.05
N VAL A 425 -35.89 20.47 -28.55
CA VAL A 425 -35.54 19.87 -27.26
C VAL A 425 -34.26 19.06 -27.41
N ILE A 426 -34.00 18.52 -28.60
CA ILE A 426 -32.75 17.81 -28.84
C ILE A 426 -31.57 18.77 -28.81
N LEU A 427 -31.72 19.93 -29.47
CA LEU A 427 -30.66 20.93 -29.46
C LEU A 427 -30.44 21.48 -28.05
N LYS A 428 -31.51 21.56 -27.25
CA LYS A 428 -31.37 22.04 -25.88
C LYS A 428 -30.70 20.99 -24.99
N ALA A 429 -30.97 19.71 -25.25
CA ALA A 429 -30.42 18.65 -24.41
C ALA A 429 -28.98 18.33 -24.78
N LEU A 430 -28.59 18.56 -26.03
CA LEU A 430 -27.22 18.26 -26.45
C LEU A 430 -26.21 19.22 -25.82
N THR A 431 -26.67 20.35 -25.28
CA THR A 431 -25.79 21.32 -24.60
C THR A 431 -26.38 21.62 -23.22
N TYR A 432 -26.22 20.67 -22.31
CA TYR A 432 -26.75 20.77 -20.95
C TYR A 432 -25.63 20.47 -19.96
N ASP A 433 -25.22 21.49 -19.21
CA ASP A 433 -24.16 21.32 -18.20
C ASP A 433 -24.32 22.42 -17.16
N GLU A 434 -24.73 22.03 -15.96
CA GLU A 434 -24.94 22.98 -14.86
C GLU A 434 -23.84 22.78 -13.83
N LYS A 435 -23.31 23.89 -13.32
CA LYS A 435 -22.26 23.83 -12.32
C LYS A 435 -22.84 23.54 -10.94
N ARG A 436 -22.27 22.56 -10.26
CA ARG A 436 -22.71 22.18 -8.92
C ARG A 436 -21.50 21.70 -8.13
N GLY A 437 -21.08 22.49 -7.14
CA GLY A 437 -19.94 22.13 -6.33
C GLY A 437 -18.61 22.30 -7.04
N ALA A 438 -17.74 21.31 -6.93
CA ALA A 438 -16.44 21.36 -7.57
C ALA A 438 -16.52 21.01 -9.05
N CYS A 439 -17.29 19.99 -9.39
CA CYS A 439 -17.46 19.56 -10.77
C CYS A 439 -18.80 20.07 -11.31
N SER A 440 -19.37 19.36 -12.28
CA SER A 440 -20.63 19.74 -12.89
C SER A 440 -21.48 18.48 -13.11
N VAL A 441 -22.78 18.69 -13.27
CA VAL A 441 -23.73 17.61 -13.49
C VAL A 441 -24.36 17.77 -14.87
N GLY A 442 -25.03 16.72 -15.32
CA GLY A 442 -25.70 16.71 -16.61
C GLY A 442 -24.98 15.94 -17.69
N THR A 443 -24.14 14.95 -17.35
CA THR A 443 -23.44 14.20 -18.39
C THR A 443 -24.33 13.13 -19.01
N ASN A 444 -25.45 12.80 -18.35
CA ASN A 444 -26.35 11.79 -18.88
C ASN A 444 -27.32 12.37 -19.90
N VAL A 445 -27.55 13.69 -19.87
CA VAL A 445 -28.49 14.30 -20.80
C VAL A 445 -27.96 14.20 -22.23
N ARG A 446 -26.64 14.37 -22.42
CA ARG A 446 -26.07 14.25 -23.75
C ARG A 446 -26.19 12.83 -24.29
N ASP A 447 -25.95 11.83 -23.44
CA ASP A 447 -26.10 10.44 -23.86
C ASP A 447 -27.56 10.13 -24.18
N ALA A 448 -28.49 10.66 -23.39
CA ALA A 448 -29.91 10.46 -23.67
C ALA A 448 -30.30 11.08 -25.01
N ALA A 449 -29.82 12.30 -25.28
CA ALA A 449 -30.12 12.95 -26.55
C ALA A 449 -29.51 12.19 -27.72
N CYS A 450 -28.30 11.65 -27.54
CA CYS A 450 -27.69 10.84 -28.59
C CYS A 450 -28.49 9.57 -28.86
N TYR A 451 -28.97 8.92 -27.80
CA TYR A 451 -29.79 7.72 -27.97
C TYR A 451 -31.10 8.06 -28.65
N VAL A 452 -31.70 9.21 -28.31
CA VAL A 452 -32.94 9.63 -28.98
C VAL A 452 -32.69 9.88 -30.46
N CYS A 453 -31.57 10.53 -30.78
CA CYS A 453 -31.25 10.78 -32.19
C CYS A 453 -31.03 9.47 -32.94
N TRP A 454 -30.33 8.52 -32.31
CA TRP A 454 -30.09 7.23 -32.94
C TRP A 454 -31.40 6.47 -33.19
N ALA A 455 -32.29 6.48 -32.20
CA ALA A 455 -33.57 5.80 -32.35
C ALA A 455 -34.43 6.48 -33.43
N PHE A 456 -34.42 7.81 -33.49
CA PHE A 456 -35.18 8.52 -34.49
C PHE A 456 -34.60 8.29 -35.89
N ALA A 457 -33.28 8.14 -35.99
CA ALA A 457 -32.67 7.84 -37.28
C ALA A 457 -33.02 6.44 -37.74
N ARG A 458 -32.99 5.46 -36.84
CA ARG A 458 -33.37 4.10 -37.21
C ARG A 458 -34.87 3.89 -37.27
N ALA A 459 -35.66 4.90 -36.91
CA ALA A 459 -37.11 4.78 -36.93
C ALA A 459 -37.70 5.39 -38.19
N TYR A 460 -37.54 6.69 -38.37
CA TYR A 460 -38.13 7.39 -39.51
C TYR A 460 -37.38 7.06 -40.80
N GLU A 461 -38.06 7.28 -41.92
CA GLU A 461 -37.49 7.06 -43.24
C GLU A 461 -36.51 8.17 -43.58
N PRO A 462 -35.59 7.92 -44.52
CA PRO A 462 -34.66 9.00 -44.91
C PRO A 462 -35.36 10.20 -45.53
N GLN A 463 -36.54 10.00 -46.11
CA GLN A 463 -37.27 11.13 -46.69
C GLN A 463 -38.09 11.86 -45.63
N GLU A 464 -38.65 11.12 -44.67
CA GLU A 464 -39.42 11.76 -43.61
C GLU A 464 -38.53 12.44 -42.59
N LEU A 465 -37.25 12.06 -42.53
CA LEU A 465 -36.29 12.64 -41.60
C LEU A 465 -35.21 13.44 -42.30
N LYS A 466 -35.55 14.11 -43.42
CA LYS A 466 -34.56 14.89 -44.13
C LYS A 466 -34.27 16.22 -43.44
N PRO A 467 -35.25 17.05 -43.07
CA PRO A 467 -34.92 18.31 -42.38
C PRO A 467 -34.42 18.12 -40.95
N PHE A 468 -34.60 16.93 -40.37
CA PHE A 468 -34.12 16.70 -39.01
C PHE A 468 -32.62 16.47 -38.99
N VAL A 469 -32.10 15.66 -39.90
CA VAL A 469 -30.67 15.35 -39.90
C VAL A 469 -29.84 16.59 -40.23
N THR A 470 -30.34 17.44 -41.12
CA THR A 470 -29.58 18.63 -41.52
C THR A 470 -29.59 19.70 -40.44
N ALA A 471 -30.19 19.43 -39.28
CA ALA A 471 -30.24 20.40 -38.18
C ALA A 471 -29.60 19.86 -36.90
N ILE A 472 -29.31 18.57 -36.84
CA ILE A 472 -28.72 17.98 -35.64
C ILE A 472 -27.37 17.35 -35.99
N SER A 473 -26.94 17.54 -37.23
CA SER A 473 -25.64 17.01 -37.67
C SER A 473 -24.49 17.84 -37.12
N SER A 474 -24.59 19.17 -37.20
CA SER A 474 -23.52 20.03 -36.69
C SER A 474 -23.39 19.89 -35.18
N ALA A 475 -24.52 19.74 -34.47
CA ALA A 475 -24.45 19.56 -33.03
C ALA A 475 -23.77 18.25 -32.66
N LEU A 476 -24.04 17.18 -33.43
CA LEU A 476 -23.47 15.85 -33.10
C LEU A 476 -21.94 15.88 -33.21
N VAL A 477 -21.40 16.23 -34.39
CA VAL A 477 -19.92 16.18 -34.60
C VAL A 477 -19.21 17.03 -33.53
N ILE A 478 -19.78 18.20 -33.20
CA ILE A 478 -19.13 19.12 -32.22
C ILE A 478 -18.95 18.38 -30.89
N ALA A 479 -20.04 17.81 -30.35
CA ALA A 479 -19.96 17.08 -29.06
C ALA A 479 -19.00 15.90 -29.21
N ALA A 480 -19.07 15.20 -30.34
CA ALA A 480 -18.22 14.00 -30.56
C ALA A 480 -16.73 14.37 -30.49
N VAL A 481 -16.33 15.56 -30.96
CA VAL A 481 -14.86 15.85 -31.00
C VAL A 481 -14.43 16.79 -29.87
N PHE A 482 -15.36 17.28 -29.05
CA PHE A 482 -15.00 18.29 -28.07
C PHE A 482 -15.59 18.04 -26.68
N ASP A 483 -16.40 16.98 -26.54
CA ASP A 483 -17.01 16.63 -25.23
C ASP A 483 -15.92 16.11 -24.30
N ARG A 484 -16.04 16.37 -22.98
CA ARG A 484 -15.03 15.91 -21.99
C ARG A 484 -15.13 14.39 -21.81
N ASP A 485 -16.36 13.86 -21.67
CA ASP A 485 -16.57 12.40 -21.46
C ASP A 485 -16.32 11.65 -22.76
N ILE A 486 -15.67 10.49 -22.69
CA ILE A 486 -15.45 9.66 -23.92
C ILE A 486 -16.79 9.06 -24.37
N ASN A 487 -17.60 8.56 -23.43
CA ASN A 487 -18.87 7.90 -23.80
C ASN A 487 -19.74 8.88 -24.59
N CYS A 488 -19.86 10.12 -24.10
CA CYS A 488 -20.65 11.15 -24.81
C CYS A 488 -20.16 11.27 -26.26
N ARG A 489 -18.86 11.45 -26.45
CA ARG A 489 -18.29 11.61 -27.82
C ARG A 489 -18.57 10.35 -28.64
N ARG A 490 -18.30 9.17 -28.08
CA ARG A 490 -18.49 7.89 -28.83
C ARG A 490 -19.97 7.74 -29.18
N ALA A 491 -20.86 8.05 -28.24
CA ALA A 491 -22.32 7.93 -28.49
C ALA A 491 -22.70 8.85 -29.66
N ALA A 492 -22.19 10.08 -29.67
CA ALA A 492 -22.49 11.02 -30.78
C ALA A 492 -21.93 10.48 -32.09
N SER A 493 -20.73 9.87 -32.04
CA SER A 493 -20.10 9.36 -33.25
C SER A 493 -20.93 8.24 -33.87
N ALA A 494 -21.48 7.35 -33.05
CA ALA A 494 -22.32 6.28 -33.56
C ALA A 494 -23.60 6.83 -34.19
N ALA A 495 -24.19 7.84 -33.56
CA ALA A 495 -25.40 8.44 -34.12
C ALA A 495 -25.11 9.13 -35.45
N PHE A 496 -23.98 9.84 -35.54
CA PHE A 496 -23.62 10.49 -36.80
C PHE A 496 -23.34 9.46 -37.89
N GLN A 497 -22.67 8.35 -37.53
CA GLN A 497 -22.41 7.30 -38.50
C GLN A 497 -23.71 6.68 -39.00
N GLU A 498 -24.64 6.41 -38.08
CA GLU A 498 -25.93 5.84 -38.49
C GLU A 498 -26.71 6.81 -39.37
N ASN A 499 -26.67 8.10 -39.04
CA ASN A 499 -27.37 9.09 -39.86
C ASN A 499 -26.76 9.18 -41.25
N VAL A 500 -25.44 9.20 -41.36
CA VAL A 500 -24.78 9.25 -42.66
C VAL A 500 -25.09 8.00 -43.47
N GLY A 501 -25.11 6.83 -42.81
CA GLY A 501 -25.39 5.59 -43.52
C GLY A 501 -26.82 5.46 -43.98
N ARG A 502 -27.77 5.97 -43.19
CA ARG A 502 -29.18 5.85 -43.55
C ARG A 502 -29.65 6.94 -44.50
N GLN A 503 -29.05 8.13 -44.45
CA GLN A 503 -29.47 9.20 -45.35
C GLN A 503 -29.00 8.97 -46.77
N GLY A 504 -27.84 8.34 -46.96
CA GLY A 504 -27.32 8.08 -48.28
C GLY A 504 -26.58 9.25 -48.87
N THR A 505 -27.30 10.31 -49.22
CA THR A 505 -26.71 11.51 -49.79
C THR A 505 -26.24 12.41 -48.65
N PHE A 506 -24.92 12.48 -48.45
CA PHE A 506 -24.38 13.29 -47.32
C PHE A 506 -23.00 13.83 -47.68
N PRO A 507 -22.71 15.13 -47.41
CA PRO A 507 -21.42 15.73 -47.76
C PRO A 507 -20.31 15.35 -46.78
N HIS A 508 -19.19 14.81 -47.28
CA HIS A 508 -18.02 14.47 -46.42
C HIS A 508 -18.45 13.46 -45.36
N GLY A 509 -19.53 12.73 -45.59
CA GLY A 509 -20.01 11.73 -44.62
C GLY A 509 -18.97 10.67 -44.35
N ILE A 510 -18.40 10.08 -45.41
CA ILE A 510 -17.33 9.05 -45.25
C ILE A 510 -16.03 9.76 -44.88
N ASP A 511 -15.83 11.00 -45.34
CA ASP A 511 -14.58 11.75 -45.07
C ASP A 511 -14.37 11.81 -43.55
N ILE A 512 -15.42 12.14 -42.80
CA ILE A 512 -15.30 12.27 -41.32
C ILE A 512 -15.52 10.90 -40.67
N LEU A 513 -16.43 10.09 -41.21
CA LEU A 513 -16.74 8.77 -40.62
C LEU A 513 -15.45 7.96 -40.52
N THR A 514 -14.67 7.89 -41.61
CA THR A 514 -13.40 7.14 -41.61
C THR A 514 -12.40 7.83 -40.69
N THR A 515 -12.29 9.16 -40.78
CA THR A 515 -11.30 9.91 -39.97
C THR A 515 -11.59 9.71 -38.47
N ALA A 516 -12.84 9.90 -38.06
CA ALA A 516 -13.20 9.72 -36.63
C ALA A 516 -14.11 8.50 -36.48
N ASP A 517 -13.59 7.43 -35.89
CA ASP A 517 -14.39 6.18 -35.71
C ASP A 517 -14.55 5.89 -34.21
N TYR A 518 -15.11 4.73 -33.87
CA TYR A 518 -15.35 4.38 -32.44
C TYR A 518 -14.03 4.40 -31.67
N PHE A 519 -12.92 4.02 -32.32
CA PHE A 519 -11.62 3.93 -31.60
C PHE A 519 -10.92 5.29 -31.61
N ALA A 520 -10.90 5.98 -32.76
CA ALA A 520 -10.20 7.28 -32.86
C ALA A 520 -10.69 8.23 -31.76
N VAL A 521 -12.02 8.40 -31.65
CA VAL A 521 -12.62 9.28 -30.61
C VAL A 521 -12.04 8.90 -29.24
N GLY A 522 -11.32 7.77 -29.17
CA GLY A 522 -10.75 7.31 -27.89
C GLY A 522 -9.73 8.29 -27.33
N ASN A 523 -8.78 8.73 -28.16
CA ASN A 523 -7.74 9.69 -27.70
C ASN A 523 -8.36 11.09 -27.61
N ARG A 524 -8.42 11.67 -26.40
CA ARG A 524 -9.10 12.98 -26.25
C ARG A 524 -8.20 14.08 -26.81
N SER A 525 -6.93 14.14 -26.39
CA SER A 525 -6.07 15.26 -26.86
C SER A 525 -6.24 15.46 -28.36
N ASN A 526 -6.21 14.37 -29.14
CA ASN A 526 -6.30 14.48 -30.63
C ASN A 526 -7.65 15.02 -31.06
N CYS A 527 -8.72 14.65 -30.35
CA CYS A 527 -10.09 15.07 -30.77
C CYS A 527 -10.17 16.60 -30.85
N PHE A 528 -9.28 17.30 -30.16
CA PHE A 528 -9.36 18.79 -30.12
C PHE A 528 -8.23 19.41 -30.96
N LEU A 529 -7.37 18.60 -31.57
CA LEU A 529 -6.21 19.16 -32.30
C LEU A 529 -6.06 18.53 -33.69
N VAL A 530 -6.15 17.20 -33.78
CA VAL A 530 -5.95 16.51 -35.06
C VAL A 530 -7.26 16.38 -35.83
N ILE A 531 -8.20 15.61 -35.30
CA ILE A 531 -9.47 15.38 -36.00
C ILE A 531 -10.27 16.66 -36.09
N SER A 532 -10.17 17.52 -35.08
CA SER A 532 -10.92 18.78 -35.09
C SER A 532 -10.53 19.64 -36.28
N VAL A 533 -9.23 19.71 -36.58
CA VAL A 533 -8.77 20.53 -37.71
C VAL A 533 -9.25 19.92 -39.02
N PHE A 534 -9.21 18.59 -39.13
CA PHE A 534 -9.62 17.93 -40.37
C PHE A 534 -11.11 18.12 -40.62
N ILE A 535 -11.91 18.13 -39.55
CA ILE A 535 -13.35 18.37 -39.73
C ILE A 535 -13.60 19.84 -40.01
N ALA A 536 -12.82 20.73 -39.40
CA ALA A 536 -12.98 22.17 -39.63
C ALA A 536 -12.50 22.60 -41.00
N GLY A 537 -11.72 21.76 -41.69
CA GLY A 537 -11.30 22.05 -43.05
C GLY A 537 -12.41 22.35 -44.02
N PHE A 538 -13.61 21.83 -43.78
CA PHE A 538 -14.76 22.10 -44.63
C PHE A 538 -15.36 23.45 -44.29
N PRO A 539 -15.88 24.19 -45.27
CA PRO A 539 -16.42 25.53 -44.96
C PRO A 539 -17.62 25.51 -44.04
N GLU A 540 -18.39 24.42 -44.02
CA GLU A 540 -19.60 24.37 -43.20
C GLU A 540 -19.33 23.91 -41.78
N TYR A 541 -18.07 23.83 -41.36
CA TYR A 541 -17.72 23.42 -40.01
C TYR A 541 -16.54 24.19 -39.42
N THR A 542 -16.41 25.49 -39.72
CA THR A 542 -15.27 26.25 -39.21
C THR A 542 -15.72 27.27 -38.17
N GLN A 543 -16.70 28.09 -38.51
CA GLN A 543 -17.18 29.15 -37.62
C GLN A 543 -17.96 28.60 -36.43
N PRO A 544 -18.87 27.63 -36.61
CA PRO A 544 -19.58 27.10 -35.42
C PRO A 544 -18.65 26.50 -34.37
N MET A 545 -17.55 25.90 -34.82
CA MET A 545 -16.58 25.28 -33.89
C MET A 545 -15.93 26.38 -33.02
N ILE A 546 -15.23 27.33 -33.65
CA ILE A 546 -14.49 28.37 -32.89
C ILE A 546 -15.45 29.10 -31.94
N ASP A 547 -16.61 29.53 -32.44
CA ASP A 547 -17.60 30.25 -31.59
C ASP A 547 -17.93 29.37 -30.38
N HIS A 548 -18.45 28.16 -30.61
CA HIS A 548 -18.87 27.26 -29.50
C HIS A 548 -17.70 26.98 -28.55
N LEU A 549 -16.51 26.71 -29.09
CA LEU A 549 -15.35 26.36 -28.23
C LEU A 549 -15.07 27.53 -27.29
N VAL A 550 -15.04 28.75 -27.82
CA VAL A 550 -14.74 29.96 -27.00
C VAL A 550 -15.86 30.21 -25.99
N THR A 551 -17.11 29.93 -26.36
CA THR A 551 -18.25 30.26 -25.46
C THR A 551 -18.47 29.21 -24.37
N MET A 552 -17.88 28.02 -24.48
CA MET A 552 -18.22 26.94 -23.51
C MET A 552 -16.99 26.19 -22.95
N LYS A 553 -15.82 26.30 -23.52
CA LYS A 553 -14.67 25.49 -23.05
C LYS A 553 -13.59 26.37 -22.42
N ILE A 554 -13.23 27.48 -23.07
CA ILE A 554 -12.11 28.33 -22.56
C ILE A 554 -12.33 28.66 -21.08
N SER A 555 -13.53 28.45 -20.56
CA SER A 555 -13.82 28.84 -19.15
C SER A 555 -14.23 27.61 -18.32
N HIS A 556 -14.11 26.41 -18.90
CA HIS A 556 -14.55 25.17 -18.19
C HIS A 556 -13.89 25.12 -16.80
N TRP A 557 -14.61 24.62 -15.79
CA TRP A 557 -14.06 24.58 -14.44
C TRP A 557 -12.79 23.76 -14.33
N ASP A 558 -12.35 23.10 -15.40
CA ASP A 558 -11.16 22.28 -15.39
C ASP A 558 -10.05 23.00 -16.15
N GLY A 559 -8.87 23.08 -15.54
CA GLY A 559 -7.76 23.77 -16.19
C GLY A 559 -7.24 23.03 -17.40
N VAL A 560 -7.26 21.69 -17.35
CA VAL A 560 -6.83 20.90 -18.50
C VAL A 560 -7.75 21.13 -19.69
N ILE A 561 -9.06 21.22 -19.42
CA ILE A 561 -10.01 21.50 -20.49
C ILE A 561 -9.76 22.88 -21.08
N ARG A 562 -9.42 23.86 -20.24
CA ARG A 562 -9.14 25.20 -20.74
C ARG A 562 -7.88 25.22 -21.58
N GLU A 563 -6.86 24.46 -21.18
CA GLU A 563 -5.63 24.40 -21.97
C GLU A 563 -5.88 23.72 -23.31
N LEU A 564 -6.65 22.63 -23.30
CA LEU A 564 -7.01 21.97 -24.56
C LEU A 564 -7.82 22.90 -25.46
N ALA A 565 -8.70 23.71 -24.88
CA ALA A 565 -9.48 24.65 -25.65
C ALA A 565 -8.59 25.75 -26.25
N ALA A 566 -7.63 26.23 -25.47
CA ALA A 566 -6.70 27.25 -25.98
C ALA A 566 -5.84 26.69 -27.10
N ARG A 567 -5.45 25.42 -27.01
CA ARG A 567 -4.68 24.80 -28.09
C ARG A 567 -5.54 24.58 -29.32
N ALA A 568 -6.80 24.18 -29.12
CA ALA A 568 -7.71 23.97 -30.26
C ALA A 568 -7.98 25.28 -30.99
N LEU A 569 -8.13 26.36 -30.21
CA LEU A 569 -8.37 27.70 -30.83
C LEU A 569 -7.20 28.05 -31.74
N HIS A 570 -5.97 27.94 -31.22
CA HIS A 570 -4.76 28.29 -32.01
C HIS A 570 -4.72 27.43 -33.28
N ASN A 571 -4.98 26.13 -33.14
CA ASN A 571 -4.91 25.21 -34.31
C ASN A 571 -5.97 25.61 -35.35
N LEU A 572 -7.18 25.95 -34.89
CA LEU A 572 -8.27 26.27 -35.84
C LEU A 572 -8.17 27.74 -36.29
N ALA A 573 -7.45 28.57 -35.54
CA ALA A 573 -7.40 30.01 -35.87
C ALA A 573 -6.92 30.20 -37.32
N GLN A 574 -5.96 29.37 -37.75
CA GLN A 574 -5.40 29.51 -39.12
C GLN A 574 -6.48 29.23 -40.17
N GLN A 575 -7.29 28.19 -39.98
CA GLN A 575 -8.33 27.83 -40.98
C GLN A 575 -9.35 28.96 -41.10
N ALA A 576 -9.22 30.13 -40.45
CA ALA A 576 -10.28 31.20 -40.51
C ALA A 576 -9.75 32.59 -40.11
N PRO A 577 -8.57 33.05 -40.60
CA PRO A 577 -7.96 34.30 -40.12
C PRO A 577 -8.90 35.49 -39.92
N GLU A 578 -9.48 36.03 -41.00
CA GLU A 578 -10.32 37.25 -40.90
C GLU A 578 -11.30 37.14 -39.72
N PHE A 579 -12.16 36.12 -39.72
CA PHE A 579 -13.21 36.01 -38.68
C PHE A 579 -12.59 36.01 -37.28
N SER A 580 -11.63 35.12 -37.04
CA SER A 580 -11.02 34.99 -35.69
C SER A 580 -10.43 36.34 -35.26
N ALA A 581 -9.77 37.05 -36.18
CA ALA A 581 -9.09 38.32 -35.82
C ALA A 581 -10.09 39.45 -35.57
N THR A 582 -11.21 39.47 -36.30
CA THR A 582 -12.14 40.64 -36.19
C THR A 582 -13.27 40.39 -35.18
N GLN A 583 -13.72 39.14 -35.02
CA GLN A 583 -14.87 38.89 -34.17
C GLN A 583 -14.50 38.23 -32.85
N VAL A 584 -13.63 37.23 -32.87
CA VAL A 584 -13.31 36.49 -31.65
C VAL A 584 -12.44 37.31 -30.73
N PHE A 585 -11.45 38.02 -31.30
CA PHE A 585 -10.49 38.79 -30.52
C PHE A 585 -11.15 39.88 -29.68
N PRO A 586 -12.15 40.61 -30.20
CA PRO A 586 -12.88 41.55 -29.31
C PRO A 586 -13.57 40.85 -28.15
N ARG A 587 -14.17 39.69 -28.38
CA ARG A 587 -14.81 38.96 -27.28
C ARG A 587 -13.78 38.54 -26.24
N LEU A 588 -12.59 38.09 -26.69
CA LEU A 588 -11.55 37.70 -25.75
C LEU A 588 -11.05 38.91 -24.96
N LEU A 589 -10.88 40.06 -25.63
CA LEU A 589 -10.45 41.27 -24.94
C LEU A 589 -11.50 41.78 -23.96
N SER A 590 -12.79 41.54 -24.23
CA SER A 590 -13.83 41.90 -23.29
C SER A 590 -13.95 40.92 -22.14
N MET A 591 -13.64 39.64 -22.36
CA MET A 591 -13.72 38.63 -21.30
C MET A 591 -12.48 38.59 -20.43
N THR A 592 -11.34 39.12 -20.89
CA THR A 592 -10.17 39.19 -20.04
C THR A 592 -10.38 40.07 -18.82
N LEU A 593 -11.37 40.97 -18.85
CA LEU A 593 -11.70 41.81 -17.72
C LEU A 593 -12.98 41.34 -17.02
N SER A 594 -13.06 40.04 -16.73
CA SER A 594 -14.24 39.48 -16.10
C SER A 594 -13.94 39.13 -14.64
N PRO A 595 -14.95 39.21 -13.76
CA PRO A 595 -14.72 38.86 -12.35
C PRO A 595 -14.41 37.38 -12.14
N ASP A 596 -14.61 36.54 -13.15
CA ASP A 596 -14.34 35.12 -13.00
C ASP A 596 -12.88 34.82 -13.29
N LEU A 597 -12.27 34.01 -12.42
CA LEU A 597 -10.85 33.66 -12.55
C LEU A 597 -10.60 32.68 -13.71
N HIS A 598 -11.41 31.62 -13.79
CA HIS A 598 -11.25 30.65 -14.87
C HIS A 598 -11.53 31.28 -16.23
N MET A 599 -12.57 32.11 -16.28
CA MET A 599 -12.86 32.84 -17.54
C MET A 599 -11.65 33.73 -17.83
N ARG A 600 -11.12 34.39 -16.79
CA ARG A 600 -9.91 35.23 -16.96
C ARG A 600 -8.72 34.32 -17.28
N HIS A 601 -8.60 33.17 -16.59
CA HIS A 601 -7.50 32.23 -16.92
C HIS A 601 -7.57 31.83 -18.40
N GLY A 602 -8.73 31.36 -18.86
CA GLY A 602 -8.86 30.86 -20.26
C GLY A 602 -8.70 31.95 -21.30
N SER A 603 -9.46 33.05 -21.18
CA SER A 603 -9.43 34.11 -22.22
C SER A 603 -7.98 34.50 -22.53
N ILE A 604 -7.20 34.84 -21.49
CA ILE A 604 -5.80 35.23 -21.67
C ILE A 604 -5.06 34.19 -22.50
N LEU A 605 -5.36 32.91 -22.31
CA LEU A 605 -4.73 31.85 -23.15
C LEU A 605 -5.06 32.10 -24.63
N ALA A 606 -6.33 32.31 -24.95
CA ALA A 606 -6.76 32.49 -26.36
C ALA A 606 -6.08 33.71 -26.97
N CYS A 607 -6.03 34.83 -26.25
CA CYS A 607 -5.40 36.07 -26.77
C CYS A 607 -3.94 35.77 -27.11
N ALA A 608 -3.25 35.00 -26.26
CA ALA A 608 -1.83 34.65 -26.51
C ALA A 608 -1.73 33.70 -27.72
N GLU A 609 -2.55 32.65 -27.75
CA GLU A 609 -2.44 31.64 -28.84
C GLU A 609 -2.80 32.24 -30.20
N VAL A 610 -3.98 32.87 -30.31
CA VAL A 610 -4.44 33.41 -31.63
C VAL A 610 -3.37 34.36 -32.17
N ALA A 611 -2.92 35.32 -31.37
CA ALA A 611 -1.93 36.29 -31.81
C ALA A 611 -0.72 35.60 -32.44
N TYR A 612 -0.28 34.49 -31.83
CA TYR A 612 0.84 33.74 -32.40
C TYR A 612 0.48 33.16 -33.76
N ALA A 613 -0.73 32.60 -33.87
CA ALA A 613 -1.16 32.02 -35.14
C ALA A 613 -1.29 33.09 -36.22
N LEU A 614 -1.82 34.26 -35.88
CA LEU A 614 -1.95 35.34 -36.85
C LEU A 614 -0.57 35.87 -37.27
N TYR A 615 0.36 35.93 -36.32
CA TYR A 615 1.72 36.32 -36.68
C TYR A 615 2.35 35.32 -37.64
N LYS A 616 2.14 34.03 -37.39
CA LYS A 616 2.66 33.01 -38.30
C LYS A 616 2.05 33.16 -39.69
N LEU A 617 0.78 33.38 -39.84
CA LEU A 617 0.23 33.59 -41.22
C LEU A 617 0.89 34.77 -41.94
N ALA A 618 1.05 35.93 -41.30
CA ALA A 618 1.62 37.14 -41.95
C ALA A 618 3.10 37.02 -42.26
N ALA A 619 3.83 36.18 -41.52
CA ALA A 619 5.28 36.01 -41.71
C ALA A 619 5.57 35.24 -43.00
N GLN A 620 4.66 34.34 -43.40
CA GLN A 620 4.81 33.61 -44.68
C GLN A 620 4.76 34.61 -45.83
N GLU A 621 3.98 35.68 -45.68
CA GLU A 621 3.89 36.74 -46.72
C GLU A 621 4.85 37.88 -46.34
N ASN A 622 5.63 37.69 -45.27
CA ASN A 622 6.64 38.70 -44.85
C ASN A 622 5.94 40.04 -44.52
N ARG A 623 4.97 40.02 -43.59
CA ARG A 623 4.28 41.28 -43.17
C ARG A 623 4.25 41.33 -41.63
N PRO A 624 4.30 42.52 -40.99
CA PRO A 624 4.19 42.59 -39.53
C PRO A 624 2.82 42.15 -39.05
N VAL A 625 2.71 41.98 -37.73
CA VAL A 625 1.46 41.52 -37.12
C VAL A 625 0.43 42.64 -37.04
N THR A 626 0.82 43.88 -37.29
CA THR A 626 -0.11 45.00 -37.23
C THR A 626 -1.07 45.03 -38.40
N ASP A 627 -0.91 44.14 -39.38
CA ASP A 627 -1.82 44.13 -40.53
C ASP A 627 -3.18 43.55 -40.14
N HIS A 628 -3.19 42.40 -39.46
CA HIS A 628 -4.45 41.78 -39.07
C HIS A 628 -5.04 42.47 -37.85
N LEU A 629 -4.28 42.55 -36.76
CA LEU A 629 -4.74 43.21 -35.53
C LEU A 629 -4.70 44.72 -35.72
N ASP A 630 -5.80 45.40 -35.42
CA ASP A 630 -5.86 46.84 -35.54
C ASP A 630 -5.24 47.49 -34.31
N GLU A 631 -5.40 48.82 -34.23
CA GLU A 631 -4.85 49.55 -33.09
C GLU A 631 -5.65 49.28 -31.81
N GLN A 632 -6.91 48.90 -31.95
CA GLN A 632 -7.72 48.60 -30.77
C GLN A 632 -7.17 47.40 -30.01
N ALA A 633 -6.79 46.34 -30.75
CA ALA A 633 -6.22 45.16 -30.09
C ALA A 633 -4.87 45.49 -29.44
N VAL A 634 -4.08 46.34 -30.09
CA VAL A 634 -2.79 46.72 -29.53
C VAL A 634 -2.98 47.53 -28.24
N GLN A 635 -3.96 48.42 -28.23
CA GLN A 635 -4.23 49.20 -27.02
C GLN A 635 -4.83 48.32 -25.92
N GLY A 636 -5.59 47.30 -26.30
CA GLY A 636 -6.16 46.41 -25.29
C GLY A 636 -5.14 45.47 -24.68
N LEU A 637 -4.21 44.97 -25.49
CA LEU A 637 -3.19 44.06 -24.98
C LEU A 637 -2.10 44.78 -24.18
N LYS A 638 -2.11 46.11 -24.16
CA LYS A 638 -1.12 46.88 -23.42
C LYS A 638 -1.58 47.20 -21.99
N GLN A 639 -2.84 46.94 -21.66
CA GLN A 639 -3.34 47.25 -20.33
C GLN A 639 -3.86 46.01 -19.60
N ILE A 640 -3.28 44.84 -19.85
CA ILE A 640 -3.71 43.64 -19.15
C ILE A 640 -2.99 43.51 -17.81
N HIS A 641 -1.66 43.54 -17.82
CA HIS A 641 -0.90 43.42 -16.59
C HIS A 641 -1.16 44.60 -15.66
N GLN A 642 -1.33 45.80 -16.23
CA GLN A 642 -1.62 46.97 -15.41
C GLN A 642 -2.95 46.84 -14.69
N GLN A 643 -3.99 46.39 -15.41
CA GLN A 643 -5.30 46.22 -14.80
C GLN A 643 -5.30 45.06 -13.80
N LEU A 644 -4.47 44.04 -14.04
CA LEU A 644 -4.39 42.93 -13.10
C LEU A 644 -3.65 43.33 -11.83
N TYR A 645 -2.68 44.24 -11.95
CA TYR A 645 -1.94 44.69 -10.77
C TYR A 645 -2.70 45.76 -10.01
N ASP A 646 -3.53 46.56 -10.68
CA ASP A 646 -4.30 47.58 -9.99
C ASP A 646 -5.35 46.97 -9.08
N ARG A 647 -5.84 45.77 -9.43
CA ARG A 647 -6.83 45.07 -8.63
C ARG A 647 -6.22 44.11 -7.61
N GLN A 648 -4.91 43.88 -7.69
CA GLN A 648 -4.19 42.99 -6.77
C GLN A 648 -4.81 41.58 -6.79
N LEU A 649 -4.99 41.05 -8.00
CA LEU A 649 -5.57 39.73 -8.18
C LEU A 649 -4.53 38.62 -8.10
N TYR A 650 -3.26 38.95 -7.92
CA TYR A 650 -2.20 37.94 -7.84
C TYR A 650 -2.06 37.35 -6.44
N ARG A 651 -2.82 37.83 -5.47
CA ARG A 651 -2.74 37.32 -4.11
C ARG A 651 -3.66 36.12 -3.93
N GLY A 652 -3.42 35.38 -2.85
CA GLY A 652 -4.21 34.19 -2.55
C GLY A 652 -3.78 32.99 -3.37
N LEU A 653 -4.62 31.96 -3.31
CA LEU A 653 -4.34 30.73 -4.06
C LEU A 653 -4.80 30.87 -5.51
N GLY A 654 -5.58 31.91 -5.81
CA GLY A 654 -6.04 32.11 -7.17
C GLY A 654 -5.09 32.97 -7.99
N GLY A 655 -4.03 33.47 -7.38
CA GLY A 655 -3.08 34.30 -8.10
C GLY A 655 -2.07 33.49 -8.90
N GLN A 656 -1.91 32.20 -8.56
CA GLN A 656 -0.97 31.36 -9.30
C GLN A 656 -1.42 31.14 -10.73
N LEU A 657 -2.73 30.97 -10.94
CA LEU A 657 -3.24 30.82 -12.29
C LEU A 657 -3.00 32.08 -13.11
N MET A 658 -3.21 33.26 -12.51
CA MET A 658 -2.97 34.51 -13.22
C MET A 658 -1.48 34.69 -13.52
N ARG A 659 -0.61 34.34 -12.57
CA ARG A 659 0.82 34.41 -12.80
C ARG A 659 1.28 33.46 -13.89
N GLN A 660 0.67 32.27 -14.00
CA GLN A 660 0.99 31.34 -15.07
C GLN A 660 0.45 31.80 -16.41
N ALA A 661 -0.70 32.47 -16.42
CA ALA A 661 -1.28 32.94 -17.68
C ALA A 661 -0.52 34.15 -18.22
N VAL A 662 -0.12 35.07 -17.34
CA VAL A 662 0.59 36.26 -17.78
C VAL A 662 1.96 35.89 -18.33
N CYS A 663 2.59 34.87 -17.73
CA CYS A 663 3.88 34.41 -18.23
C CYS A 663 3.77 33.85 -19.64
N VAL A 664 2.74 33.04 -19.90
CA VAL A 664 2.53 32.50 -21.24
C VAL A 664 2.17 33.61 -22.21
N LEU A 665 1.37 34.58 -21.76
CA LEU A 665 1.05 35.73 -22.60
C LEU A 665 2.29 36.52 -23.01
N ILE A 666 3.19 36.80 -22.06
CA ILE A 666 4.44 37.48 -22.38
C ILE A 666 5.32 36.63 -23.28
N GLU A 667 5.41 35.32 -23.04
CA GLU A 667 6.19 34.44 -23.90
C GLU A 667 5.68 34.44 -25.33
N LYS A 668 4.35 34.52 -25.52
CA LYS A 668 3.81 34.55 -26.88
C LYS A 668 3.97 35.91 -27.52
N LEU A 669 3.80 36.99 -26.74
CA LEU A 669 3.93 38.33 -27.31
C LEU A 669 5.38 38.69 -27.61
N SER A 670 6.33 38.07 -26.89
CA SER A 670 7.74 38.33 -27.15
C SER A 670 8.20 37.73 -28.47
N LEU A 671 7.72 36.53 -28.82
CA LEU A 671 8.06 35.92 -30.10
C LEU A 671 7.32 36.56 -31.27
N SER A 672 6.22 37.27 -31.00
CA SER A 672 5.45 37.93 -32.05
C SER A 672 6.05 39.25 -32.50
N LYS A 673 7.12 39.71 -31.84
CA LYS A 673 7.79 40.97 -32.19
C LYS A 673 6.80 42.14 -32.18
N MET A 674 6.14 42.35 -31.04
CA MET A 674 5.18 43.42 -30.89
C MET A 674 5.90 44.76 -30.79
N PRO A 675 5.31 45.85 -31.28
CA PRO A 675 5.97 47.17 -31.23
C PRO A 675 5.78 47.86 -29.88
N PHE A 676 6.47 47.33 -28.87
CA PHE A 676 6.45 47.89 -27.51
C PHE A 676 7.87 48.12 -27.03
N ARG A 677 8.76 48.45 -27.96
CA ARG A 677 10.17 48.70 -27.66
C ARG A 677 10.32 50.08 -27.03
N GLY A 678 10.57 50.11 -25.72
CA GLY A 678 10.72 51.36 -25.00
C GLY A 678 9.47 51.84 -24.29
N ASP A 679 8.74 50.97 -23.62
CA ASP A 679 7.53 51.34 -22.91
C ASP A 679 7.54 50.78 -21.49
N THR A 680 6.65 51.34 -20.66
CA THR A 680 6.53 50.91 -19.27
C THR A 680 6.02 49.47 -19.14
N VAL A 681 5.38 48.94 -20.17
CA VAL A 681 4.88 47.56 -20.10
C VAL A 681 6.04 46.57 -20.00
N ILE A 682 7.17 46.86 -20.64
CA ILE A 682 8.33 45.98 -20.54
C ILE A 682 8.89 45.99 -19.12
N ASP A 683 8.97 47.17 -18.51
CA ASP A 683 9.43 47.26 -17.13
C ASP A 683 8.47 46.55 -16.18
N GLY A 684 7.18 46.68 -16.42
CA GLY A 684 6.21 45.97 -15.58
C GLY A 684 6.31 44.47 -15.72
N TRP A 685 6.49 43.98 -16.95
CA TRP A 685 6.68 42.55 -17.18
C TRP A 685 7.95 42.05 -16.50
N GLN A 686 9.04 42.83 -16.58
CA GLN A 686 10.27 42.43 -15.93
C GLN A 686 10.11 42.38 -14.42
N TRP A 687 9.42 43.38 -13.85
CA TRP A 687 9.20 43.40 -12.41
C TRP A 687 8.34 42.21 -11.97
N LEU A 688 7.32 41.87 -12.76
CA LEU A 688 6.45 40.76 -12.41
C LEU A 688 7.20 39.44 -12.52
N ILE A 689 8.06 39.30 -13.54
CA ILE A 689 8.87 38.08 -13.67
C ILE A 689 9.83 37.96 -12.50
N ASN A 690 10.44 39.08 -12.09
CA ASN A 690 11.34 39.04 -10.94
C ASN A 690 10.60 38.67 -9.67
N ASP A 691 9.40 39.21 -9.48
CA ASP A 691 8.60 38.87 -8.29
C ASP A 691 8.21 37.40 -8.30
N THR A 692 7.87 36.86 -9.48
CA THR A 692 7.52 35.45 -9.58
C THR A 692 8.73 34.57 -9.28
N LEU A 693 9.90 34.93 -9.80
CA LEU A 693 11.10 34.15 -9.53
C LEU A 693 11.52 34.25 -8.07
N ARG A 694 11.24 35.38 -7.42
CA ARG A 694 11.59 35.52 -6.00
C ARG A 694 10.64 34.74 -5.11
N HIS A 695 9.33 34.87 -5.33
CA HIS A 695 8.33 34.17 -4.53
C HIS A 695 8.06 32.81 -5.16
N LEU A 696 8.70 31.79 -4.61
CA LEU A 696 8.54 30.41 -5.10
C LEU A 696 8.22 29.43 -3.99
N HIS A 697 8.61 29.74 -2.75
CA HIS A 697 8.33 28.83 -1.64
C HIS A 697 6.87 28.89 -1.22
N LEU A 698 6.21 30.03 -1.48
CA LEU A 698 4.80 30.16 -1.15
C LEU A 698 3.93 29.30 -2.06
N ILE A 699 4.35 29.15 -3.32
CA ILE A 699 3.61 28.31 -4.25
C ILE A 699 3.82 26.85 -3.90
N SER A 700 2.74 26.06 -4.00
CA SER A 700 2.80 24.65 -3.68
C SER A 700 3.77 23.92 -4.60
N SER A 701 4.27 22.78 -4.13
CA SER A 701 5.26 22.03 -4.90
C SER A 701 4.63 21.33 -6.10
N HIS A 702 3.30 21.22 -6.12
CA HIS A 702 2.63 20.56 -7.24
C HIS A 702 2.71 21.39 -8.51
N SER A 703 2.60 22.71 -8.38
CA SER A 703 2.71 23.62 -9.52
C SER A 703 3.84 24.61 -9.37
N ARG A 704 5.02 24.17 -8.94
CA ARG A 704 6.14 25.08 -8.76
C ARG A 704 7.12 25.01 -9.92
N GLN A 705 7.45 23.79 -10.35
CA GLN A 705 8.39 23.63 -11.45
C GLN A 705 7.83 24.18 -12.76
N GLN A 706 6.53 23.99 -12.99
CA GLN A 706 5.91 24.52 -14.20
C GLN A 706 5.96 26.04 -14.22
N MET A 707 5.63 26.67 -13.09
CA MET A 707 5.68 28.13 -13.01
C MET A 707 7.12 28.63 -13.18
N LYS A 708 8.08 27.93 -12.58
CA LYS A 708 9.48 28.34 -12.73
C LYS A 708 9.93 28.26 -14.18
N ASP A 709 9.60 27.16 -14.86
CA ASP A 709 9.98 27.00 -16.26
C ASP A 709 9.31 28.04 -17.13
N ALA A 710 8.03 28.35 -16.86
CA ALA A 710 7.33 29.35 -17.63
C ALA A 710 7.94 30.73 -17.44
N ALA A 711 8.31 31.06 -16.20
CA ALA A 711 8.94 32.35 -15.92
C ALA A 711 10.31 32.44 -16.59
N VAL A 712 11.07 31.35 -16.56
CA VAL A 712 12.39 31.35 -17.21
C VAL A 712 12.25 31.52 -18.72
N SER A 713 11.27 30.83 -19.31
CA SER A 713 11.05 30.96 -20.75
C SER A 713 10.62 32.37 -21.12
N ALA A 714 9.70 32.96 -20.34
CA ALA A 714 9.27 34.33 -20.59
C ALA A 714 10.43 35.32 -20.46
N LEU A 715 11.26 35.18 -19.43
CA LEU A 715 12.43 36.04 -19.28
C LEU A 715 13.40 35.89 -20.43
N ALA A 716 13.68 34.65 -20.85
CA ALA A 716 14.59 34.44 -21.97
C ALA A 716 14.04 35.01 -23.26
N ALA A 717 12.73 34.92 -23.48
CA ALA A 717 12.13 35.51 -24.68
C ALA A 717 12.17 37.03 -24.63
N LEU A 718 11.88 37.63 -23.47
CA LEU A 718 11.87 39.08 -23.37
C LEU A 718 13.27 39.65 -23.52
N CYS A 719 14.26 39.01 -22.90
CA CYS A 719 15.64 39.51 -23.00
C CYS A 719 16.19 39.36 -24.41
N SER A 720 15.71 38.38 -25.17
CA SER A 720 16.13 38.19 -26.55
C SER A 720 15.37 39.09 -27.52
N GLU A 721 14.15 39.48 -27.19
CA GLU A 721 13.35 40.32 -28.07
C GLU A 721 13.49 41.81 -27.79
N TYR A 722 13.10 42.28 -26.60
CA TYR A 722 13.04 43.70 -26.30
C TYR A 722 14.33 44.26 -25.71
N TYR A 723 15.38 43.45 -25.57
CA TYR A 723 16.65 43.95 -25.05
C TYR A 723 17.74 43.81 -26.10
N MET A 724 17.71 44.65 -27.13
CA MET A 724 18.71 44.63 -28.20
C MET A 724 18.64 45.97 -28.92
N LYS A 725 19.68 46.78 -28.76
CA LYS A 725 19.73 48.08 -29.44
C LYS A 725 20.13 47.91 -30.90
N GLU A 726 21.35 47.46 -31.15
CA GLU A 726 21.87 47.22 -32.48
C GLU A 726 22.02 45.72 -32.68
N PRO A 727 21.99 45.26 -33.94
CA PRO A 727 22.20 43.82 -34.20
C PRO A 727 23.55 43.33 -33.69
N GLY A 728 23.52 42.52 -32.63
CA GLY A 728 24.74 42.02 -32.04
C GLY A 728 25.20 42.78 -30.83
N GLU A 729 24.41 43.74 -30.35
CA GLU A 729 24.77 44.55 -29.19
C GLU A 729 23.61 44.53 -28.21
N ALA A 730 23.76 45.27 -27.12
CA ALA A 730 22.73 45.35 -26.09
C ALA A 730 22.93 46.63 -25.30
N ASP A 731 21.89 47.04 -24.57
CA ASP A 731 21.95 48.23 -23.73
C ASP A 731 22.85 47.97 -22.53
N PRO A 732 23.96 48.71 -22.37
CA PRO A 732 24.85 48.45 -21.24
C PRO A 732 24.21 48.66 -19.88
N ALA A 733 23.35 49.68 -19.75
CA ALA A 733 22.77 49.99 -18.45
C ALA A 733 21.84 48.88 -17.98
N ILE A 734 20.90 48.47 -18.84
CA ILE A 734 19.96 47.42 -18.47
C ILE A 734 20.69 46.10 -18.24
N GLN A 735 21.68 45.80 -19.08
CA GLN A 735 22.44 44.56 -18.90
C GLN A 735 23.18 44.56 -17.58
N GLU A 736 23.83 45.67 -17.23
CA GLU A 736 24.56 45.74 -15.97
C GLU A 736 23.62 45.65 -14.78
N GLU A 737 22.46 46.32 -14.86
CA GLU A 737 21.49 46.24 -13.78
C GLU A 737 20.98 44.82 -13.59
N LEU A 738 20.70 44.13 -14.70
CA LEU A 738 20.22 42.75 -14.62
C LEU A 738 21.29 41.84 -14.04
N ILE A 739 22.55 42.03 -14.46
CA ILE A 739 23.64 41.21 -13.93
C ILE A 739 23.79 41.44 -12.42
N THR A 740 23.72 42.71 -11.99
CA THR A 740 23.86 43.02 -10.57
C THR A 740 22.72 42.42 -9.76
N GLN A 741 21.49 42.53 -10.28
CA GLN A 741 20.34 42.01 -9.54
C GLN A 741 20.29 40.48 -9.57
N TYR A 742 20.96 39.85 -10.53
CA TYR A 742 20.91 38.40 -10.63
C TYR A 742 22.05 37.74 -9.88
N LEU A 743 23.22 38.38 -9.82
CA LEU A 743 24.34 37.81 -9.10
C LEU A 743 24.26 38.02 -7.59
N ALA A 744 23.54 39.03 -7.14
CA ALA A 744 23.41 39.30 -5.71
C ALA A 744 22.39 38.39 -5.03
N GLU A 745 21.48 37.79 -5.77
CA GLU A 745 20.47 36.91 -5.22
C GLU A 745 20.93 35.46 -5.11
N LEU A 746 22.15 35.16 -5.54
CA LEU A 746 22.69 33.81 -5.43
C LEU A 746 23.20 33.49 -4.04
N ARG A 747 23.16 34.45 -3.12
CA ARG A 747 23.59 34.24 -1.74
C ARG A 747 22.40 34.30 -0.78
N ASN A 748 21.18 34.29 -1.33
CA ASN A 748 19.95 34.36 -0.54
C ASN A 748 19.81 33.09 0.29
N PRO A 749 19.38 33.19 1.55
CA PRO A 749 19.23 31.98 2.36
C PRO A 749 18.13 31.04 1.89
N GLU A 750 17.19 31.53 1.09
CA GLU A 750 16.11 30.70 0.59
C GLU A 750 16.63 29.83 -0.56
N GLU A 751 16.31 28.53 -0.52
CA GLU A 751 16.77 27.63 -1.56
C GLU A 751 15.97 27.81 -2.84
N MET A 752 14.68 28.14 -2.72
CA MET A 752 13.83 28.32 -3.89
C MET A 752 14.28 29.53 -4.70
N THR A 753 14.69 30.60 -4.03
CA THR A 753 15.18 31.78 -4.74
C THR A 753 16.42 31.47 -5.55
N ARG A 754 17.36 30.72 -4.97
CA ARG A 754 18.56 30.32 -5.71
C ARG A 754 18.19 29.40 -6.86
N CYS A 755 17.29 28.45 -6.63
CA CYS A 755 16.90 27.51 -7.68
C CYS A 755 16.25 28.24 -8.84
N GLY A 756 15.44 29.26 -8.56
CA GLY A 756 14.85 30.03 -9.63
C GLY A 756 15.83 30.93 -10.36
N PHE A 757 16.70 31.62 -9.60
CA PHE A 757 17.65 32.54 -10.22
C PHE A 757 18.70 31.81 -11.03
N SER A 758 19.05 30.58 -10.66
CA SER A 758 19.99 29.81 -11.46
C SER A 758 19.43 29.54 -12.87
N LEU A 759 18.18 29.07 -12.94
CA LEU A 759 17.57 28.81 -14.24
C LEU A 759 17.28 30.11 -14.97
N ALA A 760 17.06 31.20 -14.24
CA ALA A 760 16.85 32.50 -14.87
C ALA A 760 18.13 32.99 -15.54
N LEU A 761 19.28 32.82 -14.88
CA LEU A 761 20.54 33.23 -15.46
C LEU A 761 21.01 32.26 -16.54
N GLY A 762 20.57 31.00 -16.48
CA GLY A 762 20.97 30.02 -17.46
C GLY A 762 20.12 30.04 -18.72
N ALA A 763 19.45 31.18 -18.96
CA ALA A 763 18.61 31.31 -20.15
C ALA A 763 18.90 32.59 -20.93
N LEU A 764 19.94 33.34 -20.55
CA LEU A 764 20.28 34.57 -21.26
C LEU A 764 20.83 34.25 -22.65
N PRO A 765 20.55 35.09 -23.64
CA PRO A 765 21.05 34.83 -25.00
C PRO A 765 22.55 35.03 -25.12
N GLY A 766 23.08 34.79 -26.31
CA GLY A 766 24.51 34.89 -26.53
C GLY A 766 25.06 36.30 -26.49
N PHE A 767 24.31 37.25 -27.07
CA PHE A 767 24.78 38.63 -27.11
C PHE A 767 24.70 39.32 -25.76
N LEU A 768 23.82 38.87 -24.87
CA LEU A 768 23.72 39.46 -23.54
C LEU A 768 24.79 38.97 -22.58
N LEU A 769 25.56 37.95 -22.97
CA LEU A 769 26.65 37.43 -22.15
C LEU A 769 28.02 37.78 -22.70
N LYS A 770 28.15 38.92 -23.38
CA LYS A 770 29.41 39.34 -23.95
C LYS A 770 30.16 40.23 -22.97
N GLY A 771 31.38 39.83 -22.62
CA GLY A 771 32.20 40.58 -21.71
C GLY A 771 31.93 40.34 -20.23
N ARG A 772 30.85 39.65 -19.89
CA ARG A 772 30.50 39.36 -18.50
C ARG A 772 30.22 37.87 -18.33
N LEU A 773 30.94 37.03 -19.08
CA LEU A 773 30.73 35.59 -18.98
C LEU A 773 31.49 34.99 -17.81
N GLN A 774 32.70 35.50 -17.53
CA GLN A 774 33.49 34.97 -16.44
C GLN A 774 32.83 35.22 -15.08
N GLN A 775 32.19 36.38 -14.93
CA GLN A 775 31.50 36.68 -13.68
C GLN A 775 30.34 35.71 -13.44
N VAL A 776 29.56 35.45 -14.49
CA VAL A 776 28.44 34.51 -14.36
C VAL A 776 28.96 33.10 -14.10
N LEU A 777 30.07 32.73 -14.74
CA LEU A 777 30.65 31.40 -14.53
C LEU A 777 31.12 31.24 -13.08
N THR A 778 31.77 32.27 -12.53
CA THR A 778 32.22 32.21 -11.14
C THR A 778 31.03 32.19 -10.19
N GLY A 779 29.98 32.96 -10.48
CA GLY A 779 28.80 32.95 -9.64
C GLY A 779 28.10 31.61 -9.63
N LEU A 780 28.07 30.93 -10.79
CA LEU A 780 27.46 29.62 -10.85
C LEU A 780 28.34 28.55 -10.21
N ARG A 781 29.66 28.73 -10.28
CA ARG A 781 30.56 27.76 -9.65
C ARG A 781 30.55 27.89 -8.13
N ALA A 782 30.38 29.11 -7.61
CA ALA A 782 30.33 29.31 -6.17
C ALA A 782 29.06 28.72 -5.54
N VAL A 783 28.01 28.54 -6.34
CA VAL A 783 26.78 27.96 -5.79
C VAL A 783 26.83 26.44 -5.81
N THR A 784 27.35 25.82 -6.86
CA THR A 784 27.36 24.34 -6.94
C THR A 784 28.17 23.75 -5.79
N HIS A 785 29.04 24.56 -5.19
CA HIS A 785 29.90 24.10 -4.08
C HIS A 785 29.09 24.00 -2.79
N THR A 786 29.56 23.23 -1.80
CA THR A 786 28.74 23.03 -0.57
C THR A 786 29.43 23.64 0.65
N SER A 787 28.65 23.97 1.69
CA SER A 787 29.21 24.53 2.94
C SER A 787 28.30 24.16 4.11
N PRO A 788 28.76 24.20 5.38
CA PRO A 788 27.89 23.91 6.51
C PRO A 788 26.59 24.70 6.38
N GLU A 789 26.66 25.92 5.85
CA GLU A 789 25.45 26.76 5.67
C GLU A 789 24.46 26.04 4.74
N ASP A 790 24.97 25.43 3.66
CA ASP A 790 24.07 24.78 2.67
C ASP A 790 24.57 23.35 2.38
N VAL A 791 24.13 22.37 3.18
CA VAL A 791 24.55 20.96 2.97
C VAL A 791 23.42 20.18 2.27
N SER A 792 22.16 20.55 2.54
CA SER A 792 21.01 19.81 1.96
C SER A 792 20.45 20.56 0.73
N PHE A 793 21.08 21.67 0.35
CA PHE A 793 20.63 22.46 -0.83
C PHE A 793 20.96 21.70 -2.11
N ALA A 794 20.63 20.40 -2.17
CA ALA A 794 21.04 19.61 -3.36
C ALA A 794 20.42 20.22 -4.62
N GLU A 795 19.11 20.52 -4.57
CA GLU A 795 18.40 21.09 -5.75
C GLU A 795 19.17 22.30 -6.28
N SER A 796 19.43 23.29 -5.43
CA SER A 796 20.13 24.52 -5.87
C SER A 796 21.38 24.21 -6.69
N ARG A 797 22.25 23.32 -6.20
CA ARG A 797 23.53 23.02 -6.91
C ARG A 797 23.21 22.40 -8.28
N ARG A 798 22.22 21.50 -8.33
CA ARG A 798 21.83 20.86 -9.61
C ARG A 798 21.36 21.95 -10.60
N ASP A 799 20.52 22.88 -10.13
CA ASP A 799 20.02 23.97 -11.01
C ASP A 799 21.22 24.79 -11.50
N GLY A 800 22.18 25.09 -10.62
CA GLY A 800 23.37 25.84 -11.03
C GLY A 800 24.13 25.11 -12.13
N LEU A 801 24.33 23.80 -11.97
CA LEU A 801 24.98 23.00 -13.04
C LEU A 801 24.22 23.20 -14.36
N LYS A 802 22.99 22.71 -14.45
CA LYS A 802 22.16 22.84 -15.68
C LYS A 802 22.41 24.20 -16.32
N ALA A 803 22.18 25.28 -15.58
CA ALA A 803 22.38 26.63 -16.12
C ALA A 803 23.73 26.75 -16.81
N ILE A 804 24.77 26.19 -16.21
CA ILE A 804 26.10 26.20 -16.83
C ILE A 804 26.05 25.46 -18.17
N ALA A 805 25.38 24.32 -18.20
CA ALA A 805 25.25 23.54 -19.43
C ALA A 805 24.51 24.32 -20.51
N ARG A 806 23.42 24.98 -20.13
CA ARG A 806 22.65 25.75 -21.10
C ARG A 806 23.44 26.94 -21.62
N ILE A 807 24.21 27.58 -20.74
CA ILE A 807 25.03 28.71 -21.17
C ILE A 807 26.12 28.24 -22.15
N CYS A 808 26.75 27.11 -21.83
CA CYS A 808 27.79 26.57 -22.71
C CYS A 808 27.21 26.14 -24.05
N GLN A 809 25.97 25.65 -24.06
CA GLN A 809 25.33 25.26 -25.31
C GLN A 809 24.88 26.47 -26.12
N THR A 810 24.47 27.55 -25.46
CA THR A 810 23.95 28.71 -26.19
C THR A 810 25.07 29.60 -26.71
N VAL A 811 26.04 29.94 -25.85
CA VAL A 811 27.10 30.86 -26.24
C VAL A 811 27.96 30.33 -27.39
N GLY A 812 28.68 29.23 -27.21
CA GLY A 812 29.49 28.71 -28.28
C GLY A 812 30.97 28.68 -27.93
N VAL A 813 31.78 28.29 -28.91
CA VAL A 813 33.23 28.17 -28.74
C VAL A 813 33.89 29.06 -29.78
N LYS A 814 34.66 30.04 -29.31
CA LYS A 814 35.42 30.93 -30.18
C LYS A 814 36.88 30.89 -29.74
N ALA A 815 37.79 31.03 -30.70
CA ALA A 815 39.22 30.97 -30.40
C ALA A 815 39.70 32.27 -29.75
N GLY A 816 40.29 32.16 -28.56
CA GLY A 816 40.83 33.32 -27.87
C GLY A 816 39.76 34.26 -27.35
N ALA A 817 38.88 33.75 -26.49
CA ALA A 817 37.82 34.58 -25.92
C ALA A 817 37.36 33.99 -24.59
N PRO A 818 38.11 34.22 -23.50
CA PRO A 818 37.68 33.66 -22.21
C PRO A 818 36.48 34.38 -21.62
N ASP A 819 36.41 35.70 -21.75
CA ASP A 819 35.31 36.48 -21.21
C ASP A 819 34.15 36.63 -22.20
N GLU A 820 34.25 36.06 -23.40
CA GLU A 820 33.20 36.14 -24.38
C GLU A 820 32.60 34.80 -24.73
N ALA A 821 33.40 33.75 -24.84
CA ALA A 821 32.90 32.41 -25.16
C ALA A 821 33.59 31.42 -24.22
N VAL A 822 33.45 30.14 -24.55
CA VAL A 822 34.05 29.06 -23.77
C VAL A 822 35.09 28.38 -24.65
N CYS A 823 36.37 28.59 -24.33
CA CYS A 823 37.47 28.00 -25.07
C CYS A 823 38.40 27.30 -24.09
N GLY A 824 39.66 27.13 -24.49
CA GLY A 824 40.61 26.44 -23.65
C GLY A 824 41.08 27.25 -22.45
N GLU A 825 40.78 28.55 -22.44
CA GLU A 825 41.20 29.39 -21.33
C GLU A 825 40.28 29.23 -20.13
N ASN A 826 39.10 28.64 -20.32
CA ASN A 826 38.15 28.43 -19.25
C ASN A 826 37.36 27.13 -19.35
N VAL A 827 37.92 26.09 -19.97
CA VAL A 827 37.22 24.82 -20.12
C VAL A 827 37.56 23.94 -18.93
N SER A 828 38.75 24.12 -18.36
CA SER A 828 39.15 23.32 -17.20
C SER A 828 38.38 23.74 -15.96
N GLN A 829 38.10 25.04 -15.83
CA GLN A 829 37.35 25.53 -14.67
C GLN A 829 35.91 25.01 -14.69
N ILE A 830 35.41 24.63 -15.85
CA ILE A 830 34.08 24.05 -15.94
C ILE A 830 34.16 22.53 -15.77
N TYR A 831 35.19 21.91 -16.34
CA TYR A 831 35.35 20.46 -16.24
C TYR A 831 35.55 20.02 -14.80
N CYS A 832 36.41 20.74 -14.06
CA CYS A 832 36.64 20.41 -12.67
C CYS A 832 35.39 20.63 -11.83
N ALA A 833 34.66 21.70 -12.11
CA ALA A 833 33.43 21.99 -11.37
C ALA A 833 32.37 20.93 -11.63
N LEU A 834 32.31 20.40 -12.85
CA LEU A 834 31.35 19.35 -13.15
C LEU A 834 31.79 18.00 -12.59
N LEU A 835 33.10 17.75 -12.52
CA LEU A 835 33.58 16.50 -11.97
C LEU A 835 33.51 16.46 -10.45
N GLY A 836 33.60 17.62 -9.80
CA GLY A 836 33.50 17.64 -8.34
C GLY A 836 32.10 17.34 -7.84
N CYS A 837 31.09 17.54 -8.68
CA CYS A 837 29.71 17.26 -8.29
C CYS A 837 29.35 15.79 -8.40
N MET A 838 30.23 14.96 -8.96
CA MET A 838 29.96 13.54 -9.08
C MET A 838 30.10 12.80 -7.75
N ASP A 839 30.81 13.38 -6.79
CA ASP A 839 31.01 12.77 -5.49
C ASP A 839 29.96 13.19 -4.47
N ASP A 840 28.80 13.65 -4.92
CA ASP A 840 27.75 14.07 -4.00
C ASP A 840 27.02 12.86 -3.43
N TYR A 841 26.97 12.78 -2.11
CA TYR A 841 26.32 11.67 -1.41
C TYR A 841 25.66 12.21 -0.14
N THR A 842 24.76 13.17 -0.30
CA THR A 842 24.07 13.76 0.83
C THR A 842 22.83 12.95 1.20
N THR A 843 22.77 12.54 2.46
CA THR A 843 21.65 11.75 2.98
C THR A 843 20.94 12.54 4.08
N ASP A 844 19.63 12.66 3.95
CA ASP A 844 18.83 13.39 4.92
C ASP A 844 17.60 12.55 5.26
N SER A 845 16.59 13.21 5.85
CA SER A 845 15.36 12.50 6.21
C SER A 845 14.52 12.17 4.98
N ARG A 846 14.76 12.87 3.86
CA ARG A 846 14.00 12.60 2.65
C ARG A 846 14.55 11.39 1.91
N GLY A 847 15.85 11.19 1.95
CA GLY A 847 16.48 10.06 1.30
C GLY A 847 17.82 10.47 0.69
N ASP A 848 18.18 9.79 -0.40
CA ASP A 848 19.42 10.06 -1.11
C ASP A 848 19.14 11.13 -2.17
N VAL A 849 19.69 12.33 -1.93
CA VAL A 849 19.49 13.44 -2.85
C VAL A 849 20.69 13.66 -3.74
N GLY A 850 21.72 12.82 -3.63
CA GLY A 850 22.90 12.98 -4.48
C GLY A 850 22.66 12.55 -5.91
N THR A 851 21.62 11.75 -6.15
CA THR A 851 21.33 11.30 -7.51
C THR A 851 20.85 12.46 -8.37
N TRP A 852 20.10 13.40 -7.77
CA TRP A 852 19.64 14.57 -8.52
C TRP A 852 20.80 15.42 -9.02
N VAL A 853 21.88 15.52 -8.23
CA VAL A 853 23.05 16.25 -8.67
C VAL A 853 23.90 15.43 -9.63
N ARG A 854 23.99 14.11 -9.41
CA ARG A 854 24.79 13.25 -10.28
C ARG A 854 24.21 13.20 -11.70
N LYS A 855 22.88 13.10 -11.82
CA LYS A 855 22.25 13.07 -13.13
C LYS A 855 22.48 14.39 -13.87
N ALA A 856 22.37 15.51 -13.14
CA ALA A 856 22.62 16.81 -13.75
C ALA A 856 24.06 16.96 -14.21
N ALA A 857 25.01 16.52 -13.37
CA ALA A 857 26.42 16.58 -13.75
C ALA A 857 26.74 15.67 -14.93
N MET A 858 26.11 14.51 -15.03
CA MET A 858 26.31 13.62 -16.16
C MET A 858 25.71 14.20 -17.45
N THR A 859 24.51 14.79 -17.35
CA THR A 859 23.90 15.40 -18.52
C THR A 859 24.71 16.61 -19.00
N SER A 860 25.24 17.40 -18.07
CA SER A 860 26.06 18.54 -18.46
C SER A 860 27.35 18.08 -19.13
N LEU A 861 27.99 17.05 -18.58
CA LEU A 861 29.20 16.52 -19.20
C LEU A 861 28.92 15.95 -20.57
N MET A 862 27.79 15.26 -20.73
CA MET A 862 27.39 14.76 -22.04
C MET A 862 27.17 15.88 -23.05
N ASP A 863 26.46 16.93 -22.65
CA ASP A 863 26.24 18.08 -23.53
C ASP A 863 27.53 18.84 -23.84
N LEU A 864 28.52 18.75 -22.96
CA LEU A 864 29.80 19.48 -23.18
C LEU A 864 30.74 18.66 -24.07
N THR A 865 30.94 17.37 -23.77
CA THR A 865 31.91 16.54 -24.55
C THR A 865 31.69 16.69 -26.05
N LEU A 866 30.48 16.37 -26.54
CA LEU A 866 30.21 16.41 -28.00
C LEU A 866 30.40 17.83 -28.52
N LEU A 867 30.15 18.83 -27.66
CA LEU A 867 30.31 20.25 -28.08
C LEU A 867 31.76 20.49 -28.52
N LEU A 868 32.73 19.99 -27.74
CA LEU A 868 34.16 20.15 -28.09
C LEU A 868 34.44 19.36 -29.36
N ALA A 869 33.80 18.20 -29.53
CA ALA A 869 34.05 17.35 -30.71
C ALA A 869 33.73 18.17 -31.96
N ARG A 870 32.60 18.89 -31.93
CA ARG A 870 32.22 19.76 -33.08
C ARG A 870 33.09 21.01 -33.09
N SER A 871 33.46 21.52 -31.90
CA SER A 871 34.25 22.78 -31.83
C SER A 871 35.53 22.55 -31.03
N GLN A 872 36.70 22.57 -31.70
CA GLN A 872 37.99 22.40 -31.00
C GLN A 872 37.99 21.10 -30.19
N PRO A 873 38.01 19.91 -30.81
CA PRO A 873 38.07 18.65 -30.08
C PRO A 873 39.42 18.53 -29.34
N GLU A 874 40.48 19.07 -29.92
CA GLU A 874 41.82 19.03 -29.26
C GLU A 874 41.67 19.36 -27.77
N LEU A 875 40.73 20.24 -27.44
CA LEU A 875 40.55 20.67 -26.01
C LEU A 875 40.35 19.43 -25.12
N ILE A 876 39.97 18.29 -25.72
CA ILE A 876 39.68 17.05 -24.92
C ILE A 876 40.99 16.44 -24.43
N GLU A 877 41.24 16.46 -23.12
CA GLU A 877 42.43 15.83 -22.57
C GLU A 877 42.21 14.33 -22.42
N ALA A 878 43.30 13.62 -22.14
CA ALA A 878 43.23 12.17 -21.99
C ALA A 878 42.86 11.77 -20.57
N HIS A 879 43.53 12.35 -19.57
CA HIS A 879 43.24 12.02 -18.18
C HIS A 879 41.82 12.41 -17.79
N THR A 880 41.37 13.60 -18.21
CA THR A 880 40.02 14.05 -17.87
C THR A 880 38.97 13.16 -18.51
N CYS A 881 39.16 12.79 -19.78
CA CYS A 881 38.21 11.91 -20.46
C CYS A 881 38.19 10.53 -19.81
N GLU A 882 39.37 10.03 -19.42
CA GLU A 882 39.43 8.73 -18.75
C GLU A 882 38.70 8.78 -17.42
N ARG A 883 38.88 9.86 -16.66
CA ARG A 883 38.18 10.01 -15.39
C ARG A 883 36.68 10.09 -15.60
N ILE A 884 36.25 10.78 -16.67
CA ILE A 884 34.82 10.88 -16.96
C ILE A 884 34.25 9.50 -17.29
N MET A 885 34.97 8.72 -18.09
CA MET A 885 34.51 7.38 -18.43
C MET A 885 34.45 6.48 -17.20
N CYS A 886 35.45 6.59 -16.32
CA CYS A 886 35.44 5.80 -15.10
C CYS A 886 34.28 6.18 -14.19
N CYS A 887 33.99 7.48 -14.08
CA CYS A 887 32.87 7.92 -13.26
C CYS A 887 31.55 7.46 -13.85
N VAL A 888 31.43 7.49 -15.18
CA VAL A 888 30.21 7.01 -15.83
C VAL A 888 30.02 5.53 -15.58
N ALA A 889 31.10 4.75 -15.67
CA ALA A 889 31.00 3.32 -15.39
C ALA A 889 30.63 3.07 -13.93
N GLN A 890 31.18 3.88 -13.01
CA GLN A 890 30.85 3.72 -11.60
C GLN A 890 29.38 4.02 -11.34
N GLN A 891 28.86 5.10 -11.93
CA GLN A 891 27.46 5.42 -11.74
C GLN A 891 26.55 4.43 -12.45
N ALA A 892 27.05 3.76 -13.50
CA ALA A 892 26.28 2.70 -14.14
C ALA A 892 26.31 1.40 -13.35
N SER A 893 27.32 1.19 -12.51
CA SER A 893 27.41 0.00 -11.67
C SER A 893 26.67 0.15 -10.35
N GLU A 894 25.71 1.08 -10.27
CA GLU A 894 24.99 1.31 -9.03
C GLU A 894 23.85 0.30 -8.88
N LYS A 895 22.92 0.63 -7.98
CA LYS A 895 21.81 -0.27 -7.65
C LYS A 895 20.46 0.26 -8.09
N ILE A 896 20.30 1.59 -8.15
CA ILE A 896 19.04 2.21 -8.55
C ILE A 896 18.76 1.87 -10.01
N ASP A 897 17.51 1.49 -10.31
CA ASP A 897 17.17 1.06 -11.66
C ASP A 897 17.20 2.22 -12.65
N ARG A 898 16.48 3.29 -12.35
CA ARG A 898 16.40 4.43 -13.26
C ARG A 898 17.77 5.10 -13.41
N PHE A 899 18.51 5.22 -12.30
CA PHE A 899 19.82 5.84 -12.35
C PHE A 899 20.79 5.01 -13.17
N ARG A 900 20.78 3.69 -12.98
CA ARG A 900 21.64 2.82 -13.77
C ARG A 900 21.26 2.86 -15.25
N ALA A 901 19.97 2.90 -15.55
CA ALA A 901 19.53 2.98 -16.94
C ALA A 901 19.99 4.27 -17.59
N HIS A 902 19.86 5.39 -16.88
CA HIS A 902 20.29 6.68 -17.42
C HIS A 902 21.81 6.70 -17.62
N ALA A 903 22.55 6.16 -16.66
CA ALA A 903 24.01 6.12 -16.79
C ALA A 903 24.43 5.23 -17.96
N ALA A 904 23.73 4.12 -18.16
CA ALA A 904 24.05 3.24 -19.28
C ALA A 904 23.72 3.90 -20.61
N SER A 905 22.61 4.65 -20.66
CA SER A 905 22.28 5.36 -21.89
C SER A 905 23.30 6.45 -22.19
N VAL A 906 23.77 7.14 -21.16
CA VAL A 906 24.82 8.15 -21.35
C VAL A 906 26.10 7.49 -21.83
N PHE A 907 26.45 6.33 -21.26
CA PHE A 907 27.64 5.61 -21.67
C PHE A 907 27.55 5.15 -23.12
N LEU A 908 26.38 4.66 -23.54
CA LEU A 908 26.20 4.22 -24.92
C LEU A 908 26.13 5.39 -25.89
N THR A 909 25.73 6.57 -25.41
CA THR A 909 25.69 7.74 -26.27
C THR A 909 27.09 8.20 -26.67
N LEU A 910 27.98 8.38 -25.69
CA LEU A 910 29.34 8.81 -26.00
C LEU A 910 30.14 7.73 -26.70
N LEU A 911 29.78 6.45 -26.52
CA LEU A 911 30.55 5.39 -27.14
C LEU A 911 30.20 5.24 -28.62
N HIS A 912 28.94 5.46 -28.98
CA HIS A 912 28.50 5.34 -30.35
C HIS A 912 28.64 6.65 -31.13
N PHE A 913 29.24 7.67 -30.53
CA PHE A 913 29.46 8.93 -31.23
C PHE A 913 30.75 8.86 -32.02
N ASP A 914 30.63 8.86 -33.35
CA ASP A 914 31.78 8.71 -34.24
C ASP A 914 31.70 9.73 -35.37
N SER A 915 31.23 10.94 -35.06
CA SER A 915 31.13 12.01 -36.03
C SER A 915 31.34 13.36 -35.33
N PRO A 916 32.59 13.69 -34.99
CA PRO A 916 33.82 12.91 -35.18
C PRO A 916 34.05 11.92 -34.04
N PRO A 917 34.89 10.90 -34.24
CA PRO A 917 35.17 9.96 -33.15
C PRO A 917 35.86 10.66 -31.99
N ILE A 918 35.32 10.43 -30.79
CA ILE A 918 35.88 11.04 -29.58
C ILE A 918 37.23 10.42 -29.29
N PRO A 919 38.31 11.19 -29.23
CA PRO A 919 39.64 10.63 -28.96
C PRO A 919 39.85 10.41 -27.46
N HIS A 920 40.97 9.74 -27.16
CA HIS A 920 41.38 9.44 -25.78
C HIS A 920 40.30 8.63 -25.06
N VAL A 921 39.96 7.48 -25.62
CA VAL A 921 38.98 6.56 -25.05
C VAL A 921 39.69 5.25 -24.74
N PRO A 922 39.86 4.90 -23.47
CA PRO A 922 40.54 3.65 -23.13
C PRO A 922 39.67 2.44 -23.47
N HIS A 923 40.31 1.46 -24.12
CA HIS A 923 39.66 0.22 -24.52
C HIS A 923 38.44 0.48 -25.39
N ARG A 924 38.63 1.20 -26.50
CA ARG A 924 37.50 1.49 -27.39
C ARG A 924 37.07 0.25 -28.14
N GLY A 925 38.04 -0.54 -28.62
CA GLY A 925 37.74 -1.75 -29.37
C GLY A 925 36.99 -2.79 -28.55
N GLU A 926 37.44 -3.01 -27.32
CA GLU A 926 36.79 -3.97 -26.44
C GLU A 926 35.38 -3.52 -26.09
N LEU A 927 35.20 -2.22 -25.87
CA LEU A 927 33.87 -1.70 -25.55
C LEU A 927 32.94 -1.78 -26.75
N GLU A 928 33.49 -1.62 -27.96
CA GLU A 928 32.66 -1.76 -29.16
C GLU A 928 32.30 -3.22 -29.42
N LYS A 929 33.24 -4.13 -29.12
CA LYS A 929 32.95 -5.56 -29.31
C LYS A 929 31.94 -6.07 -28.29
N LEU A 930 32.05 -5.62 -27.03
CA LEU A 930 31.11 -6.05 -26.00
C LEU A 930 29.77 -5.35 -26.11
N PHE A 931 29.72 -4.15 -26.69
CA PHE A 931 28.48 -3.40 -26.86
C PHE A 931 28.36 -3.00 -28.33
N PRO A 932 27.83 -3.88 -29.17
CA PRO A 932 27.67 -3.56 -30.59
C PRO A 932 26.63 -2.47 -30.80
N ARG A 933 26.60 -1.96 -32.04
CA ARG A 933 25.64 -0.92 -32.39
C ARG A 933 24.22 -1.46 -32.51
N SER A 934 24.05 -2.76 -32.69
CA SER A 934 22.72 -3.35 -32.83
C SER A 934 22.12 -3.75 -31.48
N ASP A 935 22.93 -3.89 -30.43
CA ASP A 935 22.45 -4.26 -29.11
C ASP A 935 22.22 -3.06 -28.21
N VAL A 936 21.63 -1.99 -28.73
CA VAL A 936 21.38 -0.81 -27.92
C VAL A 936 19.98 -0.87 -27.29
N ALA A 937 18.96 -1.04 -28.12
CA ALA A 937 17.59 -1.12 -27.64
C ALA A 937 17.19 -2.52 -27.18
N SER A 938 17.99 -3.53 -27.51
CA SER A 938 17.67 -4.90 -27.10
C SER A 938 18.16 -5.23 -25.70
N VAL A 939 18.77 -4.26 -25.01
CA VAL A 939 19.28 -4.46 -23.66
C VAL A 939 18.48 -3.57 -22.72
N ASN A 940 17.67 -4.20 -21.86
CA ASN A 940 16.87 -3.45 -20.89
C ASN A 940 17.73 -3.22 -19.65
N TRP A 941 18.25 -2.00 -19.51
CA TRP A 941 19.09 -1.66 -18.38
C TRP A 941 18.30 -1.45 -17.09
N SER A 942 16.96 -1.34 -17.18
CA SER A 942 16.16 -1.17 -15.98
C SER A 942 16.04 -2.46 -15.19
N ALA A 943 16.24 -3.60 -15.84
CA ALA A 943 16.16 -4.89 -15.15
C ALA A 943 17.56 -5.36 -14.78
N PRO A 944 17.79 -5.78 -13.54
CA PRO A 944 19.13 -6.24 -13.15
C PRO A 944 19.58 -7.49 -13.89
N SER A 945 18.65 -8.37 -14.24
CA SER A 945 19.02 -9.62 -14.92
C SER A 945 19.58 -9.34 -16.31
N GLN A 946 19.11 -8.27 -16.96
CA GLN A 946 19.59 -7.87 -18.28
C GLN A 946 20.55 -6.70 -18.20
N ALA A 947 21.31 -6.59 -17.11
CA ALA A 947 22.26 -5.50 -16.94
C ALA A 947 23.51 -5.98 -16.23
N PHE A 948 23.35 -6.74 -15.15
CA PHE A 948 24.51 -7.20 -14.38
C PHE A 948 25.43 -8.10 -15.19
N PRO A 949 24.95 -9.10 -15.94
CA PRO A 949 25.89 -9.93 -16.72
C PRO A 949 26.65 -9.15 -17.78
N ARG A 950 26.18 -7.96 -18.15
CA ARG A 950 26.90 -7.12 -19.11
C ARG A 950 27.81 -6.11 -18.44
N ILE A 951 27.50 -5.71 -17.21
CA ILE A 951 28.37 -4.80 -16.47
C ILE A 951 29.55 -5.53 -15.82
N THR A 952 29.33 -6.74 -15.29
CA THR A 952 30.40 -7.50 -14.66
C THR A 952 31.56 -7.78 -15.61
N GLN A 953 31.31 -7.89 -16.91
CA GLN A 953 32.36 -8.15 -17.89
C GLN A 953 33.38 -7.01 -17.97
N LEU A 954 33.09 -5.84 -17.41
CA LEU A 954 34.03 -4.73 -17.44
C LEU A 954 35.18 -4.92 -16.46
N LEU A 955 35.13 -5.95 -15.61
CA LEU A 955 36.21 -6.18 -14.66
C LEU A 955 37.45 -6.71 -15.34
N GLY A 956 37.33 -7.25 -16.55
CA GLY A 956 38.45 -7.77 -17.29
C GLY A 956 39.42 -6.73 -17.81
N LEU A 957 39.01 -5.47 -17.86
CA LEU A 957 39.87 -4.39 -18.34
C LEU A 957 40.67 -3.83 -17.18
N PRO A 958 41.99 -3.65 -17.32
CA PRO A 958 42.78 -3.09 -16.22
C PRO A 958 42.44 -1.66 -15.87
N THR A 959 41.87 -0.89 -16.81
CA THR A 959 41.51 0.49 -16.56
C THR A 959 40.26 0.64 -15.70
N TYR A 960 39.15 -0.02 -16.06
CA TYR A 960 37.90 0.10 -15.35
C TYR A 960 37.70 -0.96 -14.27
N ARG A 961 38.74 -1.69 -13.89
CA ARG A 961 38.57 -2.74 -12.88
C ARG A 961 38.36 -2.14 -11.49
N TYR A 962 38.69 -0.86 -11.32
CA TYR A 962 38.59 -0.23 -10.01
C TYR A 962 37.20 0.35 -9.79
N HIS A 963 36.75 1.21 -10.71
CA HIS A 963 35.48 1.91 -10.52
C HIS A 963 34.29 0.97 -10.65
N VAL A 964 34.35 0.04 -11.61
CA VAL A 964 33.25 -0.91 -11.79
C VAL A 964 33.12 -1.80 -10.56
N LEU A 965 34.25 -2.25 -10.02
CA LEU A 965 34.21 -3.07 -8.80
C LEU A 965 33.72 -2.26 -7.61
N LEU A 966 34.14 -1.01 -7.50
CA LEU A 966 33.68 -0.15 -6.41
C LEU A 966 32.18 0.06 -6.49
N GLY A 967 31.64 0.19 -7.69
CA GLY A 967 30.20 0.31 -7.85
C GLY A 967 29.45 -0.98 -7.58
N LEU A 968 30.01 -2.11 -8.01
CA LEU A 968 29.35 -3.40 -7.79
C LEU A 968 29.38 -3.80 -6.33
N VAL A 969 30.36 -3.30 -5.56
CA VAL A 969 30.41 -3.61 -4.13
C VAL A 969 29.17 -3.07 -3.42
N VAL A 970 28.73 -1.86 -3.78
CA VAL A 970 27.54 -1.29 -3.15
C VAL A 970 26.31 -2.08 -3.53
N SER A 971 26.24 -2.56 -4.78
CA SER A 971 25.09 -3.33 -5.22
C SER A 971 25.03 -4.72 -4.59
N LEU A 972 26.20 -5.33 -4.34
CA LEU A 972 26.22 -6.66 -3.74
C LEU A 972 25.80 -6.61 -2.28
N GLY A 973 26.28 -5.63 -1.55
CA GLY A 973 25.94 -5.49 -0.15
C GLY A 973 24.86 -4.45 0.11
N GLY A 974 23.90 -4.35 -0.81
CA GLY A 974 22.83 -3.39 -0.68
C GLY A 974 21.73 -3.84 0.25
N LEU A 975 20.48 -3.71 -0.20
CA LEU A 975 19.34 -4.11 0.62
C LEU A 975 18.25 -4.85 -0.15
N THR A 976 18.07 -4.60 -1.45
CA THR A 976 17.05 -5.30 -2.21
C THR A 976 17.43 -6.77 -2.40
N GLU A 977 16.47 -7.66 -2.14
CA GLU A 977 16.74 -9.10 -2.26
C GLU A 977 16.99 -9.49 -3.70
N SER A 978 16.16 -8.99 -4.63
CA SER A 978 16.31 -9.37 -6.03
C SER A 978 17.63 -8.86 -6.60
N THR A 979 17.98 -7.62 -6.30
CA THR A 979 19.23 -7.07 -6.81
C THR A 979 20.43 -7.79 -6.23
N ILE A 980 20.39 -8.12 -4.95
CA ILE A 980 21.50 -8.85 -4.32
C ILE A 980 21.64 -10.23 -4.94
N ARG A 981 20.52 -10.94 -5.13
CA ARG A 981 20.58 -12.26 -5.74
C ARG A 981 21.11 -12.18 -7.17
N HIS A 982 20.68 -11.18 -7.93
CA HIS A 982 21.15 -11.04 -9.31
C HIS A 982 22.64 -10.74 -9.35
N SER A 983 23.12 -9.85 -8.47
CA SER A 983 24.55 -9.54 -8.44
C SER A 983 25.36 -10.75 -8.02
N THR A 984 24.87 -11.52 -7.05
CA THR A 984 25.58 -12.71 -6.61
C THR A 984 25.63 -13.77 -7.71
N GLN A 985 24.54 -13.91 -8.47
CA GLN A 985 24.53 -14.88 -9.56
C GLN A 985 25.39 -14.42 -10.73
N SER A 986 25.53 -13.11 -10.92
CA SER A 986 26.32 -12.60 -12.03
C SER A 986 27.81 -12.54 -11.70
N LEU A 987 28.16 -12.43 -10.42
CA LEU A 987 29.57 -12.37 -10.05
C LEU A 987 30.27 -13.70 -10.30
N PHE A 988 29.60 -14.82 -9.99
CA PHE A 988 30.21 -16.13 -10.17
C PHE A 988 30.42 -16.45 -11.64
N GLU A 989 29.54 -15.97 -12.52
CA GLU A 989 29.69 -16.24 -13.95
C GLU A 989 30.99 -15.67 -14.49
N TYR A 990 31.51 -14.62 -13.88
CA TYR A 990 32.81 -14.07 -14.25
C TYR A 990 33.95 -14.61 -13.39
N MET A 991 33.66 -14.95 -12.13
CA MET A 991 34.71 -15.48 -11.25
C MET A 991 35.13 -16.89 -11.61
N LYS A 992 34.24 -17.68 -12.22
CA LYS A 992 34.58 -19.06 -12.57
C LYS A 992 35.61 -19.17 -13.70
N GLY A 993 36.14 -18.06 -14.22
CA GLY A 993 37.14 -18.13 -15.26
C GLY A 993 38.50 -17.62 -14.81
N ILE A 994 38.55 -17.08 -13.59
CA ILE A 994 39.79 -16.53 -13.05
C ILE A 994 40.11 -17.16 -11.71
N GLN A 995 39.40 -18.24 -11.38
CA GLN A 995 39.65 -18.92 -10.12
C GLN A 995 40.95 -19.71 -10.15
N SER A 996 41.12 -20.55 -11.18
CA SER A 996 42.32 -21.35 -11.33
C SER A 996 43.56 -20.51 -11.64
N ASP A 997 43.39 -19.33 -12.26
CA ASP A 997 44.51 -18.47 -12.58
C ASP A 997 44.94 -17.72 -11.34
N PRO A 998 46.15 -17.93 -10.82
CA PRO A 998 46.54 -17.23 -9.58
C PRO A 998 46.77 -15.75 -9.78
N GLN A 999 47.31 -15.33 -10.92
CA GLN A 999 47.58 -13.90 -11.13
C GLN A 999 46.29 -13.10 -11.26
N ALA A 1000 45.31 -13.63 -11.98
CA ALA A 1000 44.04 -12.92 -12.15
C ALA A 1000 43.30 -12.80 -10.82
N LEU A 1001 43.33 -13.86 -10.01
CA LEU A 1001 42.69 -13.80 -8.70
C LEU A 1001 43.43 -12.86 -7.76
N GLY A 1002 44.77 -12.87 -7.81
CA GLY A 1002 45.54 -11.97 -6.97
C GLY A 1002 45.35 -10.51 -7.33
N SER A 1003 45.21 -10.21 -8.63
CA SER A 1003 44.93 -8.84 -9.04
C SER A 1003 43.59 -8.37 -8.49
N PHE A 1004 42.57 -9.22 -8.58
CA PHE A 1004 41.24 -8.85 -8.06
C PHE A 1004 41.28 -8.68 -6.55
N SER A 1005 41.99 -9.57 -5.85
CA SER A 1005 42.09 -9.46 -4.40
C SER A 1005 42.84 -8.19 -3.99
N GLY A 1006 43.90 -7.84 -4.73
CA GLY A 1006 44.60 -6.60 -4.43
C GLY A 1006 43.77 -5.37 -4.71
N THR A 1007 43.00 -5.42 -5.80
CA THR A 1007 42.11 -4.29 -6.16
C THR A 1007 41.09 -4.10 -5.04
N LEU A 1008 40.39 -5.18 -4.66
CA LEU A 1008 39.35 -5.10 -3.61
C LEU A 1008 39.98 -4.65 -2.29
N LEU A 1009 41.17 -5.18 -1.96
CA LEU A 1009 41.85 -4.80 -0.70
C LEU A 1009 42.16 -3.29 -0.73
N GLN A 1010 42.67 -2.79 -1.85
CA GLN A 1010 42.98 -1.35 -1.98
C GLN A 1010 41.69 -0.55 -1.78
N ILE A 1011 40.60 -0.99 -2.42
CA ILE A 1011 39.27 -0.33 -2.26
C ILE A 1011 38.96 -0.26 -0.76
N PHE A 1012 39.12 -1.38 -0.05
CA PHE A 1012 38.84 -1.40 1.38
C PHE A 1012 39.70 -0.37 2.11
N GLU A 1013 40.98 -0.27 1.74
CA GLU A 1013 41.88 0.68 2.39
C GLU A 1013 41.52 2.13 2.09
N ASP A 1014 41.11 2.43 0.86
CA ASP A 1014 40.72 3.79 0.50
C ASP A 1014 39.43 4.25 1.17
N ASN A 1015 38.53 3.34 1.49
CA ASN A 1015 37.26 3.66 2.12
C ASN A 1015 37.21 3.15 3.55
N LEU A 1016 37.97 3.78 4.44
CA LEU A 1016 37.95 3.39 5.85
C LEU A 1016 37.11 4.35 6.66
N LEU A 1017 36.49 3.83 7.72
CA LEU A 1017 35.60 4.60 8.60
C LEU A 1017 34.47 5.24 7.78
N ASN A 1018 33.91 4.49 6.85
CA ASN A 1018 32.80 4.96 6.03
C ASN A 1018 31.81 3.82 5.89
N GLU A 1019 30.69 3.93 6.62
CA GLU A 1019 29.73 2.83 6.70
C GLU A 1019 28.94 2.69 5.40
N ARG A 1020 29.18 3.57 4.43
CA ARG A 1020 28.47 3.51 3.16
C ARG A 1020 29.15 2.55 2.20
N VAL A 1021 30.43 2.26 2.43
CA VAL A 1021 31.20 1.41 1.53
C VAL A 1021 31.76 0.22 2.28
N SER A 1022 32.10 0.42 3.56
CA SER A 1022 32.75 -0.63 4.34
C SER A 1022 31.80 -1.80 4.60
N VAL A 1023 30.57 -1.51 4.99
CA VAL A 1023 29.58 -2.54 5.30
C VAL A 1023 29.19 -3.30 4.04
N PRO A 1024 28.92 -2.65 2.89
CA PRO A 1024 28.70 -3.42 1.66
C PRO A 1024 29.89 -4.28 1.27
N LEU A 1025 31.11 -3.80 1.49
CA LEU A 1025 32.29 -4.59 1.16
C LEU A 1025 32.39 -5.81 2.07
N LEU A 1026 32.06 -5.64 3.35
CA LEU A 1026 32.06 -6.78 4.26
C LEU A 1026 30.98 -7.79 3.89
N LYS A 1027 29.82 -7.31 3.47
CA LYS A 1027 28.77 -8.22 3.01
C LYS A 1027 29.22 -8.96 1.76
N THR A 1028 29.92 -8.28 0.85
CA THR A 1028 30.44 -8.94 -0.34
C THR A 1028 31.47 -10.00 0.02
N LEU A 1029 32.35 -9.69 0.97
CA LEU A 1029 33.33 -10.68 1.41
C LEU A 1029 32.65 -11.89 2.06
N ASP A 1030 31.59 -11.64 2.83
CA ASP A 1030 30.88 -12.74 3.46
C ASP A 1030 30.16 -13.60 2.43
N HIS A 1031 29.63 -12.97 1.37
CA HIS A 1031 28.93 -13.73 0.34
C HIS A 1031 29.90 -14.46 -0.58
N VAL A 1032 31.13 -13.98 -0.70
CA VAL A 1032 32.10 -14.63 -1.57
C VAL A 1032 32.83 -15.76 -0.84
N LEU A 1033 33.19 -15.54 0.43
CA LEU A 1033 33.96 -16.56 1.16
C LEU A 1033 33.14 -17.82 1.40
N THR A 1034 31.80 -17.70 1.38
CA THR A 1034 30.97 -18.88 1.59
C THR A 1034 30.78 -19.64 0.28
N HIS A 1035 31.21 -19.04 -0.84
CA HIS A 1035 31.09 -19.70 -2.16
C HIS A 1035 32.42 -20.40 -2.48
N GLY A 1036 33.41 -20.28 -1.58
CA GLY A 1036 34.72 -20.93 -1.80
C GLY A 1036 35.42 -20.40 -3.04
N CYS A 1037 35.24 -19.11 -3.33
CA CYS A 1037 35.90 -18.48 -4.52
C CYS A 1037 37.42 -18.48 -4.32
N PHE A 1038 37.88 -18.19 -3.10
CA PHE A 1038 39.35 -18.10 -2.84
C PHE A 1038 39.83 -19.36 -2.13
N ASP A 1039 40.15 -20.41 -2.89
CA ASP A 1039 40.64 -21.68 -2.29
C ASP A 1039 42.07 -21.95 -2.78
N ILE A 1040 42.39 -21.52 -4.01
CA ILE A 1040 43.77 -21.70 -4.55
C ILE A 1040 44.76 -20.99 -3.61
N PHE A 1041 44.26 -20.34 -2.56
CA PHE A 1041 45.13 -19.58 -1.64
C PHE A 1041 45.11 -20.25 -0.25
N THR A 1042 44.39 -21.36 -0.12
CA THR A 1042 44.25 -22.09 1.17
C THR A 1042 45.21 -23.28 1.20
N THR A 1043 46.03 -23.45 0.16
CA THR A 1043 47.03 -24.54 0.14
C THR A 1043 48.28 -24.09 0.92
N GLU A 1044 48.63 -22.81 0.84
CA GLU A 1044 49.84 -22.29 1.52
C GLU A 1044 49.46 -21.70 2.88
N GLU A 1045 50.40 -21.67 3.82
CA GLU A 1045 50.12 -21.13 5.17
C GLU A 1045 50.43 -19.63 5.20
N ASP A 1046 49.54 -18.83 5.79
CA ASP A 1046 49.75 -17.37 5.89
C ASP A 1046 49.94 -16.77 4.49
N HIS A 1047 48.96 -16.97 3.60
CA HIS A 1047 49.03 -16.37 2.23
C HIS A 1047 48.98 -14.85 2.33
N PRO A 1048 49.71 -14.08 1.50
CA PRO A 1048 49.74 -12.61 1.65
C PRO A 1048 48.37 -11.97 1.84
N PHE A 1049 47.38 -12.37 1.03
CA PHE A 1049 46.10 -11.65 0.92
C PHE A 1049 45.38 -11.62 2.27
N ALA A 1050 45.28 -12.77 2.94
CA ALA A 1050 44.53 -12.86 4.21
C ALA A 1050 45.21 -12.01 5.29
N VAL A 1051 46.54 -12.05 5.36
CA VAL A 1051 47.28 -11.31 6.42
C VAL A 1051 46.83 -9.85 6.39
N LYS A 1052 46.64 -9.29 5.19
CA LYS A 1052 46.22 -7.87 5.06
C LYS A 1052 44.72 -7.76 5.37
N LEU A 1053 43.91 -8.66 4.81
CA LEU A 1053 42.44 -8.58 4.98
C LEU A 1053 42.10 -8.59 6.47
N LEU A 1054 42.65 -9.56 7.21
CA LEU A 1054 42.35 -9.69 8.67
C LEU A 1054 42.73 -8.39 9.38
N ALA A 1055 43.89 -7.81 9.02
CA ALA A 1055 44.36 -6.57 9.66
C ALA A 1055 43.35 -5.44 9.43
N LEU A 1056 42.87 -5.28 8.20
CA LEU A 1056 41.90 -4.21 7.87
C LEU A 1056 40.66 -4.37 8.75
N CYS A 1057 40.23 -5.61 8.97
CA CYS A 1057 39.01 -5.88 9.77
C CYS A 1057 39.23 -5.42 11.21
N LYS A 1058 40.35 -5.78 11.83
CA LYS A 1058 40.58 -5.46 13.26
C LYS A 1058 40.57 -3.94 13.46
N LYS A 1059 40.42 -3.16 12.39
CA LYS A 1059 40.45 -1.67 12.52
C LYS A 1059 39.07 -1.09 12.22
N GLU A 1060 38.19 -1.87 11.59
CA GLU A 1060 36.85 -1.34 11.19
C GLU A 1060 35.85 -1.52 12.33
N ILE A 1061 35.97 -2.61 13.09
CA ILE A 1061 34.98 -2.90 14.17
C ILE A 1061 35.64 -2.64 15.54
N LYS A 1062 36.44 -1.58 15.64
CA LYS A 1062 37.11 -1.24 16.93
C LYS A 1062 36.24 -0.24 17.70
N ASN A 1063 35.91 -0.54 18.95
CA ASN A 1063 35.10 0.37 19.79
C ASN A 1063 33.90 0.87 18.96
N SER A 1064 33.10 -0.05 18.43
CA SER A 1064 31.93 0.31 17.60
C SER A 1064 30.64 0.00 18.32
N LYS A 1065 29.56 0.70 17.95
CA LYS A 1065 28.30 0.26 18.51
C LYS A 1065 27.27 -0.15 17.45
N ASP A 1066 27.62 -0.19 16.17
CA ASP A 1066 26.67 -0.58 15.15
C ASP A 1066 26.46 -2.08 15.17
N ILE A 1067 25.20 -2.51 15.08
CA ILE A 1067 24.88 -3.92 15.13
C ILE A 1067 25.24 -4.60 13.81
N GLN A 1068 24.90 -3.97 12.68
CA GLN A 1068 25.20 -4.58 11.39
C GLN A 1068 26.71 -4.69 11.16
N LYS A 1069 27.46 -3.67 11.58
CA LYS A 1069 28.92 -3.73 11.43
C LYS A 1069 29.50 -4.86 12.26
N LEU A 1070 29.02 -5.03 13.49
CA LEU A 1070 29.51 -6.13 14.33
C LEU A 1070 29.14 -7.48 13.74
N LEU A 1071 27.92 -7.61 13.20
CA LEU A 1071 27.52 -8.86 12.56
C LEU A 1071 28.41 -9.18 11.36
N SER A 1072 28.69 -8.17 10.53
CA SER A 1072 29.56 -8.38 9.38
C SER A 1072 30.97 -8.76 9.81
N GLY A 1073 31.48 -8.11 10.86
CA GLY A 1073 32.80 -8.46 11.36
C GLY A 1073 32.86 -9.87 11.89
N ILE A 1074 31.83 -10.30 12.63
CA ILE A 1074 31.79 -11.66 13.14
C ILE A 1074 31.73 -12.66 11.99
N ALA A 1075 30.92 -12.36 10.97
CA ALA A 1075 30.82 -13.25 9.82
C ALA A 1075 32.15 -13.37 9.09
N VAL A 1076 32.85 -12.24 8.91
CA VAL A 1076 34.13 -12.27 8.23
C VAL A 1076 35.16 -13.05 9.04
N PHE A 1077 35.18 -12.83 10.36
CA PHE A 1077 36.16 -13.52 11.21
C PHE A 1077 35.86 -15.01 11.30
N CYS A 1078 34.59 -15.40 11.14
CA CYS A 1078 34.24 -16.81 11.14
C CYS A 1078 34.54 -17.47 9.80
N GLU A 1079 34.40 -16.72 8.70
CA GLU A 1079 34.67 -17.30 7.39
C GLU A 1079 36.15 -17.27 7.03
N MET A 1080 36.94 -16.45 7.71
CA MET A 1080 38.37 -16.35 7.43
C MET A 1080 39.20 -17.38 8.19
N VAL A 1081 38.57 -18.42 8.76
CA VAL A 1081 39.32 -19.44 9.48
C VAL A 1081 39.83 -20.55 8.57
N GLN A 1082 39.57 -20.46 7.27
CA GLN A 1082 40.03 -21.49 6.34
C GLN A 1082 41.52 -21.38 6.05
N PHE A 1083 42.17 -20.28 6.45
CA PHE A 1083 43.59 -20.10 6.22
C PHE A 1083 44.36 -20.60 7.44
N PRO A 1084 45.13 -21.68 7.33
CA PRO A 1084 45.85 -22.19 8.51
C PRO A 1084 47.05 -21.32 8.87
N GLY A 1085 47.69 -21.63 10.00
CA GLY A 1085 48.84 -20.89 10.44
C GLY A 1085 48.52 -19.88 11.54
N ASP A 1086 49.23 -18.76 11.55
CA ASP A 1086 48.97 -17.74 12.56
C ASP A 1086 47.65 -17.02 12.30
N VAL A 1087 47.18 -17.03 11.05
CA VAL A 1087 45.91 -16.37 10.73
C VAL A 1087 44.76 -17.06 11.45
N ARG A 1088 44.78 -18.40 11.50
CA ARG A 1088 43.73 -19.14 12.19
C ARG A 1088 43.74 -18.85 13.69
N ARG A 1089 44.93 -18.78 14.29
CA ARG A 1089 45.03 -18.47 15.71
C ARG A 1089 44.54 -17.05 15.99
N GLN A 1090 44.89 -16.10 15.13
CA GLN A 1090 44.42 -14.73 15.32
C GLN A 1090 42.91 -14.64 15.16
N ALA A 1091 42.35 -15.39 14.21
CA ALA A 1091 40.89 -15.40 14.06
C ALA A 1091 40.21 -16.01 15.27
N LEU A 1092 40.78 -17.09 15.81
CA LEU A 1092 40.21 -17.69 17.02
C LEU A 1092 40.28 -16.73 18.19
N LEU A 1093 41.40 -16.01 18.33
CA LEU A 1093 41.52 -15.03 19.40
C LEU A 1093 40.51 -13.90 19.23
N GLN A 1094 40.33 -13.42 18.01
CA GLN A 1094 39.36 -12.35 17.77
C GLN A 1094 37.95 -12.82 18.06
N LEU A 1095 37.62 -14.07 17.70
CA LEU A 1095 36.30 -14.61 18.02
C LEU A 1095 36.11 -14.77 19.52
N CYS A 1096 37.15 -15.19 20.23
CA CYS A 1096 37.05 -15.32 21.69
C CYS A 1096 36.87 -13.97 22.35
N LEU A 1097 37.48 -12.92 21.78
CA LEU A 1097 37.29 -11.58 22.33
C LEU A 1097 35.85 -11.10 22.14
N LEU A 1098 35.20 -11.53 21.05
CA LEU A 1098 33.81 -11.13 20.82
C LEU A 1098 32.85 -12.03 21.59
N LEU A 1099 33.30 -13.22 21.99
CA LEU A 1099 32.46 -14.12 22.79
C LEU A 1099 31.99 -13.47 24.08
N CYS A 1100 32.79 -12.58 24.68
CA CYS A 1100 32.40 -11.86 25.90
C CYS A 1100 32.29 -10.37 25.59
N HIS A 1101 31.27 -10.01 24.81
CA HIS A 1101 31.01 -8.63 24.49
C HIS A 1101 30.03 -8.02 25.50
N ARG A 1102 29.90 -6.69 25.45
CA ARG A 1102 28.99 -6.01 26.36
C ARG A 1102 27.54 -6.33 26.03
N PHE A 1103 27.22 -6.50 24.75
CA PHE A 1103 25.87 -6.86 24.35
C PHE A 1103 25.71 -8.36 24.36
N PRO A 1104 24.74 -8.91 25.11
CA PRO A 1104 24.56 -10.37 25.13
C PRO A 1104 24.12 -10.94 23.80
N LEU A 1105 23.37 -10.19 23.00
CA LEU A 1105 22.97 -10.67 21.68
C LEU A 1105 24.18 -10.91 20.80
N ILE A 1106 25.18 -10.02 20.87
CA ILE A 1106 26.40 -10.21 20.09
C ILE A 1106 27.14 -11.47 20.55
N ARG A 1107 27.15 -11.70 21.86
CA ARG A 1107 27.75 -12.92 22.39
C ARG A 1107 27.05 -14.16 21.87
N LYS A 1108 25.72 -14.17 21.90
CA LYS A 1108 24.96 -15.32 21.41
C LYS A 1108 25.19 -15.54 19.92
N THR A 1109 25.22 -14.45 19.14
CA THR A 1109 25.45 -14.57 17.71
C THR A 1109 26.84 -15.10 17.40
N THR A 1110 27.85 -14.61 18.14
CA THR A 1110 29.21 -15.09 17.94
C THR A 1110 29.32 -16.57 18.31
N ALA A 1111 28.67 -16.98 19.41
CA ALA A 1111 28.70 -18.38 19.80
C ALA A 1111 28.03 -19.27 18.75
N SER A 1112 26.88 -18.84 18.24
CA SER A 1112 26.19 -19.63 17.22
C SER A 1112 27.02 -19.72 15.94
N GLN A 1113 27.66 -18.61 15.55
CA GLN A 1113 28.46 -18.63 14.33
C GLN A 1113 29.70 -19.51 14.51
N VAL A 1114 30.32 -19.47 15.68
CA VAL A 1114 31.47 -20.33 15.95
C VAL A 1114 31.05 -21.79 15.93
N TYR A 1115 29.88 -22.10 16.49
CA TYR A 1115 29.38 -23.47 16.46
C TYR A 1115 29.13 -23.93 15.02
N GLU A 1116 28.53 -23.06 14.20
CA GLU A 1116 28.26 -23.41 12.81
C GLU A 1116 29.56 -23.60 12.04
N THR A 1117 30.56 -22.75 12.28
CA THR A 1117 31.83 -22.89 11.58
C THR A 1117 32.58 -24.15 12.01
N LEU A 1118 32.47 -24.51 13.30
CA LEU A 1118 33.10 -25.73 13.76
C LEU A 1118 32.39 -26.96 13.21
N LEU A 1119 31.08 -26.87 13.00
CA LEU A 1119 30.36 -27.95 12.36
C LEU A 1119 30.63 -28.02 10.86
N THR A 1120 31.02 -26.91 10.25
CA THR A 1120 31.34 -26.88 8.83
C THR A 1120 32.74 -27.42 8.56
N TYR A 1121 33.75 -26.73 9.06
CA TYR A 1121 35.13 -27.15 8.87
C TYR A 1121 35.51 -28.18 9.93
N SER A 1122 36.22 -29.22 9.50
CA SER A 1122 36.66 -30.28 10.41
C SER A 1122 38.17 -30.36 10.56
N ASP A 1123 38.92 -29.59 9.78
CA ASP A 1123 40.38 -29.58 9.84
C ASP A 1123 40.94 -28.50 10.75
N VAL A 1124 40.10 -27.92 11.61
CA VAL A 1124 40.53 -26.86 12.52
C VAL A 1124 40.94 -27.47 13.86
N VAL A 1125 40.05 -28.27 14.43
CA VAL A 1125 40.29 -28.91 15.72
C VAL A 1125 40.39 -30.41 15.53
N GLY A 1126 41.18 -31.06 16.38
CA GLY A 1126 41.37 -32.50 16.30
C GLY A 1126 40.13 -33.29 16.65
N ALA A 1127 40.20 -34.61 16.50
CA ALA A 1127 39.04 -35.46 16.76
C ALA A 1127 38.77 -35.62 18.26
N ASP A 1128 39.83 -35.77 19.05
CA ASP A 1128 39.69 -35.97 20.49
C ASP A 1128 39.54 -34.66 21.25
N VAL A 1129 39.40 -33.52 20.56
CA VAL A 1129 39.28 -32.23 21.22
C VAL A 1129 37.95 -31.59 20.82
N LEU A 1130 37.49 -31.89 19.59
CA LEU A 1130 36.27 -31.26 19.09
C LEU A 1130 35.05 -31.70 19.88
N ASP A 1131 35.05 -32.92 20.42
CA ASP A 1131 33.89 -33.41 21.17
C ASP A 1131 33.66 -32.58 22.42
N GLU A 1132 34.72 -32.35 23.20
CA GLU A 1132 34.58 -31.55 24.41
C GLU A 1132 34.21 -30.11 24.08
N VAL A 1133 34.74 -29.58 22.97
CA VAL A 1133 34.41 -28.22 22.56
C VAL A 1133 32.92 -28.11 22.22
N VAL A 1134 32.39 -29.10 21.49
CA VAL A 1134 30.97 -29.09 21.15
C VAL A 1134 30.11 -29.25 22.40
N THR A 1135 30.54 -30.11 23.33
CA THR A 1135 29.78 -30.31 24.56
C THR A 1135 29.76 -29.05 25.42
N VAL A 1136 30.87 -28.31 25.46
CA VAL A 1136 30.92 -27.09 26.26
C VAL A 1136 30.13 -25.97 25.60
N LEU A 1137 30.26 -25.82 24.28
CA LEU A 1137 29.57 -24.74 23.58
C LEU A 1137 28.06 -24.93 23.60
N SER A 1138 27.60 -26.17 23.66
CA SER A 1138 26.16 -26.43 23.62
C SER A 1138 25.52 -26.24 25.00
N ASP A 1139 26.23 -26.61 26.06
CA ASP A 1139 25.69 -26.51 27.42
C ASP A 1139 26.22 -25.26 28.12
N THR A 1140 25.94 -24.11 27.50
CA THR A 1140 26.38 -22.83 28.06
C THR A 1140 25.41 -21.75 27.59
N ALA A 1141 24.83 -21.04 28.56
CA ALA A 1141 23.92 -19.93 28.28
C ALA A 1141 24.76 -18.66 28.17
N TRP A 1142 25.05 -18.25 26.93
CA TRP A 1142 25.89 -17.08 26.70
C TRP A 1142 25.15 -15.77 26.95
N ASP A 1143 23.83 -15.84 27.10
CA ASP A 1143 23.05 -14.61 27.44
C ASP A 1143 22.77 -14.61 28.94
N ALA A 1144 23.82 -14.57 29.77
CA ALA A 1144 23.63 -14.62 31.24
C ALA A 1144 24.71 -13.81 31.95
N GLU A 1145 24.68 -13.79 33.29
CA GLU A 1145 25.70 -13.04 34.09
C GLU A 1145 27.07 -13.15 33.41
N LEU A 1146 27.77 -12.03 33.24
CA LEU A 1146 29.06 -12.08 32.49
C LEU A 1146 30.06 -12.91 33.30
N ALA A 1147 30.05 -12.76 34.63
CA ALA A 1147 30.99 -13.52 35.49
C ALA A 1147 30.79 -15.02 35.27
N VAL A 1148 29.53 -15.46 35.19
CA VAL A 1148 29.25 -16.90 34.91
C VAL A 1148 29.75 -17.24 33.50
N VAL A 1149 29.38 -16.44 32.50
CA VAL A 1149 29.74 -16.73 31.09
C VAL A 1149 31.27 -16.71 30.91
N ARG A 1150 31.94 -15.65 31.39
CA ARG A 1150 33.41 -15.51 31.20
C ARG A 1150 34.11 -16.82 31.57
N GLU A 1151 33.97 -17.26 32.83
CA GLU A 1151 34.60 -18.52 33.30
C GLU A 1151 34.51 -19.59 32.20
N GLN A 1152 33.36 -19.73 31.55
CA GLN A 1152 33.18 -20.74 30.47
C GLN A 1152 34.05 -20.42 29.23
N ARG A 1153 34.28 -19.15 28.91
CA ARG A 1153 35.04 -18.76 27.69
C ARG A 1153 36.52 -19.00 27.94
N ASN A 1154 37.00 -18.67 29.14
CA ASN A 1154 38.40 -18.99 29.49
C ASN A 1154 38.60 -20.49 29.30
N ARG A 1155 37.58 -21.29 29.65
CA ARG A 1155 37.67 -22.77 29.51
C ARG A 1155 37.92 -23.13 28.04
N LEU A 1156 37.09 -22.61 27.13
CA LEU A 1156 37.21 -22.95 25.69
C LEU A 1156 38.61 -22.59 25.18
N CYS A 1157 39.10 -21.40 25.55
CA CYS A 1157 40.46 -20.97 25.13
C CYS A 1157 41.47 -22.04 25.55
N ASP A 1158 41.43 -22.47 26.82
CA ASP A 1158 42.35 -23.50 27.30
C ASP A 1158 42.13 -24.82 26.57
N LEU A 1159 40.94 -25.01 26.02
CA LEU A 1159 40.65 -26.24 25.29
C LEU A 1159 41.08 -26.17 23.83
N LEU A 1160 41.35 -24.97 23.32
CA LEU A 1160 41.71 -24.79 21.91
C LEU A 1160 43.14 -24.26 21.74
N GLY A 1161 43.91 -24.17 22.82
CA GLY A 1161 45.27 -23.67 22.74
C GLY A 1161 45.34 -22.19 22.42
N VAL A 1162 44.66 -21.38 23.23
CA VAL A 1162 44.61 -19.93 23.03
C VAL A 1162 44.98 -19.26 24.35
N PRO A 1163 45.90 -18.26 24.36
CA PRO A 1163 46.24 -17.54 25.58
C PRO A 1163 45.02 -16.81 26.15
N ARG A 1164 44.86 -16.81 27.47
CA ARG A 1164 43.70 -16.13 28.11
C ARG A 1164 43.90 -14.61 28.04
N PRO A 1165 43.10 -13.86 27.25
CA PRO A 1165 43.20 -12.41 27.21
C PRO A 1165 42.59 -11.81 28.49
N GLN A 1166 43.30 -10.89 29.15
CA GLN A 1166 42.80 -10.32 30.43
C GLN A 1166 42.85 -8.79 30.37
N LEU A 1167 42.13 -8.11 31.27
CA LEU A 1167 42.10 -6.64 31.29
C LEU A 1167 42.42 -6.15 32.72
N VAL A 1168 42.78 -4.87 32.86
CA VAL A 1168 43.10 -4.29 34.20
C VAL A 1168 41.97 -4.66 35.17
N LEU B 1 60.43 22.49 67.77
CA LEU B 1 59.89 21.15 67.80
C LEU B 1 58.45 21.14 68.34
N GLN B 2 57.50 20.87 67.45
CA GLN B 2 56.08 20.81 67.80
C GLN B 2 55.57 19.40 68.02
N GLU B 3 55.98 18.45 67.17
CA GLU B 3 55.57 17.06 67.29
C GLU B 3 56.75 16.24 67.78
N VAL B 4 56.66 15.73 69.00
CA VAL B 4 57.71 14.94 69.62
C VAL B 4 57.21 13.51 69.76
N SER B 5 57.97 12.57 69.21
CA SER B 5 57.63 11.14 69.26
C SER B 5 58.79 10.40 69.93
N LEU B 6 58.56 9.92 71.14
CA LEU B 6 59.56 9.19 71.91
C LEU B 6 59.03 7.80 72.28
N ARG B 7 58.60 7.06 71.25
CA ARG B 7 58.09 5.72 71.46
C ARG B 7 59.24 4.73 71.59
N ASN B 8 59.22 3.93 72.66
CA ASN B 8 60.26 2.94 72.93
C ASN B 8 61.64 3.58 73.01
N CYS B 9 61.74 4.61 73.86
CA CYS B 9 62.99 5.34 74.05
C CYS B 9 63.52 5.26 75.47
N ALA B 10 62.93 4.42 76.32
CA ALA B 10 63.36 4.23 77.70
C ALA B 10 63.36 5.55 78.47
N VAL B 11 62.18 6.03 78.85
CA VAL B 11 62.02 7.26 79.60
C VAL B 11 61.40 6.89 80.95
N SER B 12 62.14 7.11 82.03
CA SER B 12 61.67 6.78 83.36
C SER B 12 61.49 8.00 84.26
N CYS B 13 62.40 8.96 84.22
CA CYS B 13 62.33 10.16 85.04
C CYS B 13 61.78 11.32 84.22
N ALA B 14 61.59 12.45 84.89
CA ALA B 14 61.07 13.66 84.26
C ALA B 14 62.16 14.68 83.93
N GLY B 15 63.23 14.73 84.73
CA GLY B 15 64.31 15.66 84.50
C GLY B 15 64.34 16.76 85.54
N GLU B 16 64.75 17.95 85.10
CA GLU B 16 64.84 19.11 85.98
C GLU B 16 63.52 19.86 86.00
N LYS B 17 63.29 20.59 87.10
CA LYS B 17 62.07 21.38 87.28
C LYS B 17 62.23 22.68 86.51
N GLY B 18 61.78 22.67 85.25
CA GLY B 18 61.86 23.83 84.38
C GLY B 18 62.77 23.65 83.19
N GLY B 19 63.48 22.53 83.07
CA GLY B 19 64.36 22.34 81.93
C GLY B 19 63.60 22.05 80.64
N VAL B 20 62.49 21.30 80.74
CA VAL B 20 61.70 20.99 79.56
C VAL B 20 60.98 22.24 79.06
N ALA B 21 60.55 23.10 79.98
CA ALA B 21 59.90 24.34 79.58
C ALA B 21 60.87 25.35 79.00
N GLU B 22 62.17 25.20 79.26
CA GLU B 22 63.18 26.11 78.74
C GLU B 22 63.82 25.62 77.45
N ALA B 23 63.99 24.30 77.30
CA ALA B 23 64.60 23.76 76.09
C ALA B 23 63.65 23.84 74.90
N CYS B 24 62.44 23.32 75.05
CA CYS B 24 61.43 23.32 73.99
C CYS B 24 60.10 23.80 74.58
N PRO B 25 59.88 25.11 74.64
CA PRO B 25 58.62 25.61 75.20
C PRO B 25 57.43 25.46 74.25
N ASN B 26 57.67 25.27 72.96
CA ASN B 26 56.58 25.15 71.99
C ASN B 26 56.29 23.69 71.66
N ILE B 27 56.05 22.88 72.69
CA ILE B 27 55.74 21.46 72.53
C ILE B 27 54.22 21.32 72.49
N ARG B 28 53.71 20.69 71.44
CA ARG B 28 52.27 20.51 71.28
C ARG B 28 51.84 19.05 71.25
N LYS B 29 52.73 18.13 70.86
CA LYS B 29 52.40 16.71 70.80
C LYS B 29 53.51 15.92 71.49
N VAL B 30 53.12 14.98 72.34
CA VAL B 30 54.05 14.13 73.07
C VAL B 30 53.60 12.69 72.90
N ASP B 31 54.54 11.83 72.48
CA ASP B 31 54.27 10.41 72.26
C ASP B 31 55.20 9.61 73.16
N LEU B 32 54.97 9.69 74.47
CA LEU B 32 55.74 8.92 75.46
C LEU B 32 55.08 7.58 75.75
N SER B 33 54.97 6.74 74.73
CA SER B 33 54.33 5.44 74.85
C SER B 33 55.39 4.33 74.87
N LYS B 34 55.10 3.27 75.65
CA LYS B 34 55.99 2.12 75.78
C LYS B 34 57.38 2.55 76.25
N ASN B 35 57.40 3.21 77.40
CA ASN B 35 58.64 3.71 77.99
C ASN B 35 58.86 3.04 79.34
N LEU B 36 59.85 3.54 80.09
CA LEU B 36 60.20 3.01 81.39
C LEU B 36 59.47 3.73 82.53
N LEU B 37 58.32 4.34 82.24
CA LEU B 37 57.56 5.05 83.27
C LEU B 37 56.87 4.04 84.19
N SER B 38 57.23 4.07 85.47
CA SER B 38 56.67 3.16 86.46
C SER B 38 55.80 3.88 87.49
N SER B 39 55.45 5.14 87.25
CA SER B 39 54.64 5.91 88.17
C SER B 39 53.91 6.98 87.39
N TRP B 40 52.86 7.52 88.01
CA TRP B 40 52.06 8.57 87.39
C TRP B 40 52.52 9.98 87.75
N ASP B 41 53.31 10.11 88.83
CA ASP B 41 53.78 11.45 89.22
C ASP B 41 54.76 12.01 88.20
N GLU B 42 55.52 11.15 87.54
CA GLU B 42 56.46 11.62 86.52
C GLU B 42 55.72 12.20 85.32
N VAL B 43 54.67 11.51 84.85
CA VAL B 43 53.89 12.02 83.73
C VAL B 43 53.17 13.31 84.13
N ILE B 44 52.72 13.39 85.38
CA ILE B 44 52.06 14.60 85.86
C ILE B 44 53.03 15.77 85.85
N HIS B 45 54.27 15.55 86.31
CA HIS B 45 55.27 16.61 86.30
C HIS B 45 55.64 17.01 84.88
N ILE B 46 55.75 16.03 83.97
CA ILE B 46 56.08 16.34 82.58
C ILE B 46 54.97 17.18 81.94
N ALA B 47 53.71 16.82 82.21
CA ALA B 47 52.60 17.60 81.66
C ALA B 47 52.50 18.98 82.30
N ASP B 48 52.86 19.10 83.58
CA ASP B 48 52.84 20.41 84.23
C ASP B 48 53.95 21.32 83.71
N GLN B 49 55.10 20.73 83.36
CA GLN B 49 56.19 21.53 82.80
C GLN B 49 55.88 22.05 81.40
N LEU B 50 54.91 21.47 80.70
CA LEU B 50 54.50 21.93 79.39
C LEU B 50 53.28 22.84 79.53
N ARG B 51 53.21 23.87 78.70
CA ARG B 51 52.10 24.81 78.72
C ARG B 51 51.21 24.73 77.50
N HIS B 52 51.71 24.23 76.38
CA HIS B 52 50.95 24.10 75.14
C HIS B 52 50.73 22.64 74.77
N LEU B 53 50.63 21.77 75.78
CA LEU B 53 50.42 20.35 75.54
C LEU B 53 49.02 20.07 75.02
N GLU B 54 48.90 19.87 73.71
CA GLU B 54 47.60 19.59 73.10
C GLU B 54 47.30 18.10 73.00
N VAL B 55 48.30 17.29 72.66
CA VAL B 55 48.14 15.85 72.53
C VAL B 55 49.16 15.16 73.44
N LEU B 56 48.68 14.27 74.30
CA LEU B 56 49.54 13.53 75.22
C LEU B 56 49.22 12.05 75.07
N ASN B 57 50.24 11.26 74.72
CA ASN B 57 50.09 9.83 74.52
C ASN B 57 51.04 9.10 75.47
N VAL B 58 50.48 8.39 76.44
CA VAL B 58 51.28 7.65 77.41
C VAL B 58 50.70 6.25 77.57
N SER B 59 50.44 5.58 76.46
CA SER B 59 49.88 4.24 76.49
C SER B 59 50.97 3.19 76.61
N GLU B 60 50.57 1.98 76.99
CA GLU B 60 51.48 0.84 77.17
C GLU B 60 52.57 1.16 78.18
N ASN B 61 52.17 1.75 79.30
CA ASN B 61 53.08 2.09 80.39
C ASN B 61 52.49 1.57 81.69
N LYS B 62 53.29 0.82 82.45
CA LYS B 62 52.84 0.29 83.73
C LYS B 62 52.87 1.37 84.80
N LEU B 63 51.74 2.04 85.00
CA LEU B 63 51.62 3.14 85.94
C LEU B 63 50.67 2.78 87.09
N LYS B 64 50.96 3.32 88.26
CA LYS B 64 50.13 3.13 89.45
C LYS B 64 49.62 4.49 89.89
N PHE B 65 48.31 4.68 89.81
CA PHE B 65 47.72 5.97 90.15
C PHE B 65 47.62 6.12 91.67
N PRO B 66 47.81 7.33 92.20
CA PRO B 66 47.69 7.50 93.66
C PRO B 66 46.24 7.40 94.11
N SER B 67 46.06 6.88 95.33
CA SER B 67 44.73 6.70 95.89
C SER B 67 44.19 7.95 96.57
N GLY B 68 44.94 9.05 96.55
CA GLY B 68 44.47 10.27 97.18
C GLY B 68 43.42 10.99 96.35
N SER B 69 42.60 11.77 97.06
CA SER B 69 41.54 12.55 96.42
C SER B 69 41.96 14.00 96.15
N VAL B 70 43.26 14.23 95.96
CA VAL B 70 43.79 15.57 95.68
C VAL B 70 44.04 15.69 94.19
N LEU B 71 43.61 16.82 93.62
CA LEU B 71 43.81 17.09 92.19
C LEU B 71 45.28 17.34 91.94
N THR B 72 45.96 16.36 91.34
CA THR B 72 47.39 16.44 91.06
C THR B 72 47.57 17.06 89.68
N GLY B 73 47.61 18.39 89.63
CA GLY B 73 47.82 19.11 88.40
C GLY B 73 46.54 19.25 87.58
N THR B 74 46.45 20.39 86.89
CA THR B 74 45.30 20.67 86.04
C THR B 74 45.81 21.04 84.66
N LEU B 75 45.34 20.34 83.63
CA LEU B 75 45.76 20.56 82.26
C LEU B 75 44.56 21.07 81.46
N SER B 76 44.48 22.40 81.32
CA SER B 76 43.38 22.98 80.55
C SER B 76 43.73 23.03 79.06
N VAL B 77 44.99 22.79 78.72
CA VAL B 77 45.39 22.81 77.32
C VAL B 77 45.32 21.41 76.71
N LEU B 78 45.30 20.38 77.55
CA LEU B 78 45.24 19.01 77.06
C LEU B 78 43.90 18.74 76.40
N LYS B 79 43.94 18.16 75.20
CA LYS B 79 42.72 17.84 74.46
C LYS B 79 42.65 16.34 74.15
N VAL B 80 43.68 15.82 73.49
CA VAL B 80 43.74 14.42 73.10
C VAL B 80 44.59 13.67 74.12
N LEU B 81 44.02 12.63 74.72
CA LEU B 81 44.73 11.81 75.71
C LEU B 81 44.46 10.34 75.38
N VAL B 82 45.52 9.61 75.07
CA VAL B 82 45.42 8.20 74.72
C VAL B 82 45.95 7.37 75.88
N LEU B 83 45.11 6.44 76.37
CA LEU B 83 45.46 5.57 77.50
C LEU B 83 44.99 4.15 77.15
N ASN B 84 45.83 3.42 76.43
CA ASN B 84 45.53 2.06 75.99
C ASN B 84 46.54 1.10 76.59
N GLN B 85 46.06 -0.09 76.98
CA GLN B 85 46.89 -1.15 77.54
C GLN B 85 47.65 -0.66 78.78
N THR B 86 46.90 -0.02 79.68
CA THR B 86 47.48 0.51 80.91
C THR B 86 46.83 -0.02 82.17
N GLY B 87 45.72 -0.76 82.07
CA GLY B 87 45.04 -1.27 83.24
C GLY B 87 44.40 -0.18 84.07
N ILE B 88 43.37 0.47 83.52
CA ILE B 88 42.69 1.56 84.18
C ILE B 88 41.27 1.13 84.54
N THR B 89 40.69 1.80 85.52
CA THR B 89 39.34 1.53 85.98
C THR B 89 38.48 2.78 85.78
N TRP B 90 37.18 2.64 86.08
CA TRP B 90 36.25 3.75 85.92
C TRP B 90 36.55 4.87 86.91
N ALA B 91 36.87 4.50 88.16
CA ALA B 91 37.19 5.51 89.16
C ALA B 91 38.46 6.27 88.80
N GLU B 92 39.48 5.56 88.32
CA GLU B 92 40.71 6.22 87.91
C GLU B 92 40.48 7.13 86.71
N VAL B 93 39.61 6.69 85.78
CA VAL B 93 39.29 7.53 84.63
C VAL B 93 38.58 8.81 85.08
N LEU B 94 37.62 8.67 86.00
CA LEU B 94 36.90 9.85 86.48
C LEU B 94 37.82 10.78 87.26
N ARG B 95 38.80 10.23 87.98
CA ARG B 95 39.75 11.06 88.71
C ARG B 95 40.73 11.74 87.78
N CYS B 96 41.06 11.10 86.66
CA CYS B 96 42.01 11.70 85.72
C CYS B 96 41.35 12.79 84.89
N VAL B 97 40.11 12.56 84.43
CA VAL B 97 39.41 13.56 83.63
C VAL B 97 38.87 14.71 84.46
N ALA B 98 38.98 14.65 85.78
CA ALA B 98 38.49 15.74 86.62
C ALA B 98 39.37 16.98 86.48
N GLY B 99 40.63 16.81 86.12
CA GLY B 99 41.55 17.92 85.95
C GLY B 99 41.83 18.32 84.52
N CYS B 100 41.01 17.86 83.56
CA CYS B 100 41.17 18.18 82.14
C CYS B 100 39.89 18.82 81.64
N PRO B 101 39.74 20.14 81.79
CA PRO B 101 38.51 20.80 81.32
C PRO B 101 38.44 20.91 79.81
N GLY B 102 39.56 20.82 79.11
CA GLY B 102 39.56 20.95 77.67
C GLY B 102 39.78 19.63 76.94
N LEU B 103 39.54 18.52 77.65
CA LEU B 103 39.73 17.19 77.06
C LEU B 103 38.60 16.92 76.08
N GLU B 104 38.96 16.65 74.82
CA GLU B 104 37.98 16.38 73.77
C GLU B 104 38.08 14.97 73.20
N GLU B 105 39.19 14.27 73.40
CA GLU B 105 39.37 12.92 72.90
C GLU B 105 40.01 12.08 74.00
N LEU B 106 39.46 10.89 74.23
CA LEU B 106 39.96 9.99 75.26
C LEU B 106 39.89 8.56 74.74
N TYR B 107 41.02 7.86 74.75
CA TYR B 107 41.10 6.48 74.29
C TYR B 107 41.34 5.56 75.48
N LEU B 108 40.52 4.52 75.59
CA LEU B 108 40.58 3.57 76.71
C LEU B 108 40.37 2.17 76.13
N GLU B 109 41.41 1.61 75.53
CA GLU B 109 41.36 0.29 74.93
C GLU B 109 42.18 -0.69 75.75
N SER B 110 41.64 -1.89 75.97
CA SER B 110 42.31 -2.96 76.72
C SER B 110 42.68 -2.48 78.12
N ASN B 111 41.63 -2.29 78.93
CA ASN B 111 41.81 -1.83 80.30
C ASN B 111 40.88 -2.49 81.31
N ASN B 112 39.88 -3.25 80.88
CA ASN B 112 38.91 -3.90 81.77
C ASN B 112 38.22 -2.86 82.66
N ILE B 113 37.45 -1.98 82.02
CA ILE B 113 36.78 -0.90 82.73
C ILE B 113 35.39 -1.37 83.14
N PHE B 114 35.06 -1.20 84.42
CA PHE B 114 33.76 -1.56 84.96
C PHE B 114 33.03 -0.29 85.36
N ILE B 115 32.11 0.16 84.51
CA ILE B 115 31.36 1.38 84.78
C ILE B 115 30.34 1.11 85.89
N SER B 116 30.27 2.03 86.85
CA SER B 116 29.37 1.87 87.98
C SER B 116 28.56 3.15 88.22
N GLU B 117 29.24 4.27 88.38
CA GLU B 117 28.60 5.55 88.63
C GLU B 117 28.48 6.36 87.35
N ARG B 118 27.68 7.43 87.41
CA ARG B 118 27.44 8.29 86.27
C ARG B 118 28.30 9.55 86.39
N PRO B 119 29.09 9.89 85.37
CA PRO B 119 29.89 11.12 85.44
C PRO B 119 29.02 12.37 85.32
N THR B 120 28.99 13.18 86.38
CA THR B 120 28.18 14.40 86.36
C THR B 120 29.03 15.62 86.02
N ASP B 121 29.82 16.09 86.98
CA ASP B 121 30.66 17.26 86.72
C ASP B 121 31.83 16.91 85.82
N VAL B 122 32.28 15.65 85.85
CA VAL B 122 33.40 15.22 85.03
C VAL B 122 32.89 14.73 83.68
N LEU B 123 33.82 14.62 82.71
CA LEU B 123 33.50 14.19 81.35
C LEU B 123 32.44 15.07 80.71
N GLN B 124 32.54 16.38 80.95
CA GLN B 124 31.59 17.35 80.42
C GLN B 124 32.04 17.93 79.08
N THR B 125 33.23 17.57 78.61
CA THR B 125 33.72 18.07 77.33
C THR B 125 34.33 16.99 76.44
N VAL B 126 34.40 15.75 76.90
CA VAL B 126 35.00 14.68 76.12
C VAL B 126 34.04 14.21 75.04
N LYS B 127 34.49 14.22 73.80
CA LYS B 127 33.69 13.80 72.66
C LYS B 127 33.92 12.33 72.30
N LEU B 128 35.16 11.96 72.01
CA LEU B 128 35.49 10.58 71.66
C LEU B 128 35.76 9.76 72.92
N LEU B 129 35.09 8.60 73.00
CA LEU B 129 35.25 7.68 74.12
C LEU B 129 35.46 6.28 73.54
N ASP B 130 36.71 5.98 73.20
CA ASP B 130 37.08 4.70 72.59
C ASP B 130 37.15 3.64 73.68
N LEU B 131 36.08 2.87 73.84
CA LEU B 131 36.01 1.78 74.80
C LEU B 131 36.04 0.45 74.06
N SER B 132 37.21 0.09 73.54
CA SER B 132 37.40 -1.13 72.81
C SER B 132 38.14 -2.17 73.66
N SER B 133 37.98 -3.44 73.29
CA SER B 133 38.60 -4.56 73.98
C SER B 133 38.22 -4.59 75.46
N ASN B 134 36.98 -4.23 75.77
CA ASN B 134 36.48 -4.20 77.14
C ASN B 134 35.32 -5.17 77.23
N GLN B 135 35.61 -6.41 77.63
CA GLN B 135 34.57 -7.42 77.76
C GLN B 135 33.66 -7.18 78.96
N LEU B 136 34.10 -6.38 79.93
CA LEU B 136 33.27 -6.11 81.10
C LEU B 136 32.15 -5.13 80.77
N ILE B 137 32.37 -4.25 79.79
CA ILE B 137 31.35 -3.27 79.43
C ILE B 137 30.25 -3.95 78.62
N ASP B 138 29.05 -4.00 79.19
CA ASP B 138 27.91 -4.61 78.52
C ASP B 138 26.87 -3.55 78.14
N GLU B 139 25.60 -3.95 78.08
CA GLU B 139 24.55 -3.01 77.73
C GLU B 139 24.21 -2.10 78.90
N ASN B 140 24.25 -2.63 80.12
CA ASN B 140 23.86 -1.85 81.29
C ASN B 140 24.90 -0.77 81.60
N GLN B 141 26.12 -0.94 81.10
CA GLN B 141 27.16 0.05 81.37
C GLN B 141 27.14 1.17 80.34
N LEU B 142 26.42 0.97 79.23
CA LEU B 142 26.35 2.00 78.21
C LEU B 142 25.18 2.94 78.44
N TYR B 143 24.32 2.64 79.43
CA TYR B 143 23.21 3.53 79.73
C TYR B 143 23.66 4.71 80.58
N LEU B 144 24.63 4.49 81.46
CA LEU B 144 25.09 5.51 82.38
C LEU B 144 25.94 6.57 81.68
N ILE B 145 26.75 6.13 80.71
CA ILE B 145 27.65 7.04 80.00
C ILE B 145 26.90 7.70 78.85
N ALA B 146 25.63 7.33 78.68
CA ALA B 146 24.82 7.88 77.61
C ALA B 146 24.24 9.25 77.93
N HIS B 147 24.34 9.70 79.19
CA HIS B 147 23.82 10.99 79.61
C HIS B 147 24.83 12.12 79.44
N LEU B 148 25.89 11.90 78.65
CA LEU B 148 26.89 12.94 78.43
C LEU B 148 26.48 13.78 77.22
N PRO B 149 26.28 15.08 77.39
CA PRO B 149 25.85 15.92 76.25
C PRO B 149 26.98 16.15 75.25
N ARG B 150 28.22 16.15 75.73
CA ARG B 150 29.35 16.40 74.84
C ARG B 150 29.87 15.14 74.17
N LEU B 151 29.38 13.97 74.58
CA LEU B 151 29.79 12.72 73.96
C LEU B 151 29.24 12.62 72.54
N GLU B 152 30.14 12.75 71.55
CA GLU B 152 29.69 12.74 70.13
C GLU B 152 30.30 11.52 69.42
N GLN B 153 31.49 11.10 69.84
CA GLN B 153 32.20 9.97 69.18
C GLN B 153 32.31 8.79 70.16
N LEU B 154 31.85 7.61 69.75
CA LEU B 154 31.90 6.40 70.63
C LEU B 154 32.48 5.22 69.85
N ILE B 155 33.76 4.94 70.04
CA ILE B 155 34.39 3.76 69.37
C ILE B 155 34.30 2.57 70.35
N LEU B 156 33.19 1.82 70.29
CA LEU B 156 32.99 0.69 71.23
C LEU B 156 32.99 -0.61 70.44
N SER B 157 34.14 -1.30 70.38
CA SER B 157 34.24 -2.54 69.56
C SER B 157 34.83 -3.69 70.39
N ASP B 158 34.81 -4.91 69.84
CA ASP B 158 35.31 -6.07 70.56
C ASP B 158 34.94 -6.01 72.03
N THR B 159 33.65 -5.80 72.27
CA THR B 159 33.11 -5.72 73.63
C THR B 159 32.37 -6.97 74.07
N GLY B 160 31.73 -7.67 73.13
CA GLY B 160 30.99 -8.89 73.42
C GLY B 160 29.49 -8.71 73.49
N ILE B 161 29.01 -7.48 73.45
CA ILE B 161 27.57 -7.24 73.52
C ILE B 161 26.92 -7.56 72.17
N SER B 162 25.60 -7.79 72.19
CA SER B 162 24.86 -8.12 70.98
C SER B 162 23.48 -7.46 70.97
N SER B 163 23.24 -6.56 71.91
CA SER B 163 21.94 -5.89 71.99
C SER B 163 22.12 -4.55 72.68
N LEU B 164 21.47 -3.52 72.15
CA LEU B 164 21.52 -2.16 72.71
C LEU B 164 20.16 -1.50 72.45
N HIS B 165 19.21 -1.80 73.33
CA HIS B 165 17.86 -1.28 73.21
C HIS B 165 17.75 0.09 73.88
N PHE B 166 16.52 0.59 73.92
CA PHE B 166 16.22 1.88 74.55
C PHE B 166 14.85 1.80 75.20
N PRO B 167 14.78 1.70 76.53
CA PRO B 167 13.46 1.61 77.18
C PRO B 167 12.68 2.90 77.15
N ASP B 168 13.36 4.05 77.09
CA ASP B 168 12.68 5.34 77.06
C ASP B 168 12.20 5.74 75.68
N ALA B 169 12.50 4.95 74.65
CA ALA B 169 12.09 5.23 73.28
C ALA B 169 11.12 4.15 72.83
N GLY B 170 9.96 4.58 72.32
CA GLY B 170 8.94 3.68 71.83
C GLY B 170 9.16 3.31 70.38
N ILE B 171 8.05 2.95 69.72
CA ILE B 171 8.08 2.57 68.32
C ILE B 171 8.10 3.85 67.48
N GLY B 172 9.21 4.09 66.78
CA GLY B 172 9.34 5.25 65.95
C GLY B 172 9.66 6.54 66.68
N CYS B 173 10.07 6.46 67.94
CA CYS B 173 10.40 7.63 68.74
C CYS B 173 11.90 7.72 68.98
N LYS B 174 12.37 8.95 69.22
CA LYS B 174 13.77 9.22 69.46
C LYS B 174 14.09 9.03 70.93
N THR B 175 15.30 8.56 71.21
CA THR B 175 15.74 8.31 72.58
C THR B 175 16.58 9.47 73.11
N SER B 176 16.51 9.69 74.42
CA SER B 176 17.31 10.73 75.05
C SER B 176 18.76 10.31 75.25
N MET B 177 19.04 9.00 75.24
CA MET B 177 20.40 8.52 75.39
C MET B 177 21.22 8.82 74.15
N PHE B 178 22.50 9.12 74.35
CA PHE B 178 23.43 9.48 73.27
C PHE B 178 22.89 10.66 72.48
N PRO B 179 22.96 11.88 73.03
CA PRO B 179 22.39 13.04 72.33
C PRO B 179 23.22 13.53 71.17
N SER B 180 24.44 13.02 70.98
CA SER B 180 25.32 13.49 69.90
C SER B 180 26.07 12.34 69.23
N LEU B 181 25.76 11.09 69.56
CA LEU B 181 26.45 9.95 68.95
C LEU B 181 26.05 9.85 67.49
N LYS B 182 27.00 10.15 66.60
CA LYS B 182 26.77 10.09 65.16
C LYS B 182 27.55 9.01 64.45
N TYR B 183 28.53 8.40 65.15
CA TYR B 183 29.29 7.27 64.55
C TYR B 183 29.83 6.37 65.66
N LEU B 184 29.29 5.16 65.79
CA LEU B 184 29.79 4.20 66.81
C LEU B 184 30.43 3.02 66.07
N VAL B 185 31.75 2.87 66.19
CA VAL B 185 32.48 1.78 65.48
C VAL B 185 31.98 0.43 66.01
N VAL B 186 31.53 -0.46 65.12
CA VAL B 186 31.05 -1.81 65.52
C VAL B 186 31.88 -2.87 64.80
N ASN B 187 32.68 -3.64 65.55
CA ASN B 187 33.50 -4.72 64.94
C ASN B 187 33.82 -5.77 66.01
N ASP B 188 34.19 -6.98 65.59
CA ASP B 188 34.52 -8.07 66.54
C ASP B 188 33.33 -8.25 67.48
N ASN B 189 32.10 -8.17 66.95
CA ASN B 189 30.89 -8.30 67.79
C ASN B 189 30.10 -9.53 67.36
N GLN B 190 29.25 -10.07 68.26
CA GLN B 190 28.48 -11.27 67.95
C GLN B 190 26.99 -10.94 67.84
N ILE B 191 26.69 -9.99 66.96
CA ILE B 191 25.31 -9.57 66.72
C ILE B 191 24.68 -10.55 65.74
N SER B 192 23.65 -11.26 66.19
CA SER B 192 22.95 -12.25 65.37
C SER B 192 21.46 -11.98 65.30
N GLN B 193 21.03 -10.77 65.64
CA GLN B 193 19.62 -10.39 65.60
C GLN B 193 19.45 -9.08 64.84
N TRP B 194 18.30 -8.94 64.19
CA TRP B 194 18.01 -7.74 63.42
C TRP B 194 17.46 -6.60 64.27
N SER B 195 17.26 -6.82 65.57
CA SER B 195 16.74 -5.76 66.44
C SER B 195 17.79 -4.71 66.75
N PHE B 196 19.08 -5.03 66.57
CA PHE B 196 20.13 -4.06 66.86
C PHE B 196 20.03 -2.84 65.96
N PHE B 197 19.83 -3.07 64.65
CA PHE B 197 19.70 -1.95 63.73
C PHE B 197 18.42 -1.17 63.97
N ASN B 198 17.33 -1.88 64.31
CA ASN B 198 16.07 -1.19 64.59
C ASN B 198 16.18 -0.32 65.84
N GLU B 199 16.98 -0.76 66.81
CA GLU B 199 17.17 0.04 68.02
C GLU B 199 18.13 1.20 67.78
N LEU B 200 19.13 0.98 66.93
CA LEU B 200 20.07 2.07 66.61
C LEU B 200 19.42 3.12 65.73
N GLU B 201 18.37 2.75 64.98
CA GLU B 201 17.67 3.72 64.15
C GLU B 201 16.99 4.80 64.99
N LYS B 202 16.64 4.50 66.24
CA LYS B 202 15.96 5.45 67.10
C LYS B 202 16.89 6.50 67.69
N LEU B 203 18.12 6.59 67.20
CA LEU B 203 19.04 7.60 67.70
C LEU B 203 18.60 9.00 67.24
N PRO B 204 18.85 10.03 68.05
CA PRO B 204 18.40 11.38 67.68
C PRO B 204 19.15 11.96 66.50
N SER B 205 20.47 11.75 66.45
CA SER B 205 21.33 12.29 65.40
C SER B 205 22.38 11.24 65.05
N LEU B 206 21.98 10.26 64.25
CA LEU B 206 22.87 9.21 63.79
C LEU B 206 23.12 9.39 62.29
N ARG B 207 24.39 9.33 61.91
CA ARG B 207 24.77 9.51 60.50
C ARG B 207 25.68 8.38 60.03
N ALA B 208 26.95 8.44 60.40
CA ALA B 208 27.90 7.42 59.98
C ALA B 208 27.73 6.16 60.81
N LEU B 209 28.22 5.05 60.26
CA LEU B 209 28.10 3.75 60.91
C LEU B 209 29.15 2.81 60.33
N SER B 210 29.57 1.85 61.14
CA SER B 210 30.57 0.87 60.71
C SER B 210 30.31 -0.43 61.47
N CYS B 211 29.65 -1.38 60.81
CA CYS B 211 29.35 -2.69 61.40
C CYS B 211 30.11 -3.76 60.63
N LEU B 212 31.42 -3.81 60.84
CA LEU B 212 32.28 -4.79 60.17
C LEU B 212 32.55 -5.98 61.09
N ARG B 213 32.79 -7.13 60.47
CA ARG B 213 33.08 -8.37 61.18
C ARG B 213 31.99 -8.71 62.18
N ASN B 214 30.87 -9.23 61.69
CA ASN B 214 29.75 -9.60 62.53
C ASN B 214 29.10 -10.85 61.93
N PRO B 215 28.41 -11.66 62.75
CA PRO B 215 27.76 -12.86 62.20
C PRO B 215 26.67 -12.56 61.20
N LEU B 216 26.15 -11.32 61.18
CA LEU B 216 25.12 -10.94 60.23
C LEU B 216 25.69 -10.22 59.02
N THR B 217 26.88 -9.63 59.15
CA THR B 217 27.52 -8.91 58.05
C THR B 217 28.82 -9.60 57.64
N LYS B 218 28.72 -10.92 57.50
CA LYS B 218 29.86 -11.73 57.10
C LYS B 218 30.25 -11.44 55.65
N GLU B 219 31.47 -11.83 55.30
CA GLU B 219 31.98 -11.63 53.94
C GLU B 219 31.60 -12.84 53.08
N ASP B 220 30.30 -13.00 52.90
CA ASP B 220 29.76 -14.09 52.10
C ASP B 220 28.92 -13.57 50.94
N LYS B 221 28.02 -14.41 50.42
CA LYS B 221 27.18 -13.99 49.31
C LYS B 221 26.03 -13.10 49.75
N GLU B 222 25.67 -13.13 51.04
CA GLU B 222 24.58 -12.31 51.56
C GLU B 222 25.06 -11.00 52.17
N ALA B 223 26.26 -10.54 51.79
CA ALA B 223 26.78 -9.29 52.33
C ALA B 223 26.05 -8.09 51.74
N GLU B 224 25.82 -8.10 50.42
CA GLU B 224 25.12 -6.99 49.79
C GLU B 224 23.68 -6.90 50.25
N THR B 225 23.01 -8.05 50.40
CA THR B 225 21.64 -8.04 50.88
C THR B 225 21.55 -7.50 52.30
N ALA B 226 22.46 -7.93 53.19
CA ALA B 226 22.47 -7.43 54.55
C ALA B 226 22.78 -5.93 54.58
N ARG B 227 23.68 -5.48 53.71
CA ARG B 227 23.98 -4.05 53.65
C ARG B 227 22.76 -3.25 53.20
N LEU B 228 22.03 -3.74 52.20
CA LEU B 228 20.82 -3.06 51.75
C LEU B 228 19.76 -3.05 52.85
N LEU B 229 19.64 -4.15 53.59
CA LEU B 229 18.68 -4.19 54.69
C LEU B 229 19.04 -3.19 55.78
N ILE B 230 20.33 -3.10 56.12
CA ILE B 230 20.75 -2.13 57.14
C ILE B 230 20.52 -0.71 56.65
N ILE B 231 20.77 -0.45 55.36
CA ILE B 231 20.55 0.89 54.82
C ILE B 231 19.06 1.24 54.86
N ALA B 232 18.19 0.29 54.50
CA ALA B 232 16.76 0.57 54.50
C ALA B 232 16.20 0.66 55.91
N SER B 233 16.85 0.04 56.90
CA SER B 233 16.36 0.09 58.26
C SER B 233 16.56 1.48 58.86
N ILE B 234 17.77 2.02 58.77
CA ILE B 234 18.11 3.33 59.32
C ILE B 234 17.98 4.34 58.19
N GLY B 235 16.97 5.20 58.28
CA GLY B 235 16.75 6.19 57.22
C GLY B 235 17.70 7.37 57.29
N GLN B 236 18.06 7.81 58.49
CA GLN B 236 18.95 8.94 58.68
C GLN B 236 20.42 8.58 58.50
N LEU B 237 20.71 7.37 58.05
CA LEU B 237 22.09 6.93 57.88
C LEU B 237 22.69 7.55 56.62
N LYS B 238 23.94 8.01 56.74
CA LYS B 238 24.65 8.60 55.62
C LYS B 238 25.94 7.88 55.26
N THR B 239 26.41 6.96 56.10
CA THR B 239 27.64 6.21 55.85
C THR B 239 27.52 4.84 56.48
N LEU B 240 27.90 3.80 55.74
CA LEU B 240 27.86 2.43 56.23
C LEU B 240 29.15 1.73 55.84
N ASN B 241 29.79 1.10 56.83
CA ASN B 241 31.06 0.37 56.63
C ASN B 241 32.13 1.29 56.04
N LYS B 242 32.18 2.53 56.54
CA LYS B 242 33.14 3.53 56.09
C LYS B 242 33.01 3.78 54.58
N CYS B 243 31.77 3.79 54.09
CA CYS B 243 31.48 4.04 52.69
C CYS B 243 30.27 4.95 52.59
N GLU B 244 30.36 5.96 51.73
CA GLU B 244 29.27 6.90 51.56
C GLU B 244 28.06 6.22 50.91
N ILE B 245 26.87 6.54 51.42
CA ILE B 245 25.62 5.98 50.93
C ILE B 245 25.02 6.98 49.96
N LEU B 246 24.97 6.63 48.68
CA LEU B 246 24.37 7.49 47.68
C LEU B 246 22.85 7.47 47.78
N PRO B 247 22.18 8.55 47.36
CA PRO B 247 20.71 8.55 47.41
C PRO B 247 20.09 7.47 46.53
N GLU B 248 20.69 7.18 45.39
CA GLU B 248 20.15 6.14 44.52
C GLU B 248 20.26 4.76 45.18
N GLU B 249 21.40 4.50 45.82
CA GLU B 249 21.57 3.22 46.52
C GLU B 249 20.58 3.11 47.68
N ARG B 250 20.36 4.19 48.40
CA ARG B 250 19.39 4.17 49.50
C ARG B 250 17.98 3.93 48.99
N ARG B 251 17.61 4.58 47.87
CA ARG B 251 16.29 4.37 47.30
C ARG B 251 16.13 2.92 46.83
N ARG B 252 17.16 2.36 46.21
CA ARG B 252 17.09 0.97 45.76
C ARG B 252 16.97 0.02 46.94
N ALA B 253 17.72 0.28 48.02
CA ALA B 253 17.64 -0.58 49.19
C ALA B 253 16.25 -0.49 49.83
N GLU B 254 15.68 0.71 49.91
CA GLU B 254 14.34 0.84 50.48
C GLU B 254 13.29 0.16 49.61
N LEU B 255 13.44 0.27 48.29
CA LEU B 255 12.49 -0.41 47.40
C LEU B 255 12.59 -1.91 47.52
N ASP B 256 13.82 -2.44 47.63
CA ASP B 256 13.99 -3.88 47.83
C ASP B 256 13.41 -4.32 49.16
N TYR B 257 13.61 -3.53 50.22
CA TYR B 257 13.04 -3.86 51.51
C TYR B 257 11.52 -3.90 51.45
N ARG B 258 10.91 -2.91 50.79
CA ARG B 258 9.46 -2.88 50.68
C ARG B 258 8.95 -4.06 49.87
N LYS B 259 9.62 -4.37 48.75
CA LYS B 259 9.19 -5.50 47.91
C LYS B 259 9.34 -6.82 48.64
N ALA B 260 10.34 -6.95 49.51
CA ALA B 260 10.55 -8.20 50.22
C ALA B 260 9.67 -8.34 51.44
N PHE B 261 9.25 -7.23 52.05
CA PHE B 261 8.45 -7.27 53.27
C PHE B 261 6.98 -6.95 53.05
N GLY B 262 6.56 -6.70 51.81
CA GLY B 262 5.15 -6.49 51.55
C GLY B 262 4.30 -7.70 51.92
N ASN B 263 4.82 -8.90 51.73
CA ASN B 263 4.08 -10.11 52.09
C ASN B 263 3.85 -10.18 53.59
N GLU B 264 4.89 -9.93 54.39
CA GLU B 264 4.74 -9.94 55.84
C GLU B 264 3.89 -8.78 56.32
N TRP B 265 3.89 -7.65 55.59
CA TRP B 265 3.05 -6.52 55.99
C TRP B 265 1.59 -6.80 55.72
N LYS B 266 1.29 -7.48 54.61
CA LYS B 266 -0.09 -7.81 54.29
C LYS B 266 -0.61 -8.97 55.12
N GLN B 267 0.27 -9.90 55.50
CA GLN B 267 -0.16 -11.03 56.32
C GLN B 267 -0.45 -10.63 57.76
N ALA B 268 0.10 -9.49 58.21
CA ALA B 268 -0.12 -9.01 59.57
C ALA B 268 -1.35 -8.11 59.70
N GLY B 269 -2.03 -7.83 58.60
CA GLY B 269 -3.21 -6.99 58.62
C GLY B 269 -3.05 -5.62 58.00
N GLY B 270 -2.06 -5.42 57.13
CA GLY B 270 -1.87 -4.12 56.52
C GLY B 270 -2.83 -3.90 55.36
N HIS B 271 -3.11 -2.62 55.10
CA HIS B 271 -4.01 -2.25 54.03
C HIS B 271 -3.66 -0.84 53.56
N LYS B 272 -4.05 -0.52 52.32
CA LYS B 272 -3.79 0.80 51.78
C LYS B 272 -4.69 1.86 52.42
N ASP B 273 -5.81 1.45 52.99
CA ASP B 273 -6.72 2.39 53.63
C ASP B 273 -6.23 2.70 55.04
N PRO B 274 -5.92 3.96 55.36
CA PRO B 274 -5.47 4.28 56.73
C PRO B 274 -6.51 3.98 57.80
N GLU B 275 -7.79 3.99 57.44
CA GLU B 275 -8.83 3.67 58.42
C GLU B 275 -8.89 2.17 58.70
N LYS B 276 -8.45 1.34 57.76
CA LYS B 276 -8.46 -0.10 57.92
C LYS B 276 -7.08 -0.68 58.20
N ASN B 277 -6.06 0.16 58.34
CA ASN B 277 -4.70 -0.30 58.60
C ASN B 277 -4.56 -0.59 60.10
N ARG B 278 -4.62 -1.87 60.45
CA ARG B 278 -4.51 -2.32 61.85
C ARG B 278 -3.38 -3.34 61.91
N LEU B 279 -2.16 -2.87 62.12
CA LEU B 279 -0.99 -3.73 62.21
C LEU B 279 -0.85 -4.29 63.61
N SER B 280 -0.22 -5.46 63.71
CA SER B 280 -0.01 -6.11 64.98
C SER B 280 1.14 -5.44 65.74
N GLU B 281 1.29 -5.83 67.01
CA GLU B 281 2.35 -5.26 67.83
C GLU B 281 3.72 -5.81 67.44
N GLU B 282 3.77 -7.08 67.01
CA GLU B 282 5.04 -7.67 66.62
C GLU B 282 5.60 -7.01 65.37
N PHE B 283 4.74 -6.73 64.38
CA PHE B 283 5.21 -6.08 63.17
C PHE B 283 5.61 -4.64 63.44
N LEU B 284 4.97 -3.99 64.41
CA LEU B 284 5.33 -2.62 64.76
C LEU B 284 6.65 -2.57 65.51
N THR B 285 6.90 -3.54 66.39
CA THR B 285 8.16 -3.57 67.12
C THR B 285 9.33 -4.00 66.25
N ALA B 286 9.12 -5.00 65.38
CA ALA B 286 10.20 -5.47 64.52
C ALA B 286 10.52 -4.51 63.39
N HIS B 287 9.54 -3.71 62.96
CA HIS B 287 9.71 -2.74 61.88
C HIS B 287 9.08 -1.42 62.28
N PRO B 288 9.79 -0.62 63.08
CA PRO B 288 9.24 0.69 63.48
C PRO B 288 9.18 1.70 62.35
N ARG B 289 10.13 1.67 61.43
CA ARG B 289 10.20 2.62 60.34
C ARG B 289 9.46 2.15 59.08
N TYR B 290 8.66 1.09 59.19
CA TYR B 290 7.93 0.60 58.03
C TYR B 290 6.78 1.54 57.66
N GLN B 291 6.15 2.17 58.66
CA GLN B 291 5.06 3.08 58.37
C GLN B 291 5.54 4.31 57.61
N PHE B 292 6.74 4.79 57.93
CA PHE B 292 7.30 5.94 57.21
C PHE B 292 7.51 5.61 55.74
N LEU B 293 8.07 4.43 55.46
CA LEU B 293 8.27 4.02 54.08
C LEU B 293 6.95 3.79 53.36
N CYS B 294 5.97 3.24 54.06
CA CYS B 294 4.66 3.02 53.46
C CYS B 294 3.96 4.33 53.13
N LEU B 295 4.18 5.35 53.96
CA LEU B 295 3.59 6.66 53.69
C LEU B 295 4.36 7.43 52.62
N LYS B 296 5.67 7.19 52.52
CA LYS B 296 6.47 7.90 51.52
C LYS B 296 6.29 7.30 50.13
N TYR B 297 6.62 6.01 49.98
CA TYR B 297 6.55 5.34 48.69
C TYR B 297 5.18 4.76 48.39
N GLY B 298 4.15 5.13 49.14
CA GLY B 298 2.81 4.62 48.91
C GLY B 298 2.64 3.18 49.34
N ALA B 299 1.47 2.61 49.05
CA ALA B 299 1.19 1.22 49.41
C ALA B 299 1.40 0.30 48.21
N LEU B 313 21.71 -22.63 23.38
CA LEU B 313 22.16 -23.11 22.08
C LEU B 313 21.73 -24.55 21.85
N LYS B 314 21.72 -25.34 22.92
CA LYS B 314 21.33 -26.74 22.81
C LYS B 314 19.83 -26.87 22.57
N ASN B 315 19.03 -25.99 23.19
CA ASN B 315 17.59 -26.05 22.99
C ASN B 315 17.19 -25.61 21.59
N GLN B 316 18.06 -24.88 20.90
CA GLN B 316 17.78 -24.41 19.55
C GLN B 316 18.25 -25.38 18.48
N LEU B 317 18.84 -26.50 18.86
CA LEU B 317 19.34 -27.47 17.88
C LEU B 317 18.19 -28.28 17.29
N LEU B 318 18.34 -28.64 16.02
CA LEU B 318 17.35 -29.43 15.29
C LEU B 318 17.99 -30.75 14.89
N THR B 319 17.53 -31.83 15.52
CA THR B 319 18.05 -33.17 15.24
C THR B 319 17.36 -33.72 14.01
N LEU B 320 17.93 -33.45 12.84
CA LEU B 320 17.38 -33.89 11.57
C LEU B 320 18.38 -34.79 10.85
N LYS B 321 17.86 -35.66 10.00
CA LYS B 321 18.67 -36.60 9.25
C LYS B 321 18.93 -36.11 7.83
N ILE B 322 19.90 -36.74 7.17
CA ILE B 322 20.28 -36.39 5.81
C ILE B 322 20.09 -37.62 4.92
N LYS B 323 19.42 -37.42 3.78
CA LYS B 323 19.19 -38.48 2.81
C LYS B 323 19.60 -38.00 1.43
N TYR B 324 19.92 -38.97 0.56
CA TYR B 324 20.34 -38.69 -0.82
C TYR B 324 19.55 -39.61 -1.75
N PRO B 325 18.50 -39.09 -2.39
CA PRO B 325 17.72 -39.93 -3.31
C PRO B 325 18.50 -40.41 -4.52
N HIS B 326 19.40 -39.58 -5.05
CA HIS B 326 20.17 -39.99 -6.22
C HIS B 326 21.23 -41.02 -5.86
N GLN B 327 21.90 -40.84 -4.73
CA GLN B 327 22.94 -41.77 -4.27
C GLN B 327 22.42 -42.47 -3.02
N LEU B 328 21.76 -43.62 -3.22
CA LEU B 328 21.22 -44.39 -2.12
C LEU B 328 22.27 -45.25 -1.42
N ASP B 329 23.50 -45.28 -1.92
CA ASP B 329 24.53 -46.09 -1.28
C ASP B 329 25.05 -45.44 0.00
N GLN B 330 24.85 -44.11 0.12
CA GLN B 330 25.27 -43.37 1.33
C GLN B 330 24.28 -43.69 2.47
N LYS B 331 24.74 -43.58 3.71
CA LYS B 331 23.85 -43.84 4.89
C LYS B 331 23.06 -42.58 5.22
N VAL B 332 21.92 -42.74 5.92
CA VAL B 332 21.09 -41.56 6.32
C VAL B 332 21.66 -41.01 7.63
N LEU B 333 22.68 -40.14 7.54
CA LEU B 333 23.31 -39.56 8.75
C LEU B 333 22.38 -38.49 9.34
N GLU B 334 22.56 -38.17 10.62
CA GLU B 334 21.70 -37.15 11.29
C GLU B 334 22.59 -36.05 11.86
N LYS B 335 22.26 -34.77 11.60
CA LYS B 335 23.08 -33.64 12.07
C LYS B 335 22.28 -32.78 13.05
N GLN B 336 22.98 -31.98 13.89
CA GLN B 336 22.25 -31.05 14.76
C GLN B 336 22.67 -29.63 14.40
N LEU B 337 21.85 -28.96 13.59
CA LEU B 337 22.12 -27.61 13.16
C LEU B 337 21.23 -26.61 13.91
N PRO B 338 21.73 -25.41 14.18
CA PRO B 338 20.92 -24.40 14.88
C PRO B 338 19.70 -24.00 14.07
N GLY B 339 18.70 -23.49 14.78
CA GLY B 339 17.47 -23.07 14.14
C GLY B 339 17.60 -21.84 13.27
N SER B 340 18.48 -20.91 13.67
CA SER B 340 18.70 -19.68 12.90
C SER B 340 19.76 -19.85 11.82
N MET B 341 20.10 -21.07 11.46
CA MET B 341 21.10 -21.33 10.43
C MET B 341 20.49 -21.06 9.05
N THR B 342 21.21 -20.31 8.22
CA THR B 342 20.72 -19.98 6.90
C THR B 342 20.90 -21.16 5.94
N ILE B 343 20.25 -21.05 4.79
CA ILE B 343 20.35 -22.10 3.78
C ILE B 343 21.72 -22.09 3.10
N GLN B 344 22.33 -20.92 2.97
CA GLN B 344 23.63 -20.82 2.31
C GLN B 344 24.71 -21.55 3.12
N LYS B 345 24.62 -21.49 4.45
CA LYS B 345 25.60 -22.19 5.28
C LYS B 345 25.47 -23.70 5.13
N VAL B 346 24.24 -24.22 5.10
CA VAL B 346 24.05 -25.65 4.90
C VAL B 346 24.50 -26.06 3.51
N LYS B 347 24.25 -25.21 2.51
CA LYS B 347 24.72 -25.51 1.15
C LYS B 347 26.24 -25.57 1.09
N GLY B 348 26.92 -24.63 1.74
CA GLY B 348 28.37 -24.66 1.77
C GLY B 348 28.91 -25.86 2.52
N LEU B 349 28.25 -26.23 3.63
CA LEU B 349 28.64 -27.43 4.36
C LEU B 349 28.54 -28.68 3.48
N LEU B 350 27.41 -28.82 2.78
CA LEU B 350 27.23 -29.99 1.92
C LEU B 350 28.22 -29.98 0.75
N SER B 351 28.46 -28.79 0.19
CA SER B 351 29.38 -28.67 -0.96
C SER B 351 30.73 -29.31 -0.59
N ARG B 352 31.34 -28.85 0.50
CA ARG B 352 32.62 -29.44 0.97
C ARG B 352 32.37 -30.89 1.40
N LEU B 353 31.24 -31.15 2.05
CA LEU B 353 30.94 -32.51 2.57
C LEU B 353 30.92 -33.51 1.41
N LEU B 354 30.36 -33.13 0.26
CA LEU B 354 30.23 -34.10 -0.87
C LEU B 354 31.18 -33.72 -2.01
N LYS B 355 32.06 -32.73 -1.79
CA LYS B 355 32.93 -32.29 -2.89
C LYS B 355 32.12 -32.07 -4.17
N VAL B 356 30.93 -31.51 -3.98
CA VAL B 356 30.01 -31.21 -5.08
C VAL B 356 29.89 -29.70 -5.19
N PRO B 357 29.91 -29.13 -6.41
CA PRO B 357 29.74 -27.67 -6.55
C PRO B 357 28.45 -27.17 -5.91
N VAL B 358 28.55 -26.04 -5.20
CA VAL B 358 27.39 -25.51 -4.48
C VAL B 358 26.39 -24.87 -5.42
N SER B 359 26.80 -24.62 -6.67
CA SER B 359 25.91 -23.96 -7.63
C SER B 359 24.73 -24.86 -7.99
N ASP B 360 24.99 -26.17 -8.11
CA ASP B 360 23.93 -27.13 -8.48
C ASP B 360 23.54 -27.97 -7.26
N LEU B 361 23.20 -27.32 -6.14
CA LEU B 361 22.75 -28.07 -4.94
C LEU B 361 21.26 -27.80 -4.71
N LEU B 362 20.45 -28.86 -4.62
CA LEU B 362 18.99 -28.70 -4.41
C LEU B 362 18.64 -29.12 -2.98
N LEU B 363 17.88 -28.29 -2.26
CA LEU B 363 17.56 -28.60 -0.84
C LEU B 363 16.05 -28.76 -0.64
N SER B 364 15.66 -29.73 0.19
CA SER B 364 14.25 -29.97 0.48
C SER B 364 14.13 -30.57 1.87
N TYR B 365 12.91 -30.55 2.41
CA TYR B 365 12.63 -31.11 3.72
C TYR B 365 11.26 -31.78 3.71
N GLU B 366 11.14 -32.87 4.47
CA GLU B 366 9.89 -33.61 4.59
C GLU B 366 9.62 -33.88 6.06
N SER B 367 8.44 -33.49 6.53
CA SER B 367 8.08 -33.70 7.92
C SER B 367 7.24 -34.96 8.08
N PRO B 368 7.41 -35.69 9.18
CA PRO B 368 6.60 -36.90 9.39
C PRO B 368 5.11 -36.61 9.58
N LYS B 369 4.76 -35.39 9.97
CA LYS B 369 3.34 -35.05 10.14
C LYS B 369 2.65 -34.93 8.80
N LYS B 370 3.40 -34.61 7.74
CA LYS B 370 2.85 -34.46 6.41
C LYS B 370 3.58 -35.39 5.44
N PRO B 371 3.23 -36.68 5.41
CA PRO B 371 3.91 -37.60 4.49
C PRO B 371 3.41 -37.46 3.07
N GLY B 372 4.32 -37.68 2.12
CA GLY B 372 4.00 -37.60 0.71
C GLY B 372 4.12 -36.22 0.10
N ARG B 373 4.44 -35.21 0.89
CA ARG B 373 4.59 -33.84 0.41
C ARG B 373 6.03 -33.38 0.60
N GLU B 374 6.62 -32.86 -0.46
CA GLU B 374 8.00 -32.40 -0.46
C GLU B 374 8.02 -30.89 -0.69
N ILE B 375 8.49 -30.15 0.30
CA ILE B 375 8.61 -28.70 0.20
C ILE B 375 10.07 -28.34 -0.07
N GLU B 376 10.30 -27.66 -1.19
CA GLU B 376 11.66 -27.33 -1.61
C GLU B 376 12.20 -26.13 -0.84
N LEU B 377 13.53 -25.98 -0.88
CA LEU B 377 14.23 -24.87 -0.24
C LEU B 377 15.07 -24.19 -1.31
N GLU B 378 14.55 -23.09 -1.86
CA GLU B 378 15.21 -22.38 -2.96
C GLU B 378 15.94 -21.13 -2.49
N ASN B 379 15.27 -20.25 -1.74
CA ASN B 379 15.88 -19.00 -1.32
C ASN B 379 16.96 -19.26 -0.27
N ASP B 380 18.18 -18.81 -0.56
CA ASP B 380 19.31 -18.95 0.35
C ASP B 380 19.36 -17.87 1.41
N LEU B 381 18.73 -16.72 1.17
CA LEU B 381 18.73 -15.61 2.12
C LEU B 381 17.88 -15.87 3.36
N LYS B 382 16.93 -16.80 3.30
CA LYS B 382 16.08 -17.09 4.44
C LYS B 382 16.79 -18.03 5.42
N SER B 383 16.06 -18.43 6.44
CA SER B 383 16.57 -19.34 7.46
C SER B 383 15.68 -20.57 7.57
N LEU B 384 16.13 -21.54 8.38
CA LEU B 384 15.37 -22.76 8.55
C LEU B 384 14.12 -22.53 9.38
N GLN B 385 14.14 -21.53 10.28
CA GLN B 385 12.97 -21.25 11.10
C GLN B 385 11.83 -20.67 10.27
N PHE B 386 12.16 -19.91 9.21
CA PHE B 386 11.11 -19.32 8.38
C PHE B 386 10.37 -20.37 7.58
N TYR B 387 11.05 -21.46 7.19
CA TYR B 387 10.44 -22.52 6.40
C TYR B 387 9.70 -23.55 7.26
N SER B 388 9.41 -23.23 8.52
CA SER B 388 8.67 -24.11 9.42
C SER B 388 9.37 -25.47 9.56
N VAL B 389 10.70 -25.43 9.61
CA VAL B 389 11.51 -26.64 9.77
C VAL B 389 11.56 -26.92 11.27
N GLU B 390 11.03 -28.07 11.68
CA GLU B 390 10.99 -28.45 13.08
C GLU B 390 11.99 -29.57 13.36
N ASN B 391 12.01 -30.02 14.61
CA ASN B 391 12.91 -31.09 15.02
C ASN B 391 12.32 -32.45 14.68
N GLY B 392 13.09 -33.28 13.98
CA GLY B 392 12.59 -34.59 13.56
C GLY B 392 12.37 -34.64 12.05
N ASP B 393 12.56 -33.51 11.38
CA ASP B 393 12.41 -33.45 9.89
C ASP B 393 13.65 -34.07 9.25
N CYS B 394 13.64 -34.23 7.92
CA CYS B 394 14.83 -34.78 7.21
C CYS B 394 15.23 -33.83 6.07
N LEU B 395 16.51 -33.83 5.70
CA LEU B 395 17.01 -32.94 4.62
C LEU B 395 17.34 -33.79 3.38
N LEU B 396 16.77 -33.45 2.23
CA LEU B 396 17.07 -34.17 1.00
C LEU B 396 18.08 -33.37 0.19
N VAL B 397 19.18 -34.04 -0.21
CA VAL B 397 20.24 -33.36 -1.01
C VAL B 397 20.18 -33.91 -2.44
N ARG B 398 19.82 -33.07 -3.40
CA ARG B 398 19.70 -33.51 -4.82
C ARG B 398 20.74 -32.79 -5.67
N TRP B 399 21.55 -33.54 -6.42
CA TRP B 399 22.54 -32.92 -7.29
C TRP B 399 22.83 -33.80 -8.50
N MET C 1 -28.44 -3.34 -14.60
CA MET C 1 -29.22 -3.07 -15.81
C MET C 1 -28.80 -1.75 -16.45
N GLY C 2 -29.35 -1.47 -17.62
CA GLY C 2 -29.00 -0.24 -18.32
C GLY C 2 -29.45 -0.28 -19.77
N LEU C 3 -28.81 0.56 -20.58
CA LEU C 3 -29.15 0.61 -22.00
C LEU C 3 -28.73 -0.65 -22.74
N LEU C 4 -27.61 -1.26 -22.33
CA LEU C 4 -27.14 -2.46 -23.02
C LEU C 4 -28.10 -3.62 -22.82
N THR C 5 -28.63 -3.78 -21.61
CA THR C 5 -29.59 -4.85 -21.35
C THR C 5 -30.86 -4.67 -22.16
N ILE C 6 -31.36 -3.43 -22.25
CA ILE C 6 -32.57 -3.17 -23.03
C ILE C 6 -32.30 -3.41 -24.52
N LEU C 7 -31.11 -3.03 -25.01
CA LEU C 7 -30.77 -3.27 -26.40
C LEU C 7 -30.68 -4.76 -26.69
N LYS C 8 -30.09 -5.53 -25.77
CA LYS C 8 -30.01 -6.98 -25.95
C LYS C 8 -31.39 -7.62 -25.94
N LYS C 9 -32.26 -7.15 -25.04
CA LYS C 9 -33.62 -7.68 -25.00
C LYS C 9 -34.37 -7.37 -26.29
N MET C 10 -34.21 -6.15 -26.82
CA MET C 10 -34.87 -5.79 -28.08
C MET C 10 -34.31 -6.62 -29.23
N LYS C 11 -33.00 -6.87 -29.23
CA LYS C 11 -32.40 -7.68 -30.29
C LYS C 11 -32.88 -9.13 -30.22
N GLN C 12 -33.05 -9.66 -29.00
CA GLN C 12 -33.54 -11.03 -28.87
C GLN C 12 -35.03 -11.14 -29.18
N LYS C 13 -35.79 -10.06 -28.96
CA LYS C 13 -37.22 -10.10 -29.23
C LYS C 13 -37.51 -9.91 -30.71
N GLU C 14 -37.06 -8.78 -31.28
CA GLU C 14 -37.32 -8.49 -32.68
C GLU C 14 -36.45 -9.31 -33.63
N ARG C 15 -35.48 -10.06 -33.11
CA ARG C 15 -34.59 -10.88 -33.93
C ARG C 15 -33.86 -10.04 -34.97
N GLU C 16 -33.29 -8.93 -34.52
CA GLU C 16 -32.54 -8.03 -35.38
C GLU C 16 -31.09 -8.47 -35.49
N LEU C 17 -30.55 -8.39 -36.71
CA LEU C 17 -29.17 -8.79 -36.97
C LEU C 17 -28.48 -7.65 -37.71
N ARG C 18 -27.22 -7.89 -38.11
CA ARG C 18 -26.46 -6.88 -38.84
C ARG C 18 -25.41 -7.63 -39.68
N LEU C 19 -25.63 -7.67 -40.98
CA LEU C 19 -24.75 -8.38 -41.90
C LEU C 19 -23.94 -7.37 -42.70
N LEU C 20 -22.64 -7.30 -42.41
CA LEU C 20 -21.72 -6.40 -43.12
C LEU C 20 -21.29 -7.08 -44.41
N MET C 21 -21.80 -6.57 -45.54
CA MET C 21 -21.49 -7.13 -46.84
C MET C 21 -20.44 -6.26 -47.54
N LEU C 22 -19.36 -6.91 -47.98
CA LEU C 22 -18.27 -6.23 -48.66
C LEU C 22 -18.05 -6.86 -50.02
N GLY C 23 -17.30 -6.17 -50.86
CA GLY C 23 -16.99 -6.66 -52.19
C GLY C 23 -16.77 -5.51 -53.15
N LEU C 24 -16.12 -5.85 -54.27
CA LEU C 24 -15.84 -4.84 -55.29
C LEU C 24 -16.12 -5.34 -56.70
N ASP C 25 -16.60 -6.57 -56.89
CA ASP C 25 -16.87 -7.11 -58.21
C ASP C 25 -18.03 -6.42 -58.90
N ASN C 26 -18.86 -5.68 -58.16
CA ASN C 26 -20.04 -4.96 -58.66
C ASN C 26 -20.83 -5.77 -59.69
N ALA C 27 -20.99 -7.07 -59.44
CA ALA C 27 -21.73 -7.93 -60.35
C ALA C 27 -22.35 -9.10 -59.58
N GLY C 28 -21.65 -9.61 -58.59
CA GLY C 28 -22.11 -10.71 -57.78
C GLY C 28 -23.02 -10.34 -56.63
N LYS C 29 -23.18 -9.04 -56.35
CA LYS C 29 -23.97 -8.63 -55.16
C LYS C 29 -25.47 -8.57 -55.48
N THR C 30 -25.82 -8.35 -56.76
CA THR C 30 -27.25 -8.20 -57.14
C THR C 30 -28.06 -9.42 -56.67
N THR C 31 -27.63 -10.63 -57.03
CA THR C 31 -28.37 -11.86 -56.67
C THR C 31 -28.50 -11.97 -55.14
N ILE C 32 -27.44 -11.58 -54.42
CA ILE C 32 -27.46 -11.68 -52.92
C ILE C 32 -28.64 -10.85 -52.40
N LEU C 33 -28.74 -9.59 -52.82
CA LEU C 33 -29.85 -8.69 -52.38
C LEU C 33 -31.19 -9.28 -52.85
N LYS C 34 -31.23 -9.79 -54.08
CA LYS C 34 -32.49 -10.38 -54.62
C LYS C 34 -32.95 -11.51 -53.69
N LYS C 35 -32.01 -12.17 -53.01
CA LYS C 35 -32.38 -13.24 -52.05
C LYS C 35 -33.02 -12.62 -50.81
N PHE C 36 -32.77 -11.33 -50.57
CA PHE C 36 -33.29 -10.67 -49.34
C PHE C 36 -34.59 -9.93 -49.66
N ASN C 37 -34.85 -9.64 -50.95
CA ASN C 37 -36.07 -8.88 -51.33
C ASN C 37 -36.55 -9.34 -52.71
N GLY C 38 -37.87 -9.46 -52.88
CA GLY C 38 -38.42 -9.87 -54.17
C GLY C 38 -38.13 -8.89 -55.29
N GLU C 39 -37.63 -7.71 -54.96
CA GLU C 39 -37.31 -6.71 -55.98
C GLU C 39 -36.08 -7.14 -56.77
N ASP C 40 -35.89 -6.49 -57.91
CA ASP C 40 -34.79 -6.81 -58.81
C ASP C 40 -33.86 -5.64 -59.09
N ILE C 41 -34.34 -4.40 -58.98
CA ILE C 41 -33.52 -3.22 -59.26
C ILE C 41 -33.55 -2.30 -58.05
N ASP C 42 -34.74 -2.06 -57.51
CA ASP C 42 -34.88 -1.17 -56.33
C ASP C 42 -34.22 -1.82 -55.11
N THR C 43 -33.26 -1.14 -54.49
CA THR C 43 -32.58 -1.68 -53.27
C THR C 43 -32.02 -3.06 -53.59
N ILE C 44 -31.46 -3.24 -54.78
CA ILE C 44 -30.87 -4.55 -55.19
C ILE C 44 -29.43 -4.32 -55.68
N SER C 45 -29.21 -3.22 -56.41
CA SER C 45 -27.89 -2.93 -56.92
C SER C 45 -27.01 -2.30 -55.84
N PRO C 46 -25.73 -2.63 -55.79
CA PRO C 46 -24.84 -2.04 -54.78
C PRO C 46 -24.54 -0.58 -55.06
N THR C 47 -24.24 0.19 -54.02
CA THR C 47 -23.95 1.60 -54.14
C THR C 47 -22.45 1.82 -54.00
N LEU C 48 -21.97 2.95 -54.53
CA LEU C 48 -20.54 3.25 -54.45
C LEU C 48 -20.15 3.71 -53.05
N GLY C 49 -20.98 4.51 -52.39
CA GLY C 49 -20.67 4.99 -51.07
C GLY C 49 -20.99 3.98 -49.97
N PHE C 50 -21.85 4.37 -49.03
CA PHE C 50 -22.24 3.52 -47.91
C PHE C 50 -23.72 3.75 -47.64
N ASN C 51 -24.51 2.68 -47.76
CA ASN C 51 -25.95 2.72 -47.55
C ASN C 51 -26.35 1.70 -46.50
N ILE C 52 -27.36 2.02 -45.71
CA ILE C 52 -27.91 1.13 -44.70
C ILE C 52 -29.36 0.84 -45.07
N LYS C 53 -29.66 -0.44 -45.29
CA LYS C 53 -30.99 -0.88 -45.68
C LYS C 53 -31.47 -1.95 -44.71
N THR C 54 -32.80 -2.13 -44.63
CA THR C 54 -33.39 -3.12 -43.75
C THR C 54 -34.40 -3.96 -44.52
N LEU C 55 -34.17 -5.27 -44.51
CA LEU C 55 -35.04 -6.21 -45.21
C LEU C 55 -35.50 -7.29 -44.25
N GLU C 56 -36.49 -8.07 -44.69
CA GLU C 56 -37.05 -9.16 -43.89
C GLU C 56 -36.94 -10.45 -44.69
N HIS C 57 -36.36 -11.47 -44.06
CA HIS C 57 -36.20 -12.76 -44.71
C HIS C 57 -36.18 -13.84 -43.63
N ARG C 58 -37.09 -14.81 -43.76
CA ARG C 58 -37.19 -15.92 -42.80
C ARG C 58 -37.46 -15.41 -41.38
N GLY C 59 -38.17 -14.30 -41.28
CA GLY C 59 -38.48 -13.73 -39.98
C GLY C 59 -37.28 -13.15 -39.26
N PHE C 60 -36.34 -12.59 -40.00
CA PHE C 60 -35.13 -12.01 -39.43
C PHE C 60 -34.94 -10.61 -39.98
N LYS C 61 -34.80 -9.63 -39.08
CA LYS C 61 -34.58 -8.25 -39.50
C LYS C 61 -33.12 -8.02 -39.84
N LEU C 62 -32.74 -8.31 -41.09
CA LEU C 62 -31.37 -8.19 -41.54
C LEU C 62 -31.04 -6.72 -41.82
N ASN C 63 -29.96 -6.23 -41.22
CA ASN C 63 -29.51 -4.86 -41.43
C ASN C 63 -28.23 -4.91 -42.26
N ILE C 64 -28.38 -4.92 -43.58
CA ILE C 64 -27.27 -5.02 -44.51
C ILE C 64 -26.52 -3.69 -44.50
N TRP C 65 -25.20 -3.74 -44.38
CA TRP C 65 -24.35 -2.55 -44.41
C TRP C 65 -23.44 -2.66 -45.62
N ASP C 66 -23.93 -2.16 -46.76
CA ASP C 66 -23.19 -2.24 -48.02
C ASP C 66 -22.11 -1.17 -48.03
N VAL C 67 -20.85 -1.59 -48.10
CA VAL C 67 -19.70 -0.69 -48.16
C VAL C 67 -19.02 -0.94 -49.50
N GLY C 68 -18.75 0.14 -50.23
CA GLY C 68 -18.12 -0.01 -51.54
C GLY C 68 -16.61 -0.14 -51.45
N GLY C 69 -15.97 0.67 -50.61
CA GLY C 69 -14.53 0.62 -50.49
C GLY C 69 -14.09 -0.61 -49.71
N GLN C 70 -12.82 -0.99 -49.91
CA GLN C 70 -12.23 -2.14 -49.23
C GLN C 70 -10.95 -1.74 -48.48
N LYS C 71 -10.99 -0.61 -47.78
CA LYS C 71 -9.84 -0.12 -47.03
C LYS C 71 -10.33 0.52 -45.74
N SER C 72 -9.59 0.27 -44.66
CA SER C 72 -9.90 0.79 -43.33
C SER C 72 -11.36 0.51 -42.96
N LEU C 73 -11.75 -0.76 -43.09
CA LEU C 73 -13.12 -1.19 -42.83
C LEU C 73 -13.38 -1.47 -41.36
N ARG C 74 -12.47 -1.09 -40.46
CA ARG C 74 -12.70 -1.31 -39.04
C ARG C 74 -13.75 -0.34 -38.49
N SER C 75 -14.00 0.77 -39.21
CA SER C 75 -15.00 1.73 -38.75
C SER C 75 -16.40 1.13 -38.81
N TYR C 76 -16.65 0.27 -39.79
CA TYR C 76 -17.99 -0.34 -39.95
C TYR C 76 -18.05 -1.64 -39.14
N TRP C 77 -16.90 -2.20 -38.79
CA TRP C 77 -16.87 -3.49 -38.07
C TRP C 77 -17.46 -3.34 -36.66
N ARG C 78 -17.14 -2.25 -35.95
CA ARG C 78 -17.61 -2.09 -34.55
C ARG C 78 -18.44 -0.82 -34.40
N ASN C 79 -19.34 -0.78 -33.42
CA ASN C 79 -20.22 0.40 -33.20
C ASN C 79 -20.63 0.48 -31.73
N TYR C 80 -20.61 1.69 -31.15
CA TYR C 80 -20.98 1.87 -29.75
C TYR C 80 -22.38 1.35 -29.42
N PHE C 81 -23.27 1.27 -30.41
CA PHE C 81 -24.64 0.85 -30.17
C PHE C 81 -24.95 -0.56 -30.68
N GLU C 82 -24.22 -1.06 -31.67
CA GLU C 82 -24.50 -2.38 -32.23
C GLU C 82 -23.23 -2.92 -32.86
N SER C 83 -23.06 -4.25 -32.78
CA SER C 83 -21.91 -4.93 -33.34
C SER C 83 -22.29 -5.63 -34.64
N THR C 84 -21.31 -6.29 -35.24
CA THR C 84 -21.51 -7.03 -36.47
C THR C 84 -21.64 -8.52 -36.18
N ASP C 85 -22.69 -9.14 -36.74
CA ASP C 85 -22.95 -10.55 -36.54
C ASP C 85 -22.53 -11.42 -37.72
N GLY C 86 -22.62 -10.92 -38.94
CA GLY C 86 -22.25 -11.70 -40.11
C GLY C 86 -21.38 -10.90 -41.04
N LEU C 87 -20.56 -11.61 -41.81
CA LEU C 87 -19.65 -10.99 -42.76
C LEU C 87 -19.68 -11.80 -44.06
N ILE C 88 -19.97 -11.13 -45.16
CA ILE C 88 -20.05 -11.75 -46.48
C ILE C 88 -19.11 -11.00 -47.40
N TRP C 89 -18.10 -11.70 -47.93
CA TRP C 89 -17.14 -11.10 -48.83
C TRP C 89 -17.27 -11.71 -50.22
N VAL C 90 -17.40 -10.85 -51.23
CA VAL C 90 -17.54 -11.27 -52.62
C VAL C 90 -16.29 -10.85 -53.39
N VAL C 91 -15.60 -11.84 -53.95
CA VAL C 91 -14.40 -11.62 -54.74
C VAL C 91 -14.60 -12.23 -56.12
N ASP C 92 -13.58 -12.10 -56.96
CA ASP C 92 -13.61 -12.64 -58.32
C ASP C 92 -12.77 -13.90 -58.40
N SER C 93 -13.26 -14.91 -59.09
CA SER C 93 -12.53 -16.17 -59.20
C SER C 93 -11.36 -16.06 -60.16
N ALA C 94 -11.57 -15.36 -61.28
CA ALA C 94 -10.52 -15.20 -62.29
C ALA C 94 -9.76 -13.88 -62.07
N ASP C 95 -9.27 -13.71 -60.84
CA ASP C 95 -8.52 -12.52 -60.47
C ASP C 95 -7.61 -12.89 -59.31
N ARG C 96 -6.32 -13.07 -59.61
CA ARG C 96 -5.33 -13.42 -58.60
C ARG C 96 -4.50 -12.23 -58.15
N GLN C 97 -4.73 -11.05 -58.70
CA GLN C 97 -3.98 -9.86 -58.32
C GLN C 97 -4.62 -9.11 -57.16
N ARG C 98 -5.95 -9.03 -57.14
CA ARG C 98 -6.67 -8.33 -56.08
C ARG C 98 -7.08 -9.25 -54.94
N MET C 99 -6.50 -10.45 -54.85
CA MET C 99 -6.82 -11.39 -53.79
C MET C 99 -5.94 -11.19 -52.56
N GLN C 100 -4.70 -10.74 -52.74
CA GLN C 100 -3.81 -10.53 -51.60
C GLN C 100 -4.32 -9.41 -50.70
N ASP C 101 -4.86 -8.34 -51.29
CA ASP C 101 -5.41 -7.26 -50.50
C ASP C 101 -6.61 -7.72 -49.69
N CYS C 102 -7.49 -8.52 -50.32
CA CYS C 102 -8.64 -9.05 -49.60
C CYS C 102 -8.21 -9.98 -48.48
N GLN C 103 -7.21 -10.81 -48.72
CA GLN C 103 -6.71 -11.70 -47.68
C GLN C 103 -6.12 -10.92 -46.52
N ARG C 104 -5.36 -9.86 -46.82
CA ARG C 104 -4.78 -9.04 -45.76
C ARG C 104 -5.87 -8.33 -44.97
N GLU C 105 -6.90 -7.83 -45.65
CA GLU C 105 -7.99 -7.16 -44.95
C GLU C 105 -8.76 -8.14 -44.06
N LEU C 106 -8.98 -9.37 -44.55
CA LEU C 106 -9.67 -10.36 -43.75
C LEU C 106 -8.83 -10.80 -42.55
N GLN C 107 -7.51 -10.85 -42.71
CA GLN C 107 -6.65 -11.21 -41.59
C GLN C 107 -6.56 -10.09 -40.57
N SER C 108 -6.60 -8.83 -41.01
CA SER C 108 -6.53 -7.71 -40.09
C SER C 108 -7.86 -7.45 -39.40
N LEU C 109 -8.98 -7.80 -40.04
CA LEU C 109 -10.30 -7.57 -39.45
C LEU C 109 -10.61 -8.64 -38.41
N LEU C 110 -10.71 -9.90 -38.84
CA LEU C 110 -11.01 -10.98 -37.92
C LEU C 110 -9.80 -11.31 -37.06
N VAL C 111 -10.00 -11.35 -35.74
CA VAL C 111 -8.95 -11.63 -34.79
C VAL C 111 -9.41 -12.72 -33.83
N GLU C 112 -8.46 -13.31 -33.12
CA GLU C 112 -8.78 -14.36 -32.16
C GLU C 112 -9.35 -13.76 -30.88
N GLU C 113 -10.22 -14.53 -30.22
CA GLU C 113 -10.84 -14.10 -28.98
C GLU C 113 -11.17 -15.33 -28.15
N ARG C 114 -11.75 -15.10 -26.97
CA ARG C 114 -12.08 -16.18 -26.05
C ARG C 114 -13.24 -17.02 -26.58
N LEU C 115 -14.43 -16.43 -26.65
CA LEU C 115 -15.61 -17.14 -27.12
C LEU C 115 -15.75 -17.04 -28.64
N ALA C 116 -16.93 -17.38 -29.16
CA ALA C 116 -17.18 -17.34 -30.59
C ALA C 116 -17.36 -15.90 -31.05
N GLY C 117 -17.44 -15.71 -32.37
CA GLY C 117 -17.61 -14.38 -32.93
C GLY C 117 -18.52 -14.36 -34.15
N ALA C 118 -18.25 -13.42 -35.06
CA ALA C 118 -19.09 -13.29 -36.27
C ALA C 118 -18.89 -14.49 -37.20
N THR C 119 -19.78 -14.68 -38.17
CA THR C 119 -19.66 -15.82 -39.12
C THR C 119 -19.23 -15.28 -40.49
N LEU C 120 -18.32 -16.00 -41.16
CA LEU C 120 -17.78 -15.52 -42.46
C LEU C 120 -18.43 -16.30 -43.61
N LEU C 121 -18.70 -15.64 -44.74
CA LEU C 121 -19.28 -16.32 -45.92
C LEU C 121 -18.54 -15.87 -47.18
N ILE C 122 -17.59 -16.69 -47.67
CA ILE C 122 -16.80 -16.31 -48.82
C ILE C 122 -17.55 -16.71 -50.09
N PHE C 123 -17.76 -15.73 -50.97
CA PHE C 123 -18.47 -15.93 -52.22
C PHE C 123 -17.49 -15.91 -53.38
N ALA C 124 -17.70 -16.81 -54.34
CA ALA C 124 -16.85 -16.94 -55.52
C ALA C 124 -17.76 -16.89 -56.75
N ASN C 125 -17.87 -15.70 -57.34
CA ASN C 125 -18.72 -15.52 -58.51
C ASN C 125 -17.93 -15.78 -59.79
N LYS C 126 -18.67 -16.05 -60.86
CA LYS C 126 -18.11 -16.31 -62.19
C LYS C 126 -17.11 -17.45 -62.16
N GLN C 127 -17.62 -18.70 -62.21
CA GLN C 127 -16.77 -19.88 -62.17
C GLN C 127 -16.65 -20.58 -63.51
N ASP C 128 -17.58 -20.36 -64.44
CA ASP C 128 -17.54 -21.02 -65.74
C ASP C 128 -16.53 -20.38 -66.68
N LEU C 129 -16.07 -19.17 -66.39
CA LEU C 129 -15.10 -18.51 -67.26
C LEU C 129 -13.72 -19.15 -67.11
N PRO C 130 -12.94 -19.17 -68.19
CA PRO C 130 -11.60 -19.75 -68.10
C PRO C 130 -10.69 -18.94 -67.19
N GLY C 131 -9.97 -19.64 -66.30
CA GLY C 131 -9.11 -18.99 -65.34
C GLY C 131 -9.63 -18.95 -63.93
N ALA C 132 -10.83 -19.49 -63.68
CA ALA C 132 -11.39 -19.48 -62.34
C ALA C 132 -10.74 -20.57 -61.49
N LEU C 133 -10.56 -20.27 -60.20
CA LEU C 133 -9.96 -21.22 -59.27
C LEU C 133 -11.04 -22.02 -58.56
N SER C 134 -10.65 -23.22 -58.12
CA SER C 134 -11.55 -24.11 -57.40
C SER C 134 -11.63 -23.71 -55.93
N SER C 135 -12.36 -24.50 -55.14
CA SER C 135 -12.50 -24.19 -53.72
C SER C 135 -11.20 -24.42 -52.97
N ASN C 136 -10.43 -25.44 -53.36
CA ASN C 136 -9.16 -25.71 -52.69
C ASN C 136 -8.17 -24.59 -52.95
N ALA C 137 -8.11 -24.08 -54.18
CA ALA C 137 -7.20 -22.98 -54.49
C ALA C 137 -7.57 -21.72 -53.72
N ILE C 138 -8.86 -21.43 -53.63
CA ILE C 138 -9.29 -20.26 -52.87
C ILE C 138 -8.98 -20.42 -51.39
N ARG C 139 -9.16 -21.64 -50.84
CA ARG C 139 -8.85 -21.88 -49.44
C ARG C 139 -7.35 -21.77 -49.17
N GLU C 140 -6.53 -22.19 -50.14
CA GLU C 140 -5.09 -22.13 -49.95
C GLU C 140 -4.55 -20.71 -50.11
N VAL C 141 -5.14 -19.93 -51.01
CA VAL C 141 -4.67 -18.57 -51.24
C VAL C 141 -5.04 -17.67 -50.07
N LEU C 142 -6.32 -17.68 -49.67
CA LEU C 142 -6.76 -16.83 -48.57
C LEU C 142 -6.28 -17.35 -47.21
N GLU C 143 -5.80 -18.59 -47.14
CA GLU C 143 -5.31 -19.20 -45.90
C GLU C 143 -6.39 -19.17 -44.81
N LEU C 144 -7.46 -19.90 -45.07
CA LEU C 144 -8.59 -19.98 -44.15
C LEU C 144 -8.40 -21.05 -43.08
N ASP C 145 -7.31 -21.82 -43.13
CA ASP C 145 -7.08 -22.84 -42.13
C ASP C 145 -6.48 -22.24 -40.85
N SER C 146 -5.96 -21.02 -40.93
CA SER C 146 -5.38 -20.38 -39.75
C SER C 146 -6.37 -19.42 -39.11
N ILE C 147 -7.52 -19.21 -39.75
CA ILE C 147 -8.52 -18.30 -39.20
C ILE C 147 -9.47 -19.07 -38.31
N ARG C 148 -9.36 -18.87 -37.00
CA ARG C 148 -10.20 -19.55 -36.02
C ARG C 148 -11.21 -18.57 -35.46
N SER C 149 -12.11 -19.08 -34.63
CA SER C 149 -13.19 -18.36 -33.96
C SER C 149 -14.20 -17.76 -34.93
N HIS C 150 -14.12 -18.07 -36.21
CA HIS C 150 -15.08 -17.56 -37.19
C HIS C 150 -15.33 -18.65 -38.23
N HIS C 151 -16.52 -19.25 -38.17
CA HIS C 151 -16.88 -20.30 -39.12
C HIS C 151 -17.04 -19.72 -40.51
N TRP C 152 -16.27 -20.24 -41.47
CA TRP C 152 -16.29 -19.77 -42.84
C TRP C 152 -16.84 -20.85 -43.75
N CYS C 153 -17.27 -20.43 -44.94
CA CYS C 153 -17.80 -21.35 -45.94
C CYS C 153 -17.72 -20.74 -47.34
N ILE C 154 -17.19 -21.50 -48.30
CA ILE C 154 -17.05 -21.03 -49.66
C ILE C 154 -18.25 -21.51 -50.47
N GLN C 155 -18.93 -20.55 -51.12
CA GLN C 155 -20.10 -20.83 -51.95
C GLN C 155 -19.84 -20.33 -53.36
N GLY C 156 -19.87 -21.25 -54.33
CA GLY C 156 -19.64 -20.88 -55.71
C GLY C 156 -20.90 -20.49 -56.45
N CYS C 157 -20.72 -19.66 -57.48
CA CYS C 157 -21.83 -19.20 -58.29
C CYS C 157 -21.33 -18.88 -59.68
N SER C 158 -22.20 -19.06 -60.67
CA SER C 158 -21.85 -18.79 -62.06
C SER C 158 -23.11 -18.39 -62.81
N ALA C 159 -22.91 -17.69 -63.94
CA ALA C 159 -24.04 -17.26 -64.76
C ALA C 159 -24.79 -18.44 -65.34
N VAL C 160 -24.11 -19.57 -65.54
CA VAL C 160 -24.73 -20.78 -66.06
C VAL C 160 -24.31 -21.95 -65.17
N THR C 161 -25.26 -22.85 -64.92
CA THR C 161 -25.10 -24.03 -64.04
C THR C 161 -24.18 -23.72 -62.86
N GLY C 162 -24.51 -22.65 -62.13
CA GLY C 162 -23.77 -22.23 -60.98
C GLY C 162 -24.08 -22.94 -59.68
N GLU C 163 -24.81 -24.06 -59.74
CA GLU C 163 -25.16 -24.86 -58.57
C GLU C 163 -25.95 -24.06 -57.53
N ASN C 164 -26.66 -23.02 -57.97
CA ASN C 164 -27.51 -22.21 -57.10
C ASN C 164 -26.74 -21.62 -55.93
N LEU C 165 -27.46 -21.25 -54.86
CA LEU C 165 -26.80 -20.65 -53.70
C LEU C 165 -27.65 -20.75 -52.44
N LEU C 166 -28.72 -21.55 -52.45
CA LEU C 166 -29.59 -21.65 -51.29
C LEU C 166 -28.89 -22.19 -50.05
N PRO C 167 -28.10 -23.27 -50.10
CA PRO C 167 -27.45 -23.74 -48.87
C PRO C 167 -26.44 -22.77 -48.30
N GLY C 168 -25.72 -22.04 -49.17
CA GLY C 168 -24.74 -21.10 -48.69
C GLY C 168 -25.35 -19.97 -47.86
N ILE C 169 -26.58 -19.56 -48.22
CA ILE C 169 -27.27 -18.55 -47.45
C ILE C 169 -28.01 -19.14 -46.26
N ASP C 170 -28.50 -20.38 -46.38
CA ASP C 170 -29.22 -21.00 -45.28
C ASP C 170 -28.30 -21.36 -44.12
N TRP C 171 -27.07 -21.79 -44.42
CA TRP C 171 -26.15 -22.16 -43.36
C TRP C 171 -25.77 -20.95 -42.51
N LEU C 172 -25.61 -19.78 -43.13
CA LEU C 172 -25.30 -18.57 -42.40
C LEU C 172 -26.40 -18.23 -41.39
N LEU C 173 -27.65 -18.29 -41.83
CA LEU C 173 -28.77 -18.00 -40.93
C LEU C 173 -28.89 -19.06 -39.85
N ASP C 174 -28.64 -20.33 -40.19
CA ASP C 174 -28.73 -21.39 -39.19
C ASP C 174 -27.64 -21.26 -38.14
N ASP C 175 -26.46 -20.77 -38.54
CA ASP C 175 -25.38 -20.58 -37.58
C ASP C 175 -25.56 -19.30 -36.76
N ILE C 176 -26.19 -18.28 -37.33
CA ILE C 176 -26.40 -17.04 -36.60
C ILE C 176 -27.54 -17.18 -35.60
N SER C 177 -28.66 -17.74 -36.03
CA SER C 177 -29.82 -17.88 -35.15
C SER C 177 -29.56 -18.83 -33.98
N SER C 178 -28.76 -19.87 -34.21
CA SER C 178 -28.44 -20.82 -33.15
C SER C 178 -27.32 -20.35 -32.24
N ARG C 179 -26.79 -19.14 -32.45
CA ARG C 179 -25.71 -18.61 -31.62
C ARG C 179 -26.25 -17.64 -30.57
N ILE C 180 -26.90 -16.57 -31.01
CA ILE C 180 -27.43 -15.56 -30.10
C ILE C 180 -28.81 -15.96 -29.58
N PHE C 181 -29.72 -16.31 -30.49
CA PHE C 181 -31.07 -16.69 -30.10
C PHE C 181 -31.12 -18.15 -29.67
N THR C 182 -32.23 -18.51 -29.03
CA THR C 182 -32.44 -19.87 -28.55
C THR C 182 -33.42 -20.61 -29.46
N ALA C 183 -33.23 -21.92 -29.57
CA ALA C 183 -34.10 -22.72 -30.41
C ALA C 183 -35.51 -22.81 -29.83
N ASP C 184 -35.62 -23.12 -28.53
CA ASP C 184 -36.91 -23.21 -27.88
C ASP C 184 -36.81 -22.88 -26.39
N MET D 1 -20.00 12.93 14.92
CA MET D 1 -19.98 11.56 14.43
C MET D 1 -19.29 11.48 13.07
N ARG D 2 -18.12 10.84 13.04
CA ARG D 2 -17.35 10.70 11.80
C ARG D 2 -17.73 9.37 11.15
N GLU D 3 -18.78 9.41 10.34
CA GLU D 3 -19.28 8.21 9.68
C GLU D 3 -18.43 7.85 8.47
N ILE D 4 -18.36 6.56 8.18
CA ILE D 4 -17.59 6.03 7.07
C ILE D 4 -18.48 5.08 6.27
N VAL D 5 -18.54 5.32 4.95
CA VAL D 5 -19.33 4.49 4.05
C VAL D 5 -18.43 3.38 3.51
N HIS D 6 -18.94 2.15 3.53
CA HIS D 6 -18.21 0.99 3.05
C HIS D 6 -18.80 0.52 1.74
N ILE D 7 -17.93 0.17 0.78
CA ILE D 7 -18.40 -0.33 -0.54
C ILE D 7 -17.75 -1.69 -0.81
N GLN D 8 -18.50 -2.63 -1.37
CA GLN D 8 -17.96 -3.99 -1.69
C GLN D 8 -17.98 -4.19 -3.21
N ALA D 9 -16.86 -4.65 -3.79
CA ALA D 9 -16.78 -4.85 -5.25
C ALA D 9 -16.19 -6.23 -5.55
N GLY D 10 -16.70 -6.91 -6.58
CA GLY D 10 -16.20 -8.22 -6.93
C GLY D 10 -16.63 -9.30 -5.95
N GLN D 11 -16.48 -10.54 -6.39
CA GLN D 11 -16.84 -11.68 -5.53
C GLN D 11 -15.95 -11.73 -4.28
N CYS D 12 -14.65 -11.58 -4.47
CA CYS D 12 -13.72 -11.58 -3.34
C CYS D 12 -14.03 -10.44 -2.39
N GLY D 13 -14.27 -9.26 -2.93
CA GLY D 13 -14.60 -8.10 -2.11
C GLY D 13 -15.87 -8.30 -1.32
N ASN D 14 -16.91 -8.84 -1.97
CA ASN D 14 -18.18 -9.08 -1.29
C ASN D 14 -18.00 -10.10 -0.17
N GLN D 15 -17.26 -11.18 -0.43
CA GLN D 15 -17.03 -12.20 0.59
C GLN D 15 -16.24 -11.64 1.76
N ILE D 16 -15.18 -10.88 1.48
CA ILE D 16 -14.36 -10.32 2.55
C ILE D 16 -15.16 -9.33 3.38
N GLY D 17 -15.98 -8.50 2.71
CA GLY D 17 -16.80 -7.55 3.44
C GLY D 17 -17.84 -8.24 4.31
N ALA D 18 -18.45 -9.29 3.78
CA ALA D 18 -19.45 -10.04 4.55
C ALA D 18 -18.82 -10.68 5.78
N LYS D 19 -17.63 -11.28 5.61
CA LYS D 19 -16.96 -11.89 6.75
C LYS D 19 -16.53 -10.84 7.77
N PHE D 20 -16.08 -9.68 7.28
CA PHE D 20 -15.68 -8.61 8.19
C PHE D 20 -16.86 -8.09 9.00
N TRP D 21 -18.01 -7.90 8.34
CA TRP D 21 -19.22 -7.49 9.06
C TRP D 21 -19.65 -8.55 10.05
N GLU D 22 -19.57 -9.83 9.65
CA GLU D 22 -19.92 -10.92 10.57
C GLU D 22 -19.03 -10.91 11.79
N VAL D 23 -17.75 -10.62 11.61
CA VAL D 23 -16.81 -10.62 12.73
C VAL D 23 -17.08 -9.43 13.65
N ILE D 24 -17.28 -8.25 13.06
CA ILE D 24 -17.42 -7.05 13.89
C ILE D 24 -18.78 -7.00 14.57
N SER D 25 -19.80 -7.66 14.00
CA SER D 25 -21.11 -7.67 14.64
C SER D 25 -21.11 -8.45 15.94
N ASP D 26 -20.44 -9.60 15.97
CA ASP D 26 -20.32 -10.37 17.21
C ASP D 26 -19.45 -9.67 18.25
N GLU D 27 -18.53 -8.82 17.81
CA GLU D 27 -17.70 -8.08 18.75
C GLU D 27 -18.45 -6.88 19.32
N HIS D 28 -19.25 -6.19 18.51
CA HIS D 28 -20.05 -5.07 18.98
C HIS D 28 -21.30 -5.49 19.73
N GLY D 29 -21.68 -6.77 19.67
CA GLY D 29 -22.86 -7.24 20.37
C GLY D 29 -24.17 -6.98 19.66
N ILE D 30 -24.28 -7.34 18.39
CA ILE D 30 -25.50 -7.16 17.61
C ILE D 30 -25.99 -8.54 17.18
N ASP D 31 -27.24 -8.84 17.51
CA ASP D 31 -27.85 -10.11 17.13
C ASP D 31 -28.34 -10.04 15.68
N PRO D 32 -28.62 -11.19 15.07
CA PRO D 32 -29.14 -11.17 13.69
C PRO D 32 -30.44 -10.42 13.54
N THR D 33 -31.20 -10.24 14.63
CA THR D 33 -32.46 -9.52 14.55
C THR D 33 -32.26 -8.03 14.32
N GLY D 34 -31.21 -7.44 14.87
CA GLY D 34 -30.91 -6.03 14.69
C GLY D 34 -30.78 -5.24 15.97
N THR D 35 -31.24 -5.77 17.10
CA THR D 35 -31.16 -5.04 18.35
C THR D 35 -29.77 -5.21 18.99
N TYR D 36 -29.66 -4.75 20.23
CA TYR D 36 -28.41 -4.81 20.97
C TYR D 36 -28.55 -5.74 22.17
N HIS D 37 -27.45 -6.47 22.46
CA HIS D 37 -27.48 -7.39 23.60
C HIS D 37 -26.16 -7.47 24.34
N GLY D 38 -25.26 -6.50 24.21
CA GLY D 38 -24.00 -6.55 24.91
C GLY D 38 -24.12 -6.16 26.37
N ASP D 39 -23.10 -6.54 27.14
CA ASP D 39 -23.07 -6.26 28.56
C ASP D 39 -21.92 -5.32 28.91
N SER D 40 -21.75 -4.26 28.10
CA SER D 40 -20.67 -3.30 28.33
C SER D 40 -21.08 -1.98 27.71
N ASP D 41 -20.61 -0.87 28.30
CA ASP D 41 -20.92 0.45 27.78
C ASP D 41 -19.94 0.91 26.71
N LEU D 42 -18.81 0.23 26.55
CA LEU D 42 -17.83 0.61 25.54
C LEU D 42 -18.16 0.06 24.17
N GLN D 43 -19.25 -0.70 24.02
CA GLN D 43 -19.64 -1.27 22.74
C GLN D 43 -20.63 -0.40 21.99
N LEU D 44 -21.07 0.72 22.57
CA LEU D 44 -22.02 1.60 21.90
C LEU D 44 -21.56 3.05 21.84
N ASP D 45 -20.42 3.40 22.44
CA ASP D 45 -19.94 4.78 22.39
C ASP D 45 -19.46 5.19 21.00
N ARG D 46 -19.16 4.24 20.12
CA ARG D 46 -18.74 4.54 18.76
C ARG D 46 -19.49 3.71 17.74
N ILE D 47 -20.73 3.30 18.07
CA ILE D 47 -21.50 2.49 17.16
C ILE D 47 -22.07 3.32 16.01
N SER D 48 -22.07 4.66 16.15
CA SER D 48 -22.57 5.51 15.08
C SER D 48 -21.54 5.75 13.98
N VAL D 49 -20.38 5.10 14.05
CA VAL D 49 -19.36 5.29 13.03
C VAL D 49 -19.63 4.39 11.83
N TYR D 50 -19.90 3.10 12.08
CA TYR D 50 -20.14 2.13 11.03
C TYR D 50 -21.59 1.70 10.93
N TYR D 51 -22.49 2.27 11.75
CA TYR D 51 -23.90 1.91 11.73
C TYR D 51 -24.73 3.20 11.77
N ASN D 52 -26.03 3.01 11.56
CA ASN D 52 -26.98 4.12 11.58
C ASN D 52 -28.13 3.78 12.54
N GLU D 53 -28.64 4.82 13.20
CA GLU D 53 -29.73 4.67 14.15
C GLU D 53 -31.07 4.73 13.43
N ALA D 54 -31.98 3.83 13.80
CA ALA D 54 -33.30 3.77 13.19
C ALA D 54 -34.35 3.74 14.28
N THR D 55 -35.58 3.38 13.89
CA THR D 55 -36.67 3.29 14.84
C THR D 55 -36.60 2.00 15.63
N GLY D 56 -36.78 2.12 16.94
CA GLY D 56 -36.74 0.95 17.81
C GLY D 56 -35.35 0.50 18.21
N GLY D 57 -34.35 1.37 18.06
CA GLY D 57 -32.99 1.00 18.44
C GLY D 57 -32.34 0.03 17.48
N LYS D 58 -32.52 0.24 16.18
CA LYS D 58 -31.91 -0.65 15.16
C LYS D 58 -30.54 -0.10 14.75
N TYR D 59 -29.64 -0.97 14.29
CA TYR D 59 -28.27 -0.54 13.88
C TYR D 59 -27.98 -1.09 12.47
N VAL D 60 -28.48 -0.43 11.43
CA VAL D 60 -28.30 -0.93 10.03
C VAL D 60 -26.81 -0.87 9.67
N PRO D 61 -26.21 -1.94 9.11
CA PRO D 61 -24.82 -1.90 8.67
C PRO D 61 -24.66 -0.90 7.52
N ARG D 62 -23.54 -0.18 7.49
CA ARG D 62 -23.30 0.85 6.45
C ARG D 62 -22.41 0.27 5.35
N ALA D 63 -22.93 -0.67 4.57
CA ALA D 63 -22.14 -1.29 3.48
C ALA D 63 -22.97 -1.30 2.19
N ILE D 64 -22.30 -1.22 1.03
CA ILE D 64 -23.02 -1.24 -0.28
C ILE D 64 -22.51 -2.44 -1.10
N LEU D 65 -23.42 -3.24 -1.66
CA LEU D 65 -23.02 -4.43 -2.45
C LEU D 65 -23.24 -4.13 -3.94
N VAL D 66 -22.17 -4.18 -4.73
CA VAL D 66 -22.26 -3.88 -6.20
C VAL D 66 -21.51 -4.97 -6.98
N ASP D 67 -22.11 -5.47 -8.07
CA ASP D 67 -21.46 -6.52 -8.89
C ASP D 67 -22.08 -6.54 -10.29
N LEU D 68 -21.41 -7.15 -11.26
CA LEU D 68 -21.99 -7.31 -12.62
C LEU D 68 -22.54 -8.74 -12.72
N GLU D 69 -22.42 -9.50 -11.63
CA GLU D 69 -22.93 -10.90 -11.60
C GLU D 69 -23.81 -11.07 -10.36
N PRO D 70 -25.00 -11.69 -10.45
CA PRO D 70 -25.92 -11.79 -9.31
C PRO D 70 -25.63 -12.98 -8.37
N GLY D 71 -24.86 -13.97 -8.81
CA GLY D 71 -24.64 -15.17 -7.98
C GLY D 71 -24.16 -14.78 -6.59
N THR D 72 -23.17 -13.89 -6.51
CA THR D 72 -22.63 -13.44 -5.20
C THR D 72 -23.74 -12.73 -4.42
N MET D 73 -24.53 -11.89 -5.09
CA MET D 73 -25.58 -11.11 -4.40
C MET D 73 -26.56 -12.06 -3.69
N ASP D 74 -26.98 -13.13 -4.38
CA ASP D 74 -27.96 -14.09 -3.79
C ASP D 74 -27.30 -14.84 -2.64
N SER D 75 -26.03 -15.24 -2.82
CA SER D 75 -25.31 -16.02 -1.77
C SER D 75 -25.27 -15.24 -0.45
N VAL D 76 -24.98 -13.94 -0.50
CA VAL D 76 -24.83 -13.14 0.75
C VAL D 76 -26.21 -12.84 1.36
N ARG D 77 -27.10 -12.22 0.59
CA ARG D 77 -28.43 -11.87 1.07
C ARG D 77 -29.04 -13.00 1.91
N SER D 78 -28.89 -14.23 1.45
CA SER D 78 -29.41 -15.40 2.17
C SER D 78 -28.43 -15.95 3.19
N GLY D 79 -27.46 -15.14 3.61
CA GLY D 79 -26.49 -15.58 4.59
C GLY D 79 -27.01 -15.45 6.01
N PRO D 80 -26.13 -15.77 6.97
CA PRO D 80 -26.53 -15.66 8.38
C PRO D 80 -26.85 -14.24 8.81
N PHE D 81 -26.07 -13.26 8.36
CA PHE D 81 -26.29 -11.86 8.71
C PHE D 81 -26.63 -11.02 7.49
N GLY D 82 -27.32 -11.62 6.51
CA GLY D 82 -27.68 -10.90 5.30
C GLY D 82 -29.00 -10.17 5.40
N GLN D 83 -29.83 -10.53 6.38
CA GLN D 83 -31.13 -9.88 6.54
C GLN D 83 -31.00 -8.49 7.15
N ILE D 84 -29.85 -8.16 7.71
CA ILE D 84 -29.68 -6.84 8.31
C ILE D 84 -29.28 -5.81 7.26
N PHE D 85 -28.71 -6.26 6.14
CA PHE D 85 -28.32 -5.34 5.09
C PHE D 85 -29.55 -4.70 4.44
N ARG D 86 -29.36 -3.47 3.94
CA ARG D 86 -30.43 -2.73 3.29
C ARG D 86 -30.66 -3.29 1.90
N PRO D 87 -31.88 -3.70 1.54
CA PRO D 87 -32.11 -4.24 0.20
C PRO D 87 -31.93 -3.21 -0.91
N ASP D 88 -31.94 -1.92 -0.59
CA ASP D 88 -31.79 -0.90 -1.63
C ASP D 88 -30.35 -0.75 -2.07
N ASN D 89 -29.40 -1.30 -1.30
CA ASN D 89 -27.99 -1.20 -1.62
C ASN D 89 -27.49 -2.38 -2.46
N PHE D 90 -28.40 -3.18 -3.03
CA PHE D 90 -28.03 -4.32 -3.85
C PHE D 90 -28.16 -3.93 -5.32
N VAL D 91 -27.03 -3.59 -5.94
CA VAL D 91 -26.99 -3.23 -7.36
C VAL D 91 -26.07 -4.22 -8.05
N PHE D 92 -26.65 -5.05 -8.92
CA PHE D 92 -25.89 -6.06 -9.65
C PHE D 92 -26.34 -6.08 -11.10
N GLY D 93 -25.58 -6.79 -11.92
CA GLY D 93 -25.89 -6.91 -13.33
C GLY D 93 -26.26 -8.33 -13.72
N GLN D 94 -25.70 -8.81 -14.84
CA GLN D 94 -25.99 -10.16 -15.30
C GLN D 94 -24.77 -10.76 -16.01
N SER D 95 -24.29 -10.09 -17.06
CA SER D 95 -23.16 -10.57 -17.85
C SER D 95 -21.87 -10.65 -17.04
N GLY D 96 -21.40 -9.54 -16.48
CA GLY D 96 -20.18 -9.56 -15.71
C GLY D 96 -19.03 -8.84 -16.41
N ALA D 97 -17.87 -9.51 -16.39
CA ALA D 97 -16.67 -8.97 -17.01
C ALA D 97 -15.83 -10.01 -17.74
N GLY D 98 -15.66 -11.19 -17.17
CA GLY D 98 -14.85 -12.21 -17.83
C GLY D 98 -13.36 -11.96 -17.77
N ASN D 99 -12.85 -11.43 -16.65
CA ASN D 99 -11.43 -11.13 -16.47
C ASN D 99 -10.92 -10.20 -17.57
N ASN D 100 -11.55 -9.03 -17.66
CA ASN D 100 -11.15 -8.02 -18.64
C ASN D 100 -11.36 -6.64 -18.03
N TRP D 101 -10.28 -5.85 -18.00
CA TRP D 101 -10.36 -4.52 -17.42
C TRP D 101 -11.16 -3.57 -18.30
N ALA D 102 -11.09 -3.75 -19.62
CA ALA D 102 -11.84 -2.89 -20.53
C ALA D 102 -13.34 -3.11 -20.40
N LYS D 103 -13.76 -4.38 -20.34
CA LYS D 103 -15.17 -4.68 -20.22
C LYS D 103 -15.75 -4.18 -18.91
N GLY D 104 -14.92 -3.98 -17.89
CA GLY D 104 -15.37 -3.49 -16.61
C GLY D 104 -15.12 -2.02 -16.36
N HIS D 105 -14.38 -1.34 -17.24
CA HIS D 105 -14.07 0.07 -17.06
C HIS D 105 -14.65 0.97 -18.12
N TYR D 106 -14.85 0.48 -19.35
CA TYR D 106 -15.32 1.31 -20.45
C TYR D 106 -16.59 0.81 -21.12
N THR D 107 -16.89 -0.49 -21.05
CA THR D 107 -18.03 -1.05 -21.76
C THR D 107 -19.12 -1.32 -20.75
N GLU D 108 -19.16 -2.49 -20.11
CA GLU D 108 -20.27 -2.80 -19.21
C GLU D 108 -20.07 -2.16 -17.85
N GLY D 109 -18.86 -1.69 -17.56
CA GLY D 109 -18.60 -1.08 -16.27
C GLY D 109 -19.10 0.35 -16.17
N ALA D 110 -19.33 1.00 -17.30
CA ALA D 110 -19.81 2.38 -17.29
C ALA D 110 -21.32 2.47 -17.37
N GLU D 111 -22.00 1.34 -17.60
CA GLU D 111 -23.46 1.36 -17.71
C GLU D 111 -24.12 1.16 -16.35
N LEU D 112 -23.32 1.06 -15.28
CA LEU D 112 -23.88 0.83 -13.92
C LEU D 112 -23.27 1.83 -12.92
N VAL D 113 -22.23 2.55 -13.33
CA VAL D 113 -21.54 3.50 -12.40
C VAL D 113 -22.54 4.56 -11.93
N ASP D 114 -23.36 5.08 -12.85
CA ASP D 114 -24.34 6.14 -12.49
C ASP D 114 -25.34 5.59 -11.47
N SER D 115 -25.82 4.36 -11.69
CA SER D 115 -26.77 3.73 -10.73
C SER D 115 -26.09 3.58 -9.37
N VAL D 116 -24.82 3.17 -9.36
CA VAL D 116 -24.07 3.01 -8.07
C VAL D 116 -24.00 4.37 -7.37
N LEU D 117 -23.67 5.43 -8.10
CA LEU D 117 -23.55 6.78 -7.49
C LEU D 117 -24.87 7.14 -6.80
N ASP D 118 -25.99 6.83 -7.44
CA ASP D 118 -27.32 7.10 -6.83
C ASP D 118 -27.31 6.65 -5.38
N VAL D 119 -26.98 5.38 -5.13
CA VAL D 119 -27.00 4.83 -3.74
C VAL D 119 -26.03 5.63 -2.88
N VAL D 120 -24.81 5.86 -3.36
CA VAL D 120 -23.78 6.59 -2.56
C VAL D 120 -24.32 7.97 -2.21
N ARG D 121 -24.62 8.78 -3.23
CA ARG D 121 -25.14 10.16 -3.00
C ARG D 121 -26.23 10.10 -1.93
N LYS D 122 -27.15 9.22 -2.04
CA LYS D 122 -28.31 9.13 -1.15
C LYS D 122 -27.92 8.67 0.24
N GLU D 123 -26.90 7.82 0.34
CA GLU D 123 -26.46 7.35 1.65
C GLU D 123 -25.65 8.41 2.38
N ALA D 124 -24.91 9.23 1.64
CA ALA D 124 -24.08 10.27 2.26
C ALA D 124 -24.90 11.50 2.64
N GLU D 125 -26.14 11.61 2.18
CA GLU D 125 -26.95 12.77 2.52
C GLU D 125 -27.44 12.71 3.96
N SER D 126 -27.69 11.50 4.48
CA SER D 126 -28.17 11.37 5.85
C SER D 126 -27.05 11.50 6.88
N CYS D 127 -25.79 11.46 6.44
CA CYS D 127 -24.68 11.58 7.37
C CYS D 127 -24.49 13.03 7.79
N ASP D 128 -24.35 13.24 9.10
CA ASP D 128 -24.15 14.58 9.65
C ASP D 128 -22.74 15.10 9.43
N CYS D 129 -21.73 14.24 9.58
CA CYS D 129 -20.35 14.64 9.38
C CYS D 129 -19.56 13.53 8.72
N LEU D 130 -19.56 13.50 7.39
CA LEU D 130 -18.86 12.44 6.67
C LEU D 130 -17.36 12.61 6.76
N GLN D 131 -16.66 11.50 6.98
CA GLN D 131 -15.20 11.50 7.08
C GLN D 131 -14.54 11.00 5.80
N GLY D 132 -14.97 9.86 5.29
CA GLY D 132 -14.39 9.31 4.08
C GLY D 132 -15.20 8.13 3.59
N PHE D 133 -14.54 7.26 2.81
CA PHE D 133 -15.17 6.08 2.25
C PHE D 133 -14.24 4.88 2.44
N GLN D 134 -14.61 3.76 1.84
CA GLN D 134 -13.85 2.54 1.92
C GLN D 134 -14.29 1.61 0.79
N LEU D 135 -13.35 0.77 0.33
CA LEU D 135 -13.65 -0.15 -0.75
C LEU D 135 -12.78 -1.40 -0.58
N THR D 136 -13.42 -2.56 -0.67
CA THR D 136 -12.73 -3.85 -0.59
C THR D 136 -12.96 -4.59 -1.90
N HIS D 137 -11.88 -4.96 -2.57
CA HIS D 137 -11.95 -5.63 -3.85
C HIS D 137 -10.66 -6.42 -4.07
N SER D 138 -10.38 -6.77 -5.32
CA SER D 138 -9.19 -7.52 -5.69
C SER D 138 -8.70 -7.07 -7.05
N LEU D 139 -7.41 -7.29 -7.30
CA LEU D 139 -6.78 -6.92 -8.56
C LEU D 139 -6.57 -8.11 -9.48
N GLY D 140 -7.56 -8.98 -9.62
CA GLY D 140 -7.44 -10.15 -10.48
C GLY D 140 -8.46 -10.18 -11.59
N GLY D 141 -9.73 -10.02 -11.25
CA GLY D 141 -10.79 -10.06 -12.23
C GLY D 141 -10.87 -8.78 -13.04
N GLY D 142 -12.04 -8.57 -13.64
CA GLY D 142 -12.28 -7.41 -14.46
C GLY D 142 -13.28 -6.45 -13.85
N THR D 143 -14.20 -6.97 -13.04
CA THR D 143 -15.21 -6.12 -12.42
C THR D 143 -14.58 -5.24 -11.34
N GLY D 144 -13.97 -5.86 -10.33
CA GLY D 144 -13.35 -5.09 -9.26
C GLY D 144 -12.12 -4.31 -9.67
N SER D 145 -11.60 -4.57 -10.87
CA SER D 145 -10.40 -3.86 -11.32
C SER D 145 -10.76 -2.60 -12.10
N GLY D 146 -11.78 -2.69 -12.96
CA GLY D 146 -12.18 -1.55 -13.76
C GLY D 146 -13.28 -0.71 -13.13
N MET D 147 -14.38 -1.37 -12.75
CA MET D 147 -15.47 -0.65 -12.11
C MET D 147 -15.04 -0.08 -10.76
N GLY D 148 -14.17 -0.80 -10.05
CA GLY D 148 -13.66 -0.30 -8.76
C GLY D 148 -12.96 1.04 -8.93
N THR D 149 -11.93 1.09 -9.79
CA THR D 149 -11.15 2.34 -10.00
C THR D 149 -12.09 3.45 -10.47
N LEU D 150 -13.07 3.12 -11.33
CA LEU D 150 -14.01 4.14 -11.86
C LEU D 150 -14.75 4.79 -10.69
N LEU D 151 -15.36 3.98 -9.82
CA LEU D 151 -16.11 4.51 -8.66
C LEU D 151 -15.15 5.29 -7.75
N ILE D 152 -13.92 4.80 -7.60
CA ILE D 152 -12.91 5.51 -6.75
C ILE D 152 -12.74 6.94 -7.29
N SER D 153 -12.48 7.07 -8.60
CA SER D 153 -12.27 8.41 -9.22
C SER D 153 -13.55 9.24 -9.07
N LYS D 154 -14.71 8.61 -9.22
CA LYS D 154 -16.00 9.34 -9.06
C LYS D 154 -16.03 9.98 -7.67
N ILE D 155 -15.76 9.18 -6.62
CA ILE D 155 -15.79 9.72 -5.23
C ILE D 155 -14.73 10.81 -5.10
N ARG D 156 -13.54 10.58 -5.67
CA ARG D 156 -12.43 11.57 -5.58
C ARG D 156 -12.91 12.92 -6.11
N GLU D 157 -13.61 12.93 -7.24
CA GLU D 157 -14.05 14.21 -7.86
C GLU D 157 -15.24 14.78 -7.08
N GLU D 158 -16.41 14.15 -7.19
CA GLU D 158 -17.64 14.61 -6.49
C GLU D 158 -17.29 15.00 -5.04
N TYR D 159 -16.37 14.27 -4.42
CA TYR D 159 -15.99 14.55 -3.01
C TYR D 159 -14.46 14.62 -2.89
N PRO D 160 -13.82 15.76 -3.24
CA PRO D 160 -12.36 15.85 -3.21
C PRO D 160 -11.77 16.22 -1.84
N ASP D 161 -12.62 16.46 -0.84
CA ASP D 161 -12.14 16.90 0.50
C ASP D 161 -12.29 15.74 1.50
N ARG D 162 -12.53 14.52 1.01
CA ARG D 162 -12.78 13.36 1.91
C ARG D 162 -11.54 12.45 1.94
N ILE D 163 -11.72 11.22 2.44
CA ILE D 163 -10.58 10.25 2.53
C ILE D 163 -10.94 9.00 1.74
N MET D 164 -9.93 8.33 1.14
CA MET D 164 -10.19 7.11 0.33
C MET D 164 -9.20 6.01 0.73
N ASN D 165 -9.71 4.90 1.28
CA ASN D 165 -8.86 3.79 1.66
C ASN D 165 -9.39 2.50 1.04
N THR D 166 -8.47 1.72 0.46
CA THR D 166 -8.83 0.48 -0.22
C THR D 166 -8.08 -0.68 0.43
N PHE D 167 -8.68 -1.86 0.33
CA PHE D 167 -8.07 -3.11 0.84
C PHE D 167 -7.95 -4.07 -0.33
N SER D 168 -7.02 -3.77 -1.24
CA SER D 168 -6.81 -4.57 -2.44
C SER D 168 -6.26 -5.95 -2.09
N VAL D 169 -6.43 -6.88 -3.02
CA VAL D 169 -5.95 -8.25 -2.87
C VAL D 169 -5.08 -8.59 -4.07
N VAL D 170 -3.81 -8.87 -3.81
CA VAL D 170 -2.84 -9.19 -4.86
C VAL D 170 -3.02 -10.64 -5.30
N PRO D 171 -3.22 -10.91 -6.59
CA PRO D 171 -3.37 -12.29 -7.05
C PRO D 171 -2.04 -13.02 -7.11
N SER D 172 -2.12 -14.35 -7.17
CA SER D 172 -0.94 -15.19 -7.21
C SER D 172 -1.18 -16.36 -8.16
N PRO D 173 -0.16 -16.78 -8.91
CA PRO D 173 -0.32 -17.93 -9.81
C PRO D 173 -0.53 -19.24 -9.09
N LYS D 174 -0.17 -19.34 -7.81
CA LYS D 174 -0.36 -20.58 -7.06
C LYS D 174 -1.83 -20.86 -6.78
N VAL D 175 -2.69 -19.85 -6.89
CA VAL D 175 -4.12 -19.99 -6.64
C VAL D 175 -4.92 -19.92 -7.94
N SER D 176 -4.80 -18.80 -8.65
CA SER D 176 -5.54 -18.62 -9.92
C SER D 176 -4.62 -18.94 -11.11
N ASP D 177 -5.17 -19.53 -12.17
CA ASP D 177 -4.37 -19.91 -13.35
C ASP D 177 -4.69 -18.96 -14.52
N THR D 178 -5.44 -17.88 -14.24
CA THR D 178 -5.75 -16.87 -15.29
C THR D 178 -4.45 -16.36 -15.92
N VAL D 179 -4.51 -15.87 -17.16
CA VAL D 179 -3.27 -15.42 -17.88
C VAL D 179 -3.23 -13.89 -17.94
N VAL D 180 -4.35 -13.25 -18.30
CA VAL D 180 -4.36 -11.76 -18.47
C VAL D 180 -4.36 -11.09 -17.09
N GLU D 181 -4.60 -11.86 -16.03
CA GLU D 181 -4.68 -11.30 -14.65
C GLU D 181 -3.62 -10.21 -14.46
N PRO D 182 -2.31 -10.45 -14.69
CA PRO D 182 -1.28 -9.44 -14.42
C PRO D 182 -1.60 -8.09 -15.05
N TYR D 183 -1.98 -8.08 -16.33
CA TYR D 183 -2.32 -6.82 -17.03
C TYR D 183 -3.38 -6.06 -16.22
N ASN D 184 -4.52 -6.69 -15.97
CA ASN D 184 -5.62 -6.03 -15.22
C ASN D 184 -5.06 -5.48 -13.90
N ALA D 185 -4.19 -6.25 -13.23
CA ALA D 185 -3.64 -5.82 -11.93
C ALA D 185 -2.86 -4.52 -12.11
N THR D 186 -2.04 -4.44 -13.15
CA THR D 186 -1.23 -3.22 -13.44
C THR D 186 -2.17 -2.06 -13.72
N LEU D 187 -3.14 -2.27 -14.62
CA LEU D 187 -4.07 -1.19 -14.96
C LEU D 187 -4.76 -0.64 -13.72
N SER D 188 -4.99 -1.49 -12.72
CA SER D 188 -5.58 -1.02 -11.46
C SER D 188 -4.56 -0.26 -10.62
N VAL D 189 -3.31 -0.72 -10.61
CA VAL D 189 -2.28 -0.05 -9.84
C VAL D 189 -1.99 1.33 -10.42
N HIS D 190 -2.07 1.46 -11.76
CA HIS D 190 -1.81 2.74 -12.39
C HIS D 190 -2.77 3.82 -11.91
N GLN D 191 -3.98 3.42 -11.49
CA GLN D 191 -4.93 4.38 -10.95
C GLN D 191 -4.87 4.44 -9.42
N LEU D 192 -4.52 3.33 -8.77
CA LEU D 192 -4.44 3.33 -7.31
C LEU D 192 -3.27 4.16 -6.81
N VAL D 193 -2.19 4.26 -7.60
CA VAL D 193 -1.07 5.13 -7.22
C VAL D 193 -1.49 6.59 -7.09
N GLU D 194 -2.38 7.07 -7.96
CA GLU D 194 -2.80 8.47 -7.96
C GLU D 194 -4.07 8.75 -7.17
N ASN D 195 -4.99 7.80 -7.06
CA ASN D 195 -6.29 8.06 -6.45
C ASN D 195 -6.51 7.13 -5.25
N THR D 196 -5.55 7.13 -4.33
CA THR D 196 -5.69 6.38 -3.10
C THR D 196 -4.85 7.05 -2.01
N ASP D 197 -5.40 7.12 -0.81
CA ASP D 197 -4.69 7.71 0.33
C ASP D 197 -3.92 6.65 1.10
N GLU D 198 -4.53 5.49 1.36
CA GLU D 198 -3.89 4.40 2.06
C GLU D 198 -4.28 3.07 1.42
N THR D 199 -3.31 2.17 1.32
CA THR D 199 -3.53 0.87 0.71
C THR D 199 -2.94 -0.22 1.61
N TYR D 200 -3.68 -1.31 1.76
CA TYR D 200 -3.25 -2.46 2.54
C TYR D 200 -3.12 -3.65 1.58
N CYS D 201 -1.89 -3.95 1.19
CA CYS D 201 -1.63 -5.03 0.25
C CYS D 201 -1.74 -6.38 0.97
N ILE D 202 -2.59 -7.26 0.45
CA ILE D 202 -2.78 -8.60 0.99
C ILE D 202 -2.36 -9.57 -0.09
N ASP D 203 -1.16 -10.13 0.03
CA ASP D 203 -0.64 -11.03 -0.98
C ASP D 203 -1.22 -12.44 -0.77
N ASN D 204 -1.77 -13.01 -1.83
CA ASN D 204 -2.32 -14.36 -1.76
C ASN D 204 -1.23 -15.42 -1.70
N GLU D 205 -0.08 -15.16 -2.32
CA GLU D 205 1.01 -16.13 -2.30
C GLU D 205 1.55 -16.31 -0.89
N ALA D 206 1.67 -15.21 -0.13
CA ALA D 206 2.15 -15.31 1.25
C ALA D 206 1.17 -16.09 2.11
N LEU D 207 -0.13 -15.84 1.95
CA LEU D 207 -1.13 -16.58 2.71
C LEU D 207 -1.12 -18.06 2.34
N TYR D 208 -0.94 -18.38 1.05
CA TYR D 208 -0.86 -19.77 0.65
C TYR D 208 0.37 -20.46 1.23
N ASP D 209 1.51 -19.76 1.23
CA ASP D 209 2.72 -20.33 1.81
C ASP D 209 2.59 -20.51 3.31
N ILE D 210 1.87 -19.61 3.98
CA ILE D 210 1.66 -19.75 5.41
C ILE D 210 0.74 -20.93 5.71
N CYS D 211 -0.33 -21.07 4.93
CA CYS D 211 -1.26 -22.17 5.15
C CYS D 211 -0.67 -23.51 4.74
N PHE D 212 0.34 -23.51 3.87
CA PHE D 212 0.96 -24.74 3.40
C PHE D 212 2.25 -25.07 4.15
N ARG D 213 2.56 -24.33 5.21
CA ARG D 213 3.78 -24.57 5.98
C ARG D 213 3.52 -24.49 7.48
N THR D 214 3.01 -23.36 7.93
CA THR D 214 2.77 -23.16 9.36
C THR D 214 1.52 -23.91 9.81
N LEU D 215 0.37 -23.61 9.20
CA LEU D 215 -0.88 -24.24 9.61
C LEU D 215 -0.95 -25.69 9.14
N LYS D 216 -0.15 -26.05 8.13
CA LYS D 216 -0.09 -27.41 7.61
C LYS D 216 -1.46 -27.88 7.13
N LEU D 217 -1.81 -27.42 5.93
CA LEU D 217 -3.09 -27.76 5.30
C LEU D 217 -2.83 -28.44 3.96
N THR D 218 -3.52 -29.55 3.73
CA THR D 218 -3.31 -30.31 2.49
C THR D 218 -3.77 -29.51 1.28
N THR D 219 -4.94 -28.89 1.37
CA THR D 219 -5.49 -28.07 0.28
C THR D 219 -6.13 -26.84 0.89
N PRO D 220 -5.36 -25.77 1.09
CA PRO D 220 -5.91 -24.54 1.65
C PRO D 220 -6.92 -23.91 0.70
N THR D 221 -8.19 -23.96 1.09
CA THR D 221 -9.28 -23.41 0.29
C THR D 221 -9.31 -21.89 0.42
N TYR D 222 -10.42 -21.31 -0.05
CA TYR D 222 -10.56 -19.86 0.01
C TYR D 222 -10.93 -19.39 1.41
N GLY D 223 -11.69 -20.20 2.15
CA GLY D 223 -12.08 -19.80 3.49
C GLY D 223 -10.92 -19.74 4.46
N ASP D 224 -9.91 -20.60 4.25
CA ASP D 224 -8.74 -20.60 5.13
C ASP D 224 -7.97 -19.29 5.03
N LEU D 225 -8.03 -18.64 3.87
CA LEU D 225 -7.39 -17.34 3.71
C LEU D 225 -8.34 -16.22 4.12
N ASN D 226 -9.64 -16.39 3.83
CA ASN D 226 -10.62 -15.37 4.17
C ASN D 226 -10.73 -15.17 5.68
N HIS D 227 -10.55 -16.25 6.45
CA HIS D 227 -10.58 -16.13 7.90
C HIS D 227 -9.46 -15.22 8.39
N LEU D 228 -8.23 -15.44 7.90
CA LEU D 228 -7.12 -14.60 8.30
C LEU D 228 -7.29 -13.17 7.81
N VAL D 229 -7.85 -13.00 6.61
CA VAL D 229 -8.08 -11.66 6.08
C VAL D 229 -9.07 -10.89 6.96
N SER D 230 -10.17 -11.55 7.33
CA SER D 230 -11.16 -10.91 8.17
C SER D 230 -10.62 -10.62 9.57
N ALA D 231 -9.79 -11.54 10.09
CA ALA D 231 -9.18 -11.31 11.39
C ALA D 231 -8.25 -10.10 11.35
N THR D 232 -7.44 -9.98 10.29
CA THR D 232 -6.54 -8.84 10.16
C THR D 232 -7.33 -7.54 10.01
N MET D 233 -8.43 -7.59 9.23
CA MET D 233 -9.24 -6.38 9.04
C MET D 233 -9.92 -5.96 10.33
N SER D 234 -10.34 -6.93 11.15
CA SER D 234 -10.91 -6.59 12.44
C SER D 234 -9.85 -6.07 13.40
N GLY D 235 -8.62 -6.56 13.27
CA GLY D 235 -7.55 -6.06 14.12
C GLY D 235 -7.12 -4.65 13.77
N VAL D 236 -7.11 -4.31 12.47
CA VAL D 236 -6.72 -2.97 12.06
C VAL D 236 -7.74 -1.90 12.42
N THR D 237 -9.02 -2.13 12.13
CA THR D 237 -10.07 -1.14 12.40
C THR D 237 -10.53 -1.14 13.85
N THR D 238 -9.59 -1.22 14.80
CA THR D 238 -9.96 -1.19 16.21
C THR D 238 -9.94 0.25 16.74
N CYS D 239 -9.02 1.07 16.25
CA CYS D 239 -8.94 2.46 16.70
C CYS D 239 -10.09 3.29 16.16
N LEU D 240 -10.74 2.81 15.09
CA LEU D 240 -11.86 3.51 14.50
C LEU D 240 -13.21 3.09 15.06
N ARG D 241 -13.24 2.12 15.97
CA ARG D 241 -14.48 1.64 16.57
C ARG D 241 -14.43 1.59 18.09
N PHE D 242 -13.27 1.76 18.71
CA PHE D 242 -13.15 1.74 20.15
C PHE D 242 -12.16 2.82 20.56
N PRO D 243 -12.46 3.57 21.63
CA PRO D 243 -11.54 4.63 22.06
C PRO D 243 -10.36 4.09 22.84
N GLY D 244 -9.40 4.98 23.11
CA GLY D 244 -8.21 4.62 23.86
C GLY D 244 -7.36 5.85 24.11
N GLN D 245 -6.11 5.59 24.52
CA GLN D 245 -5.20 6.70 24.80
C GLN D 245 -4.69 7.34 23.52
N LEU D 246 -4.59 6.59 22.43
CA LEU D 246 -4.14 7.11 21.15
C LEU D 246 -5.37 7.59 20.36
N ASN D 247 -5.82 8.79 20.69
CA ASN D 247 -6.99 9.38 20.07
C ASN D 247 -6.64 9.82 18.66
N ALA D 248 -7.19 9.12 17.66
CA ALA D 248 -6.96 9.43 16.26
C ALA D 248 -8.12 8.87 15.44
N ASP D 249 -8.24 9.36 14.21
CA ASP D 249 -9.29 8.93 13.31
C ASP D 249 -8.62 8.49 12.01
N LEU D 250 -9.30 8.73 10.88
CA LEU D 250 -8.74 8.35 9.59
C LEU D 250 -7.83 9.44 9.03
N ARG D 251 -8.22 10.71 9.20
CA ARG D 251 -7.40 11.81 8.68
C ARG D 251 -6.08 11.91 9.42
N LYS D 252 -6.12 11.83 10.76
CA LYS D 252 -4.89 11.89 11.54
C LYS D 252 -3.99 10.69 11.23
N LEU D 253 -4.59 9.51 11.05
CA LEU D 253 -3.79 8.33 10.73
C LEU D 253 -3.14 8.46 9.35
N ALA D 254 -3.89 8.98 8.37
CA ALA D 254 -3.34 9.17 7.04
C ALA D 254 -2.25 10.24 7.03
N VAL D 255 -2.36 11.25 7.89
CA VAL D 255 -1.33 12.28 7.95
C VAL D 255 -0.08 11.75 8.64
N ASN D 256 -0.24 11.00 9.73
CA ASN D 256 0.91 10.52 10.49
C ASN D 256 1.63 9.34 9.85
N MET D 257 0.90 8.43 9.20
CA MET D 257 1.49 7.23 8.63
C MET D 257 1.94 7.41 7.18
N VAL D 258 1.40 8.37 6.45
CA VAL D 258 1.75 8.56 5.05
C VAL D 258 2.44 9.91 4.89
N PRO D 259 3.78 9.96 4.94
CA PRO D 259 4.47 11.24 4.76
C PRO D 259 4.52 11.70 3.32
N PHE D 260 4.56 10.78 2.35
CA PHE D 260 4.63 11.12 0.94
C PHE D 260 3.40 10.58 0.23
N PRO D 261 2.73 11.39 -0.60
CA PRO D 261 1.50 10.90 -1.24
C PRO D 261 1.72 9.73 -2.19
N ARG D 262 2.93 9.60 -2.74
CA ARG D 262 3.18 8.50 -3.68
C ARG D 262 3.52 7.21 -2.96
N LEU D 263 4.01 7.30 -1.72
CA LEU D 263 4.37 6.12 -0.93
C LEU D 263 3.31 5.92 0.14
N HIS D 264 2.42 4.94 -0.08
CA HIS D 264 1.36 4.69 0.90
C HIS D 264 0.95 3.22 0.96
N PHE D 265 1.83 2.30 0.58
CA PHE D 265 1.52 0.86 0.61
C PHE D 265 2.02 0.27 1.93
N PHE D 266 1.08 -0.25 2.72
CA PHE D 266 1.39 -0.82 4.02
C PHE D 266 1.41 -2.34 3.95
N MET D 267 1.95 -2.95 5.01
CA MET D 267 2.00 -4.40 5.13
C MET D 267 1.37 -4.81 6.45
N PRO D 268 0.20 -5.44 6.45
CA PRO D 268 -0.46 -5.79 7.71
C PRO D 268 0.09 -7.08 8.30
N GLY D 269 -0.39 -7.38 9.51
CA GLY D 269 0.03 -8.57 10.20
C GLY D 269 -0.87 -8.85 11.38
N PHE D 270 -0.82 -10.10 11.85
CA PHE D 270 -1.65 -10.53 12.96
C PHE D 270 -1.01 -11.74 13.61
N ALA D 271 -1.16 -11.83 14.94
CA ALA D 271 -0.62 -12.92 15.72
C ALA D 271 -1.52 -13.18 16.91
N PRO D 272 -1.75 -14.46 17.27
CA PRO D 272 -1.24 -15.67 16.62
C PRO D 272 -2.09 -16.10 15.43
N LEU D 273 -1.52 -16.87 14.50
CA LEU D 273 -2.25 -17.32 13.33
C LEU D 273 -2.96 -18.62 13.63
N THR D 274 -4.29 -18.57 13.71
CA THR D 274 -5.11 -19.75 13.97
C THR D 274 -6.02 -20.01 12.77
N SER D 275 -6.33 -21.29 12.57
CA SER D 275 -7.18 -21.70 11.47
C SER D 275 -8.64 -21.53 11.86
N ARG D 276 -9.54 -22.17 11.11
CA ARG D 276 -10.97 -22.08 11.37
C ARG D 276 -11.43 -23.03 12.48
N GLY D 277 -10.52 -23.80 13.07
CA GLY D 277 -10.89 -24.70 14.14
C GLY D 277 -11.12 -23.96 15.44
N SER D 278 -12.05 -24.46 16.24
CA SER D 278 -12.39 -23.83 17.53
C SER D 278 -11.57 -24.48 18.64
N GLN D 279 -10.26 -24.36 18.50
CA GLN D 279 -9.33 -24.92 19.48
C GLN D 279 -8.35 -23.81 19.89
N GLN D 280 -7.55 -24.10 20.91
CA GLN D 280 -6.56 -23.13 21.40
C GLN D 280 -5.40 -23.90 22.03
N TYR D 281 -4.20 -23.36 21.88
CA TYR D 281 -3.01 -24.00 22.45
C TYR D 281 -2.76 -23.52 23.88
N ARG D 282 -2.25 -22.31 24.02
CA ARG D 282 -1.97 -21.74 25.33
C ARG D 282 -1.99 -20.23 25.23
N ALA D 283 -2.36 -19.58 26.34
CA ALA D 283 -2.41 -18.13 26.41
C ALA D 283 -1.00 -17.57 26.33
N LEU D 284 -0.65 -17.01 25.18
CA LEU D 284 0.69 -16.46 25.00
C LEU D 284 0.85 -15.15 25.78
N THR D 285 2.09 -14.89 26.19
CA THR D 285 2.40 -13.69 26.95
C THR D 285 2.58 -12.50 26.02
N VAL D 286 2.98 -11.37 26.59
CA VAL D 286 3.18 -10.14 25.83
C VAL D 286 4.46 -10.21 25.00
N PRO D 287 5.61 -10.60 25.55
CA PRO D 287 6.81 -10.67 24.71
C PRO D 287 6.71 -11.69 23.58
N GLU D 288 6.11 -12.85 23.85
CA GLU D 288 5.95 -13.86 22.81
C GLU D 288 5.05 -13.36 21.69
N LEU D 289 3.92 -12.74 22.06
CA LEU D 289 3.02 -12.21 21.04
C LEU D 289 3.66 -11.09 20.25
N THR D 290 4.47 -10.26 20.92
CA THR D 290 5.18 -9.20 20.22
C THR D 290 6.19 -9.77 19.22
N GLN D 291 6.96 -10.78 19.65
CA GLN D 291 7.92 -11.39 18.75
C GLN D 291 7.24 -12.10 17.59
N GLN D 292 6.04 -12.65 17.83
CA GLN D 292 5.32 -13.32 16.76
C GLN D 292 4.72 -12.32 15.77
N VAL D 293 4.23 -11.18 16.27
CA VAL D 293 3.60 -10.21 15.38
C VAL D 293 4.65 -9.36 14.68
N PHE D 294 5.87 -9.32 15.20
CA PHE D 294 6.94 -8.57 14.56
C PHE D 294 7.84 -9.43 13.69
N ASP D 295 7.59 -10.73 13.61
CA ASP D 295 8.41 -11.61 12.80
C ASP D 295 7.93 -11.61 11.35
N ALA D 296 8.85 -11.96 10.43
CA ALA D 296 8.50 -12.00 9.02
C ALA D 296 7.63 -13.20 8.66
N LYS D 297 7.46 -14.15 9.59
CA LYS D 297 6.64 -15.32 9.31
C LYS D 297 5.16 -14.98 9.33
N ASN D 298 4.75 -14.07 10.21
CA ASN D 298 3.35 -13.68 10.35
C ASN D 298 2.97 -12.48 9.48
N MET D 299 3.73 -12.21 8.43
CA MET D 299 3.45 -11.10 7.53
C MET D 299 2.44 -11.53 6.47
N MET D 300 1.46 -10.67 6.20
CA MET D 300 0.44 -10.99 5.21
C MET D 300 0.97 -10.87 3.78
N ALA D 301 2.08 -10.18 3.59
CA ALA D 301 2.69 -10.02 2.27
C ALA D 301 3.97 -10.86 2.19
N ALA D 302 4.34 -11.23 0.97
CA ALA D 302 5.53 -12.04 0.73
C ALA D 302 6.73 -11.11 0.57
N CYS D 303 6.96 -10.30 1.61
CA CYS D 303 8.05 -9.34 1.61
C CYS D 303 8.69 -9.33 2.99
N ASP D 304 10.02 -9.29 3.02
CA ASP D 304 10.75 -9.30 4.28
C ASP D 304 11.08 -7.86 4.68
N PRO D 305 10.52 -7.34 5.78
CA PRO D 305 10.84 -5.97 6.18
C PRO D 305 12.26 -5.81 6.71
N ARG D 306 12.98 -6.90 6.97
CA ARG D 306 14.34 -6.80 7.46
C ARG D 306 15.26 -6.19 6.41
N HIS D 307 14.96 -6.42 5.14
CA HIS D 307 15.74 -5.88 4.03
C HIS D 307 15.33 -4.46 3.65
N GLY D 308 14.34 -3.89 4.33
CA GLY D 308 13.89 -2.55 4.04
C GLY D 308 14.02 -1.66 5.27
N ARG D 309 13.53 -0.43 5.12
CA ARG D 309 13.56 0.56 6.18
C ARG D 309 12.15 0.89 6.60
N TYR D 310 11.88 0.83 7.90
CA TYR D 310 10.55 1.14 8.42
C TYR D 310 10.32 2.65 8.41
N LEU D 311 9.15 3.05 7.91
CA LEU D 311 8.74 4.45 7.91
C LEU D 311 7.89 4.81 9.12
N THR D 312 6.66 4.29 9.17
CA THR D 312 5.77 4.53 10.31
C THR D 312 5.20 3.20 10.77
N VAL D 313 5.37 2.90 12.06
CA VAL D 313 4.93 1.65 12.66
C VAL D 313 3.89 1.96 13.72
N ALA D 314 2.84 1.13 13.79
CA ALA D 314 1.78 1.27 14.78
C ALA D 314 1.20 -0.09 15.07
N ALA D 315 1.23 -0.49 16.35
CA ALA D 315 0.70 -1.77 16.80
C ALA D 315 -0.50 -1.55 17.70
N VAL D 316 -1.47 -2.45 17.62
CA VAL D 316 -2.70 -2.36 18.41
C VAL D 316 -2.86 -3.67 19.17
N PHE D 317 -2.83 -3.60 20.49
CA PHE D 317 -2.99 -4.76 21.36
C PHE D 317 -4.46 -4.93 21.73
N ARG D 318 -4.87 -6.17 21.96
CA ARG D 318 -6.24 -6.50 22.35
C ARG D 318 -6.19 -7.59 23.40
N GLY D 319 -6.65 -7.26 24.61
CA GLY D 319 -6.67 -8.22 25.68
C GLY D 319 -6.73 -7.54 27.03
N ARG D 320 -6.65 -8.35 28.08
CA ARG D 320 -6.69 -7.87 29.46
C ARG D 320 -5.28 -7.55 29.91
N MET D 321 -4.69 -6.51 29.31
CA MET D 321 -3.35 -6.08 29.66
C MET D 321 -3.38 -4.58 29.93
N SER D 322 -2.35 -4.10 30.62
CA SER D 322 -2.25 -2.70 30.97
C SER D 322 -1.22 -1.99 30.10
N MET D 323 -1.40 -0.68 29.95
CA MET D 323 -0.46 0.12 29.17
C MET D 323 0.92 0.19 29.82
N LYS D 324 1.00 0.08 31.14
CA LYS D 324 2.29 0.13 31.82
C LYS D 324 3.17 -1.05 31.41
N GLU D 325 2.59 -2.24 31.29
CA GLU D 325 3.36 -3.42 30.89
C GLU D 325 3.86 -3.27 29.46
N VAL D 326 3.01 -2.76 28.57
CA VAL D 326 3.44 -2.57 27.18
C VAL D 326 4.55 -1.54 27.10
N ASP D 327 4.44 -0.46 27.87
CA ASP D 327 5.49 0.55 27.88
C ASP D 327 6.79 0.00 28.42
N GLU D 328 6.72 -0.79 29.50
CA GLU D 328 7.94 -1.39 30.06
C GLU D 328 8.57 -2.35 29.07
N GLN D 329 7.75 -3.12 28.34
CA GLN D 329 8.30 -4.02 27.34
C GLN D 329 8.96 -3.26 26.20
N MET D 330 8.30 -2.22 25.69
CA MET D 330 8.87 -1.46 24.59
C MET D 330 10.12 -0.71 25.01
N LEU D 331 10.24 -0.39 26.31
CA LEU D 331 11.43 0.27 26.81
C LEU D 331 12.57 -0.70 27.13
N ASN D 332 12.26 -1.94 27.50
CA ASN D 332 13.28 -2.93 27.82
C ASN D 332 13.82 -3.63 26.58
N VAL D 333 12.96 -3.93 25.61
CA VAL D 333 13.41 -4.59 24.38
C VAL D 333 14.36 -3.71 23.56
N GLN D 334 14.11 -2.40 23.49
CA GLN D 334 14.95 -1.48 22.74
C GLN D 334 16.21 -1.08 23.49
N ASN D 335 16.69 -1.93 24.40
CA ASN D 335 17.92 -1.69 25.15
C ASN D 335 18.94 -2.74 24.73
N LYS D 336 20.08 -2.28 24.20
CA LYS D 336 21.10 -3.21 23.74
C LYS D 336 21.84 -3.85 24.91
N ASN D 337 21.75 -3.25 26.10
CA ASN D 337 22.44 -3.81 27.25
C ASN D 337 21.73 -5.04 27.80
N SER D 338 20.48 -5.25 27.43
CA SER D 338 19.71 -6.39 27.90
C SER D 338 20.02 -7.63 27.08
N SER D 339 19.64 -8.79 27.61
CA SER D 339 19.89 -10.05 26.90
C SER D 339 18.78 -10.35 25.90
N TYR D 340 17.60 -9.78 26.11
CA TYR D 340 16.48 -10.00 25.19
C TYR D 340 16.40 -8.95 24.10
N PHE D 341 17.53 -8.35 23.71
CA PHE D 341 17.52 -7.34 22.66
C PHE D 341 17.44 -8.00 21.28
N VAL D 342 16.68 -7.37 20.39
CA VAL D 342 16.51 -7.87 19.02
C VAL D 342 16.71 -6.71 18.05
N GLU D 343 17.16 -7.05 16.85
CA GLU D 343 17.38 -6.04 15.81
C GLU D 343 16.28 -6.01 14.76
N TRP D 344 15.58 -7.13 14.55
CA TRP D 344 14.52 -7.20 13.56
C TRP D 344 13.22 -6.54 14.02
N ILE D 345 13.27 -5.71 15.06
CA ILE D 345 12.11 -4.98 15.55
C ILE D 345 12.46 -3.50 15.55
N PRO D 346 11.68 -2.64 14.93
CA PRO D 346 12.02 -1.21 14.88
C PRO D 346 11.86 -0.54 16.24
N ASN D 347 12.19 0.74 16.27
CA ASN D 347 12.13 1.50 17.52
C ASN D 347 10.92 2.44 17.53
N ASN D 348 10.69 3.15 16.43
CA ASN D 348 9.57 4.08 16.34
C ASN D 348 8.29 3.30 16.11
N VAL D 349 7.63 2.91 17.19
CA VAL D 349 6.40 2.12 17.14
C VAL D 349 5.36 2.82 18.00
N LYS D 350 4.18 3.07 17.43
CA LYS D 350 3.09 3.67 18.20
C LYS D 350 2.22 2.59 18.82
N THR D 351 2.29 2.47 20.14
CA THR D 351 1.58 1.44 20.89
C THR D 351 0.17 1.90 21.20
N ALA D 352 -0.72 0.91 21.38
CA ALA D 352 -2.11 1.16 21.72
C ALA D 352 -2.66 -0.07 22.42
N VAL D 353 -3.54 0.16 23.40
CA VAL D 353 -4.12 -0.92 24.20
C VAL D 353 -5.64 -0.86 24.08
N CYS D 354 -6.24 -1.98 23.75
CA CYS D 354 -7.70 -2.11 23.66
C CYS D 354 -8.18 -3.06 24.74
N ASP D 355 -9.38 -2.81 25.26
CA ASP D 355 -9.92 -3.61 26.34
C ASP D 355 -10.60 -4.87 25.83
N ILE D 356 -11.47 -4.74 24.84
CA ILE D 356 -12.24 -5.87 24.31
C ILE D 356 -11.32 -6.79 23.51
N PRO D 357 -11.19 -8.06 23.89
CA PRO D 357 -10.35 -8.98 23.14
C PRO D 357 -11.08 -9.51 21.92
N PRO D 358 -10.36 -10.08 20.95
CA PRO D 358 -11.02 -10.64 19.77
C PRO D 358 -11.88 -11.85 20.11
N ARG D 359 -12.79 -12.21 19.21
CA ARG D 359 -13.69 -13.35 19.41
C ARG D 359 -12.87 -14.63 19.29
N GLY D 360 -12.84 -15.40 20.37
CA GLY D 360 -12.14 -16.67 20.39
C GLY D 360 -10.71 -16.61 20.89
N LEU D 361 -10.12 -15.42 20.99
CA LEU D 361 -8.74 -15.28 21.46
C LEU D 361 -8.70 -14.27 22.60
N LYS D 362 -8.01 -14.63 23.68
CA LYS D 362 -7.89 -13.75 24.83
C LYS D 362 -6.93 -12.58 24.58
N MET D 363 -5.79 -12.83 23.94
CA MET D 363 -4.82 -11.79 23.66
C MET D 363 -4.36 -11.92 22.22
N ALA D 364 -4.32 -10.80 21.50
CA ALA D 364 -3.90 -10.77 20.11
C ALA D 364 -3.35 -9.39 19.78
N VAL D 365 -2.33 -9.37 18.92
CA VAL D 365 -1.66 -8.14 18.53
C VAL D 365 -1.81 -7.97 17.01
N THR D 366 -1.99 -6.73 16.58
CA THR D 366 -2.12 -6.39 15.17
C THR D 366 -0.94 -5.52 14.76
N PHE D 367 -0.33 -5.82 13.62
CA PHE D 367 0.84 -5.11 13.12
C PHE D 367 0.46 -4.28 11.91
N ILE D 368 0.84 -3.00 11.93
CA ILE D 368 0.66 -2.09 10.80
C ILE D 368 1.97 -1.34 10.59
N GLY D 369 2.57 -1.50 9.42
CA GLY D 369 3.83 -0.87 9.14
C GLY D 369 3.92 -0.42 7.69
N ASN D 370 4.78 0.56 7.45
CA ASN D 370 5.00 1.08 6.10
C ASN D 370 6.42 0.80 5.65
N SER D 371 6.78 -0.48 5.53
CA SER D 371 8.12 -0.84 5.11
C SER D 371 8.27 -0.68 3.60
N THR D 372 9.50 -0.38 3.17
CA THR D 372 9.82 -0.20 1.77
C THR D 372 10.12 -1.53 1.06
N ALA D 373 9.40 -2.59 1.41
CA ALA D 373 9.63 -3.90 0.81
C ALA D 373 8.61 -4.26 -0.25
N ILE D 374 7.66 -3.38 -0.55
CA ILE D 374 6.67 -3.66 -1.58
C ILE D 374 7.30 -3.57 -2.97
N GLN D 375 8.54 -3.09 -3.06
CA GLN D 375 9.23 -3.05 -4.34
C GLN D 375 9.48 -4.46 -4.86
N GLU D 376 9.63 -5.43 -3.96
CA GLU D 376 9.79 -6.82 -4.38
C GLU D 376 8.54 -7.33 -5.09
N LEU D 377 7.37 -7.03 -4.51
CA LEU D 377 6.12 -7.42 -5.14
C LEU D 377 5.90 -6.68 -6.46
N PHE D 378 6.24 -5.39 -6.48
CA PHE D 378 6.12 -4.62 -7.71
C PHE D 378 7.05 -5.13 -8.81
N LYS D 379 8.21 -5.66 -8.44
CA LYS D 379 9.11 -6.24 -9.44
C LYS D 379 8.63 -7.62 -9.86
N ARG D 380 8.05 -8.40 -8.95
CA ARG D 380 7.48 -9.69 -9.32
C ARG D 380 6.32 -9.52 -10.29
N ILE D 381 5.52 -8.46 -10.10
CA ILE D 381 4.42 -8.18 -11.02
C ILE D 381 4.94 -7.64 -12.34
N SER D 382 5.98 -6.79 -12.29
CA SER D 382 6.56 -6.24 -13.51
C SER D 382 7.22 -7.33 -14.34
N GLU D 383 7.73 -8.37 -13.69
CA GLU D 383 8.31 -9.51 -14.41
C GLU D 383 7.25 -10.16 -15.30
N GLN D 384 6.09 -10.47 -14.73
CA GLN D 384 4.99 -11.04 -15.52
C GLN D 384 4.46 -10.05 -16.55
N PHE D 385 4.44 -8.76 -16.22
CA PHE D 385 4.01 -7.74 -17.18
C PHE D 385 4.92 -7.65 -18.40
N THR D 386 6.23 -7.77 -18.21
CA THR D 386 7.18 -7.71 -19.31
C THR D 386 7.37 -9.05 -20.02
N ALA D 387 7.07 -10.17 -19.35
CA ALA D 387 7.20 -11.46 -20.00
C ALA D 387 6.00 -11.78 -20.88
N MET D 388 5.07 -10.84 -21.02
CA MET D 388 3.91 -11.07 -21.86
C MET D 388 3.67 -9.89 -22.81
N PHE D 389 4.30 -8.75 -22.53
CA PHE D 389 4.14 -7.58 -23.40
C PHE D 389 5.11 -7.61 -24.56
N ARG D 390 6.16 -8.44 -24.47
CA ARG D 390 7.12 -8.52 -25.57
C ARG D 390 6.53 -9.27 -26.76
N ARG D 391 5.78 -10.34 -26.52
CA ARG D 391 5.17 -11.11 -27.59
C ARG D 391 3.83 -10.54 -28.02
N LYS D 392 3.32 -9.51 -27.34
CA LYS D 392 2.02 -8.89 -27.64
C LYS D 392 0.90 -9.93 -27.62
N ALA D 393 0.97 -10.84 -26.64
CA ALA D 393 -0.02 -11.91 -26.53
C ALA D 393 -1.24 -11.37 -25.78
N PHE D 394 -2.43 -11.69 -26.29
CA PHE D 394 -3.69 -11.30 -25.68
C PHE D 394 -3.80 -9.79 -25.52
N LEU D 395 -3.14 -9.04 -26.41
CA LEU D 395 -3.22 -7.59 -26.35
C LEU D 395 -4.35 -7.06 -27.22
N HIS D 396 -4.76 -7.83 -28.24
CA HIS D 396 -5.86 -7.42 -29.09
C HIS D 396 -7.20 -7.46 -28.36
N TRP D 397 -7.30 -8.26 -27.29
CA TRP D 397 -8.53 -8.34 -26.52
C TRP D 397 -8.91 -7.00 -25.90
N TYR D 398 -7.92 -6.16 -25.56
CA TYR D 398 -8.17 -4.85 -25.00
C TYR D 398 -8.33 -3.78 -26.08
N THR D 399 -7.59 -3.91 -27.19
CA THR D 399 -7.67 -2.91 -28.24
C THR D 399 -8.95 -3.06 -29.07
N GLY D 400 -9.56 -4.25 -29.04
CA GLY D 400 -10.79 -4.44 -29.80
C GLY D 400 -12.01 -3.84 -29.14
N GLU D 401 -11.85 -3.28 -27.94
CA GLU D 401 -12.96 -2.69 -27.22
C GLU D 401 -12.90 -1.17 -27.18
N GLY D 402 -11.70 -0.59 -27.24
CA GLY D 402 -11.56 0.85 -27.23
C GLY D 402 -10.34 1.34 -26.50
N MET D 403 -9.60 0.42 -25.89
CA MET D 403 -8.39 0.80 -25.16
C MET D 403 -7.28 1.17 -26.13
N ASP D 404 -6.28 1.88 -25.61
CA ASP D 404 -5.13 2.33 -26.39
C ASP D 404 -3.88 1.63 -25.90
N GLU D 405 -2.92 1.43 -26.81
CA GLU D 405 -1.67 0.77 -26.46
C GLU D 405 -0.80 1.63 -25.56
N MET D 406 -0.96 2.96 -25.62
CA MET D 406 -0.15 3.86 -24.80
C MET D 406 -0.46 3.73 -23.32
N GLU D 407 -1.65 3.24 -22.96
CA GLU D 407 -2.00 3.10 -21.55
C GLU D 407 -1.10 2.08 -20.86
N PHE D 408 -0.79 0.97 -21.55
CA PHE D 408 0.08 -0.04 -20.97
C PHE D 408 1.49 0.50 -20.75
N THR D 409 2.02 1.24 -21.73
CA THR D 409 3.36 1.80 -21.58
C THR D 409 3.38 2.86 -20.49
N GLU D 410 2.31 3.66 -20.35
CA GLU D 410 2.24 4.64 -19.29
C GLU D 410 2.19 3.96 -17.92
N ALA D 411 1.43 2.88 -17.80
CA ALA D 411 1.37 2.14 -16.53
C ALA D 411 2.73 1.52 -16.21
N GLU D 412 3.41 0.98 -17.21
CA GLU D 412 4.74 0.40 -16.98
C GLU D 412 5.72 1.47 -16.54
N SER D 413 5.67 2.65 -17.17
CA SER D 413 6.56 3.74 -16.78
C SER D 413 6.27 4.21 -15.36
N ASN D 414 4.98 4.30 -15.00
CA ASN D 414 4.62 4.70 -13.65
C ASN D 414 5.09 3.68 -12.63
N MET D 415 4.97 2.38 -12.95
CA MET D 415 5.43 1.35 -12.04
C MET D 415 6.94 1.40 -11.88
N ASN D 416 7.67 1.60 -12.98
CA ASN D 416 9.13 1.71 -12.89
C ASN D 416 9.54 2.92 -12.08
N ASP D 417 8.85 4.05 -12.25
CA ASP D 417 9.16 5.24 -11.48
C ASP D 417 8.88 5.03 -10.00
N LEU D 418 7.78 4.33 -9.68
CA LEU D 418 7.47 4.04 -8.29
C LEU D 418 8.51 3.12 -7.67
N VAL D 419 8.96 2.11 -8.41
CA VAL D 419 9.99 1.20 -7.91
C VAL D 419 11.29 1.96 -7.68
N SER D 420 11.65 2.85 -8.61
CA SER D 420 12.88 3.63 -8.46
C SER D 420 12.79 4.57 -7.27
N GLU D 421 11.63 5.20 -7.07
CA GLU D 421 11.45 6.08 -5.93
C GLU D 421 11.52 5.30 -4.61
N TYR D 422 10.95 4.09 -4.58
CA TYR D 422 11.05 3.27 -3.38
C TYR D 422 12.50 2.87 -3.11
N GLN D 423 13.24 2.50 -4.15
CA GLN D 423 14.64 2.14 -3.97
C GLN D 423 15.47 3.34 -3.51
N GLN D 424 15.12 4.54 -3.96
CA GLN D 424 15.84 5.73 -3.55
C GLN D 424 15.51 6.11 -2.11
N TYR D 425 14.25 5.95 -1.71
CA TYR D 425 13.83 6.31 -0.36
C TYR D 425 14.19 5.25 0.67
N GLN D 426 14.51 4.02 0.23
CA GLN D 426 14.92 2.99 1.17
C GLN D 426 16.18 3.37 1.92
N ASP D 427 17.09 4.08 1.26
CA ASP D 427 18.34 4.53 1.89
C ASP D 427 18.13 5.94 2.41
N ALA D 428 17.94 6.06 3.72
CA ALA D 428 17.72 7.35 4.37
C ALA D 428 18.11 7.25 5.83
N THR D 429 18.98 8.16 6.27
CA THR D 429 19.44 8.21 7.65
C THR D 429 19.22 9.62 8.18
N ALA D 430 19.46 9.79 9.49
CA ALA D 430 19.30 11.08 10.14
C ALA D 430 20.26 11.16 11.32
N GLU D 431 21.32 11.94 11.16
CA GLU D 431 22.31 12.11 12.22
C GLU D 431 22.42 13.56 12.65
PG GTP E . -15.05 -10.94 -13.40
O1G GTP E . -13.85 -10.34 -14.06
O2G GTP E . -15.39 -12.29 -13.93
O3G GTP E . -16.20 -10.00 -13.38
O3B GTP E . -14.64 -11.18 -11.84
PB GTP E . -14.58 -10.38 -10.45
O1B GTP E . -14.31 -8.93 -10.70
O2B GTP E . -15.72 -10.77 -9.60
O3A GTP E . -13.22 -10.96 -9.84
PA GTP E . -12.71 -12.23 -9.01
O1A GTP E . -13.06 -12.02 -7.58
O2A GTP E . -13.16 -13.49 -9.68
O5' GTP E . -11.13 -12.05 -9.20
C5' GTP E . -10.28 -13.22 -9.33
C4' GTP E . -9.15 -13.11 -8.35
O4' GTP E . -9.72 -12.99 -7.02
C3' GTP E . -8.22 -14.32 -8.28
O3' GTP E . -6.90 -13.92 -7.95
C2' GTP E . -8.87 -15.14 -7.18
O2' GTP E . -8.02 -16.13 -6.62
C1' GTP E . -9.25 -14.03 -6.20
N9 GTP E . -10.30 -14.41 -5.27
C8 GTP E . -11.59 -14.71 -5.57
N7 GTP E . -12.33 -14.99 -4.54
C5 GTP E . -11.46 -14.86 -3.47
C6 GTP E . -11.69 -15.05 -2.08
O6 GTP E . -12.74 -15.36 -1.52
N1 GTP E . -10.54 -14.80 -1.33
C2 GTP E . -9.32 -14.45 -1.85
N2 GTP E . -8.34 -14.27 -0.96
N3 GTP E . -9.09 -14.28 -3.15
C4 GTP E . -10.20 -14.50 -3.90
MG MG F . -16.80 -12.58 -10.91
#